data_8R0P
#
_entry.id   8R0P
#
_cell.length_a   1.00
_cell.length_b   1.00
_cell.length_c   1.00
_cell.angle_alpha   90.00
_cell.angle_beta   90.00
_cell.angle_gamma   90.00
#
_symmetry.space_group_name_H-M   'P 1'
#
loop_
_entity.id
_entity.type
_entity.pdbx_description
1 polymer 'microbial rhodopsin CryoR2'
2 non-polymer EICOSANE
3 non-polymer RETINAL
4 water water
#
_entity_poly.entity_id   1
_entity_poly.type   'polypeptide(L)'
_entity_poly.pdbx_seq_one_letter_code
;MRLTNVSVPWGATLSNAEHQLIFYFLVVAALAFVAGFIRTYITRNEVGSRYRTAVSARLGMLGVALLAYILIIVAFLLGY
DSTAGGWVPNDGAINIFSTRYIEWTVSVPLLTIELLAVCATLGVQARRNTAIAVTATGAMIFCGFLGAIVIDNGTNTGAF
ILWAVISCVFWVIANVVLIRAVRQSLPTLTPESHTMLKSAAIVLLAGWVVYPIVYFLPLFGASGGLTTTILITLTVADVI
VKLGFSTQTHRVAKLRTAEDVRAGDDVHPESIWISSVKQSDAGLPREVYLAEGAAVHDRRTKPPTSAAVASPEAPLPPDS
TPLDGGY
;
_entity_poly.pdbx_strand_id   A,B,C,D,E
#
# COMPACT_ATOMS: atom_id res chain seq x y z
N ASN A 5 -26.39 35.04 -16.43
CA ASN A 5 -26.27 34.61 -15.02
C ASN A 5 -25.41 33.34 -14.97
N VAL A 6 -25.03 32.92 -13.76
CA VAL A 6 -24.33 31.66 -13.60
C VAL A 6 -25.36 30.57 -13.38
N SER A 7 -25.23 29.53 -14.21
CA SER A 7 -26.03 28.33 -14.10
C SER A 7 -25.12 27.21 -13.67
N VAL A 8 -25.24 26.78 -12.42
CA VAL A 8 -24.21 25.94 -11.85
C VAL A 8 -24.23 24.63 -12.61
N PRO A 9 -23.07 24.06 -12.89
CA PRO A 9 -22.98 22.83 -13.67
C PRO A 9 -23.68 21.62 -13.03
N TRP A 10 -23.77 21.61 -11.70
CA TRP A 10 -24.27 20.46 -10.95
C TRP A 10 -25.78 20.53 -10.81
N GLY A 11 -26.41 21.50 -11.48
CA GLY A 11 -27.85 21.53 -11.56
C GLY A 11 -28.44 20.65 -12.66
N ALA A 12 -27.63 20.14 -13.59
CA ALA A 12 -28.18 19.62 -14.83
C ALA A 12 -28.41 18.13 -14.71
N THR A 13 -29.44 17.65 -15.41
CA THR A 13 -29.74 16.23 -15.49
C THR A 13 -28.96 15.64 -16.66
N LEU A 14 -28.31 14.50 -16.43
CA LEU A 14 -27.47 13.92 -17.45
C LEU A 14 -28.21 12.80 -18.18
N SER A 15 -28.17 12.85 -19.51
CA SER A 15 -28.51 11.68 -20.31
C SER A 15 -27.64 10.49 -19.93
N ASN A 16 -28.04 9.31 -20.41
CA ASN A 16 -27.32 8.08 -20.16
C ASN A 16 -25.98 8.11 -20.87
N ALA A 17 -25.99 8.54 -22.14
CA ALA A 17 -24.74 8.69 -22.83
C ALA A 17 -23.78 9.52 -21.98
N GLU A 18 -24.29 10.68 -21.54
CA GLU A 18 -23.53 11.67 -20.81
C GLU A 18 -23.00 11.06 -19.53
N HIS A 19 -23.86 10.36 -18.80
CA HIS A 19 -23.39 9.83 -17.54
C HIS A 19 -22.36 8.73 -17.77
N GLN A 20 -22.39 8.13 -18.96
CA GLN A 20 -21.55 6.98 -19.23
C GLN A 20 -20.17 7.53 -19.58
N LEU A 21 -20.12 8.46 -20.56
CA LEU A 21 -18.92 9.21 -20.89
C LEU A 21 -18.24 9.81 -19.66
N ILE A 22 -18.99 10.39 -18.72
CA ILE A 22 -18.29 11.03 -17.62
C ILE A 22 -17.56 9.96 -16.82
N PHE A 23 -18.22 8.85 -16.53
CA PHE A 23 -17.61 7.82 -15.72
C PHE A 23 -16.38 7.21 -16.41
N TYR A 24 -16.47 7.10 -17.72
CA TYR A 24 -15.37 6.62 -18.50
C TYR A 24 -14.13 7.50 -18.27
N PHE A 25 -14.23 8.79 -18.63
CA PHE A 25 -13.10 9.70 -18.46
C PHE A 25 -12.67 9.76 -17.00
N LEU A 26 -13.57 9.86 -16.06
CA LEU A 26 -13.06 9.92 -14.72
C LEU A 26 -12.24 8.71 -14.35
N VAL A 27 -12.56 7.53 -14.87
CA VAL A 27 -11.89 6.37 -14.34
C VAL A 27 -10.65 6.12 -15.18
N VAL A 28 -10.76 6.38 -16.46
CA VAL A 28 -9.57 6.39 -17.26
C VAL A 28 -8.51 7.31 -16.67
N ALA A 29 -8.89 8.46 -16.12
CA ALA A 29 -7.92 9.37 -15.53
C ALA A 29 -7.28 8.70 -14.32
N ALA A 30 -8.11 8.21 -13.41
CA ALA A 30 -7.56 7.59 -12.22
C ALA A 30 -6.57 6.48 -12.58
N LEU A 31 -6.87 5.71 -13.62
CA LEU A 31 -6.03 4.58 -13.96
C LEU A 31 -4.75 5.07 -14.64
N ALA A 32 -4.87 6.05 -15.54
CA ALA A 32 -3.69 6.68 -16.06
C ALA A 32 -2.79 7.22 -14.94
N PHE A 33 -3.36 7.78 -13.88
CA PHE A 33 -2.51 8.31 -12.83
C PHE A 33 -1.82 7.17 -12.09
N VAL A 34 -2.47 6.02 -11.98
CA VAL A 34 -1.83 4.92 -11.28
C VAL A 34 -0.62 4.47 -12.09
N ALA A 35 -0.82 4.34 -13.38
CA ALA A 35 0.28 4.03 -14.24
C ALA A 35 1.38 5.07 -14.07
N GLY A 36 1.05 6.36 -14.13
CA GLY A 36 2.05 7.40 -14.01
C GLY A 36 2.79 7.32 -12.67
N PHE A 37 2.04 7.05 -11.63
CA PHE A 37 2.67 6.97 -10.33
C PHE A 37 3.68 5.84 -10.34
N ILE A 38 3.34 4.71 -10.94
CA ILE A 38 4.25 3.59 -10.95
C ILE A 38 5.50 3.92 -11.76
N ARG A 39 5.33 4.58 -12.89
CA ARG A 39 6.47 4.91 -13.73
C ARG A 39 7.43 5.80 -12.95
N THR A 40 6.87 6.84 -12.33
CA THR A 40 7.68 7.84 -11.67
C THR A 40 8.43 7.22 -10.51
N TYR A 41 7.81 6.25 -9.84
CA TYR A 41 8.45 5.61 -8.71
C TYR A 41 9.60 4.72 -9.20
N ILE A 42 9.34 3.92 -10.23
CA ILE A 42 10.32 3.00 -10.79
C ILE A 42 11.50 3.77 -11.36
N THR A 43 11.33 5.01 -11.76
CA THR A 43 12.44 5.72 -12.37
C THR A 43 12.99 6.84 -11.48
N ARG A 44 12.69 6.82 -10.18
CA ARG A 44 13.11 7.91 -9.31
C ARG A 44 14.63 8.02 -9.20
N ASN A 45 15.37 6.92 -9.33
CA ASN A 45 16.81 6.98 -9.21
C ASN A 45 17.52 7.22 -10.55
N GLU A 46 16.83 7.66 -11.59
CA GLU A 46 17.52 8.06 -12.80
C GLU A 46 18.09 9.47 -12.60
N VAL A 47 17.75 10.11 -11.49
CA VAL A 47 18.06 11.51 -11.28
C VAL A 47 19.03 11.60 -10.10
N GLY A 48 20.02 12.48 -10.21
CA GLY A 48 20.91 12.69 -9.08
C GLY A 48 20.21 13.30 -7.86
N SER A 49 20.82 13.13 -6.69
CA SER A 49 20.39 13.76 -5.45
C SER A 49 20.26 15.28 -5.60
N ARG A 50 21.05 15.91 -6.44
CA ARG A 50 20.88 17.34 -6.62
C ARG A 50 19.48 17.74 -7.10
N TYR A 51 18.79 16.88 -7.86
CA TYR A 51 17.51 17.24 -8.45
C TYR A 51 16.45 16.31 -7.91
N ARG A 52 16.67 15.70 -6.76
CA ARG A 52 15.63 14.81 -6.27
C ARG A 52 14.32 15.55 -6.00
N THR A 53 14.37 16.86 -5.74
CA THR A 53 13.12 17.57 -5.48
C THR A 53 12.15 17.47 -6.66
N ALA A 54 12.67 17.67 -7.87
CA ALA A 54 11.85 17.50 -9.04
C ALA A 54 11.11 16.17 -8.98
N VAL A 55 11.80 15.10 -8.65
CA VAL A 55 11.20 13.78 -8.63
C VAL A 55 10.14 13.73 -7.55
N SER A 56 10.43 14.28 -6.38
CA SER A 56 9.52 14.08 -5.27
C SER A 56 8.26 14.88 -5.55
N ALA A 57 8.42 16.10 -6.07
CA ALA A 57 7.27 16.91 -6.37
C ALA A 57 6.36 16.12 -7.29
N ARG A 58 6.93 15.59 -8.39
CA ARG A 58 6.16 14.92 -9.42
C ARG A 58 5.48 13.67 -8.88
N LEU A 59 6.19 12.92 -8.06
CA LEU A 59 5.60 11.70 -7.54
C LEU A 59 4.49 12.08 -6.57
N GLY A 60 4.67 13.23 -5.92
CA GLY A 60 3.66 13.74 -5.01
C GLY A 60 2.44 14.17 -5.79
N MET A 61 2.68 14.94 -6.84
CA MET A 61 1.56 15.39 -7.62
C MET A 61 0.77 14.19 -8.16
N LEU A 62 1.43 13.09 -8.55
CA LEU A 62 0.71 11.99 -9.17
C LEU A 62 -0.06 11.23 -8.11
N GLY A 63 0.51 11.13 -6.91
CA GLY A 63 -0.20 10.47 -5.82
C GLY A 63 -1.44 11.27 -5.42
N VAL A 64 -1.30 12.59 -5.39
CA VAL A 64 -2.40 13.45 -5.03
C VAL A 64 -3.50 13.29 -6.08
N ALA A 65 -3.11 13.28 -7.35
CA ALA A 65 -4.10 13.24 -8.42
C ALA A 65 -4.87 11.94 -8.31
N LEU A 66 -4.15 10.86 -8.04
CA LEU A 66 -4.74 9.54 -7.98
C LEU A 66 -5.79 9.51 -6.85
N LEU A 67 -5.46 10.05 -5.68
CA LEU A 67 -6.42 10.04 -4.59
C LEU A 67 -7.58 10.98 -4.90
N ALA A 68 -7.28 12.19 -5.34
CA ALA A 68 -8.34 13.12 -5.68
C ALA A 68 -9.31 12.49 -6.68
N TYR A 69 -8.79 11.73 -7.65
CA TYR A 69 -9.65 11.23 -8.71
C TYR A 69 -10.46 10.07 -8.16
N ILE A 70 -9.99 9.43 -7.11
CA ILE A 70 -10.80 8.39 -6.50
C ILE A 70 -11.99 9.06 -5.82
N LEU A 71 -11.74 10.13 -5.07
CA LEU A 71 -12.84 10.88 -4.48
C LEU A 71 -13.82 11.35 -5.54
N ILE A 72 -13.34 11.92 -6.63
CA ILE A 72 -14.24 12.48 -7.61
C ILE A 72 -15.14 11.34 -8.09
N ILE A 73 -14.58 10.15 -8.24
CA ILE A 73 -15.36 9.03 -8.74
C ILE A 73 -16.43 8.65 -7.73
N VAL A 74 -16.06 8.64 -6.46
CA VAL A 74 -17.04 8.37 -5.42
C VAL A 74 -18.13 9.44 -5.50
N ALA A 75 -17.76 10.70 -5.35
CA ALA A 75 -18.70 11.80 -5.46
C ALA A 75 -19.63 11.66 -6.67
N PHE A 76 -19.15 11.08 -7.77
CA PHE A 76 -19.97 11.02 -8.97
C PHE A 76 -21.01 9.93 -8.81
N LEU A 77 -20.58 8.79 -8.29
CA LEU A 77 -21.44 7.64 -8.08
C LEU A 77 -22.50 7.97 -7.04
N LEU A 78 -22.15 8.83 -6.08
CA LEU A 78 -23.07 9.23 -5.03
C LEU A 78 -23.69 10.60 -5.28
N GLY A 79 -23.86 11.02 -6.54
CA GLY A 79 -24.26 12.40 -6.78
C GLY A 79 -25.40 12.51 -7.80
N TYR A 80 -25.64 11.43 -8.54
CA TYR A 80 -26.73 11.40 -9.49
C TYR A 80 -27.47 10.05 -9.40
N ASP A 81 -28.79 10.06 -9.63
CA ASP A 81 -29.67 8.86 -9.53
C ASP A 81 -30.46 8.67 -10.81
N SER A 82 -30.52 7.44 -11.36
CA SER A 82 -31.19 7.26 -12.68
C SER A 82 -32.70 7.34 -12.43
N THR A 83 -33.38 8.18 -13.19
CA THR A 83 -34.78 8.46 -12.88
C THR A 83 -35.58 8.53 -14.16
N ALA A 84 -35.27 7.70 -15.16
CA ALA A 84 -36.13 7.74 -16.37
C ALA A 84 -35.77 9.02 -17.07
N GLY A 85 -35.78 10.15 -16.34
CA GLY A 85 -35.21 11.40 -16.89
C GLY A 85 -33.73 11.35 -16.59
N GLY A 86 -33.00 10.45 -17.23
CA GLY A 86 -31.55 10.35 -17.10
C GLY A 86 -31.04 10.22 -15.70
N TRP A 87 -30.03 10.99 -15.39
CA TRP A 87 -29.44 10.94 -14.05
C TRP A 87 -29.65 12.30 -13.47
N VAL A 88 -30.23 12.35 -12.28
CA VAL A 88 -30.66 13.65 -11.74
C VAL A 88 -29.74 13.94 -10.59
N PRO A 89 -29.15 15.14 -10.60
CA PRO A 89 -28.25 15.50 -9.58
C PRO A 89 -28.85 15.56 -8.18
N ASN A 90 -28.20 14.97 -7.19
CA ASN A 90 -28.63 15.09 -5.79
C ASN A 90 -27.87 16.29 -5.25
N ASP A 91 -27.76 16.44 -3.95
CA ASP A 91 -27.13 17.63 -3.34
C ASP A 91 -25.66 17.34 -3.04
N GLY A 92 -25.12 16.25 -3.55
CA GLY A 92 -23.69 16.00 -3.38
C GLY A 92 -23.02 16.10 -4.72
N ALA A 93 -23.73 16.57 -5.76
CA ALA A 93 -23.20 16.65 -7.12
C ALA A 93 -22.25 17.83 -7.17
N ILE A 94 -22.46 18.79 -6.30
CA ILE A 94 -21.54 19.91 -6.18
C ILE A 94 -20.15 19.40 -5.79
N ASN A 95 -20.06 18.21 -5.20
CA ASN A 95 -18.80 17.75 -4.64
C ASN A 95 -17.94 17.16 -5.76
N ILE A 96 -18.57 16.82 -6.87
CA ILE A 96 -17.83 16.49 -8.06
C ILE A 96 -17.06 17.72 -8.53
N PHE A 97 -17.58 18.91 -8.28
CA PHE A 97 -16.93 20.11 -8.80
C PHE A 97 -15.97 20.65 -7.76
N SER A 98 -16.21 20.32 -6.53
CA SER A 98 -15.46 20.88 -5.43
C SER A 98 -14.14 20.14 -5.31
N THR A 99 -14.21 18.81 -5.49
CA THR A 99 -13.05 17.99 -5.27
C THR A 99 -11.94 18.35 -6.24
N ARG A 100 -12.33 18.87 -7.41
CA ARG A 100 -11.32 19.18 -8.38
C ARG A 100 -10.51 20.39 -7.93
N TYR A 101 -11.19 21.43 -7.43
CA TYR A 101 -10.51 22.57 -6.82
C TYR A 101 -9.64 22.12 -5.66
N ILE A 102 -10.09 21.09 -4.95
CA ILE A 102 -9.31 20.58 -3.85
C ILE A 102 -7.98 20.11 -4.44
N GLU A 103 -8.07 19.17 -5.39
CA GLU A 103 -6.93 18.60 -6.07
C GLU A 103 -5.99 19.67 -6.63
N TRP A 104 -6.49 20.70 -7.27
CA TRP A 104 -5.58 21.69 -7.82
C TRP A 104 -4.85 22.43 -6.73
N THR A 105 -5.40 22.41 -5.52
CA THR A 105 -4.83 23.27 -4.52
C THR A 105 -3.49 22.68 -4.10
N VAL A 106 -3.42 21.35 -4.09
CA VAL A 106 -2.15 20.74 -3.78
C VAL A 106 -1.31 20.64 -5.05
N SER A 107 -1.92 20.16 -6.13
CA SER A 107 -1.17 19.75 -7.32
C SER A 107 -0.52 20.94 -8.00
N VAL A 108 -1.19 22.06 -8.09
CA VAL A 108 -0.58 23.12 -8.86
C VAL A 108 0.65 23.66 -8.14
N PRO A 109 0.65 23.88 -6.81
CA PRO A 109 1.88 24.28 -6.13
C PRO A 109 3.02 23.26 -6.28
N LEU A 110 2.68 21.96 -6.25
CA LEU A 110 3.65 20.92 -6.57
C LEU A 110 4.26 21.13 -7.94
N LEU A 111 3.47 21.52 -8.93
CA LEU A 111 4.00 21.76 -10.25
C LEU A 111 5.00 22.90 -10.18
N THR A 112 4.71 23.97 -9.46
CA THR A 112 5.67 25.06 -9.42
C THR A 112 6.96 24.59 -8.74
N ILE A 113 6.83 23.77 -7.70
CA ILE A 113 8.00 23.29 -6.99
C ILE A 113 8.89 22.48 -7.93
N GLU A 114 8.26 21.60 -8.70
CA GLU A 114 8.95 20.79 -9.69
C GLU A 114 9.70 21.63 -10.70
N LEU A 115 9.05 22.64 -11.28
CA LEU A 115 9.71 23.38 -12.33
C LEU A 115 10.86 24.19 -11.74
N LEU A 116 10.70 24.77 -10.55
CA LEU A 116 11.77 25.58 -9.99
C LEU A 116 12.93 24.68 -9.60
N ALA A 117 12.64 23.41 -9.28
CA ALA A 117 13.66 22.46 -8.89
C ALA A 117 14.70 22.27 -9.98
N VAL A 118 14.29 22.39 -11.24
CA VAL A 118 15.22 22.15 -12.33
C VAL A 118 15.65 23.48 -12.93
N CYS A 119 15.65 24.54 -12.13
CA CYS A 119 16.16 25.82 -12.58
C CYS A 119 17.44 26.13 -11.82
N ALA A 120 18.18 27.13 -12.29
CA ALA A 120 19.53 27.39 -11.80
C ALA A 120 19.55 28.55 -10.80
N THR A 121 18.87 28.39 -9.67
CA THR A 121 18.72 29.48 -8.72
C THR A 121 19.20 29.04 -7.34
N LEU A 122 19.81 30.00 -6.60
CA LEU A 122 20.51 29.72 -5.37
C LEU A 122 20.10 30.71 -4.27
N GLY A 123 19.91 30.16 -3.06
CA GLY A 123 19.89 30.97 -1.85
C GLY A 123 18.54 31.65 -1.64
N VAL A 124 18.58 32.99 -1.52
CA VAL A 124 17.38 33.75 -1.19
C VAL A 124 16.45 33.71 -2.40
N GLN A 125 16.98 34.04 -3.58
CA GLN A 125 16.19 34.05 -4.79
C GLN A 125 15.40 32.75 -4.91
N ALA A 126 16.03 31.61 -4.62
CA ALA A 126 15.37 30.34 -4.80
C ALA A 126 14.29 30.12 -3.75
N ARG A 127 14.48 30.65 -2.55
CA ARG A 127 13.51 30.52 -1.47
C ARG A 127 12.39 31.54 -1.68
N ARG A 128 12.73 32.74 -2.18
CA ARG A 128 11.72 33.72 -2.50
C ARG A 128 10.84 33.21 -3.64
N ASN A 129 11.48 32.62 -4.65
CA ASN A 129 10.77 32.10 -5.79
C ASN A 129 9.76 31.05 -5.35
N THR A 130 10.18 30.16 -4.49
CA THR A 130 9.34 29.03 -4.19
C THR A 130 8.20 29.47 -3.29
N ALA A 131 8.45 30.52 -2.50
CA ALA A 131 7.45 30.99 -1.57
C ALA A 131 6.36 31.72 -2.34
N ILE A 132 6.75 32.62 -3.23
CA ILE A 132 5.79 33.38 -3.99
C ILE A 132 4.96 32.46 -4.92
N ALA A 133 5.59 31.47 -5.52
CA ALA A 133 4.92 30.65 -6.50
C ALA A 133 3.93 29.72 -5.82
N VAL A 134 4.35 29.12 -4.72
CA VAL A 134 3.47 28.19 -4.02
C VAL A 134 2.29 28.95 -3.41
N THR A 135 2.52 30.22 -3.10
CA THR A 135 1.50 31.01 -2.47
C THR A 135 0.51 31.46 -3.53
N ALA A 136 1.06 32.08 -4.56
CA ALA A 136 0.27 32.65 -5.62
C ALA A 136 -0.59 31.55 -6.27
N THR A 137 -0.08 30.33 -6.37
CA THR A 137 -0.85 29.33 -7.06
C THR A 137 -1.94 28.78 -6.15
N GLY A 138 -1.67 28.59 -4.87
CA GLY A 138 -2.72 28.10 -3.99
C GLY A 138 -3.81 29.17 -3.80
N ALA A 139 -3.39 30.42 -3.79
CA ALA A 139 -4.34 31.49 -3.72
C ALA A 139 -5.22 31.50 -4.96
N MET A 140 -4.59 31.36 -6.13
CA MET A 140 -5.30 31.30 -7.40
C MET A 140 -6.36 30.20 -7.39
N ILE A 141 -6.07 29.06 -6.77
CA ILE A 141 -7.08 28.03 -6.81
C ILE A 141 -8.21 28.38 -5.87
N PHE A 142 -7.90 29.08 -4.78
CA PHE A 142 -8.84 29.20 -3.67
C PHE A 142 -9.82 30.29 -4.04
N CYS A 143 -9.32 31.38 -4.61
CA CYS A 143 -10.18 32.37 -5.19
C CYS A 143 -11.18 31.76 -6.18
N GLY A 144 -10.75 30.77 -6.96
CA GLY A 144 -11.63 30.12 -7.91
C GLY A 144 -12.74 29.42 -7.17
N PHE A 145 -12.35 28.62 -6.19
CA PHE A 145 -13.27 27.90 -5.31
C PHE A 145 -14.25 28.85 -4.62
N LEU A 146 -13.83 30.06 -4.32
CA LEU A 146 -14.74 30.95 -3.68
C LEU A 146 -15.85 31.29 -4.68
N GLY A 147 -15.49 31.90 -5.82
CA GLY A 147 -16.42 32.33 -6.85
C GLY A 147 -17.35 31.20 -7.32
N ALA A 148 -16.82 30.01 -7.45
CA ALA A 148 -17.55 28.98 -8.15
C ALA A 148 -18.38 28.13 -7.22
N ILE A 149 -18.01 28.03 -5.94
CA ILE A 149 -18.59 27.01 -5.08
C ILE A 149 -19.15 27.59 -3.80
N VAL A 150 -18.44 28.56 -3.19
CA VAL A 150 -18.65 28.84 -1.78
C VAL A 150 -19.64 29.98 -1.68
N ILE A 151 -19.29 31.13 -2.23
CA ILE A 151 -20.23 32.24 -2.20
C ILE A 151 -21.52 31.94 -2.96
N ASP A 152 -22.64 32.01 -2.25
CA ASP A 152 -23.99 31.93 -2.79
C ASP A 152 -24.23 30.57 -3.43
N ASN A 153 -23.41 29.60 -3.08
CA ASN A 153 -23.55 28.27 -3.65
C ASN A 153 -23.19 28.25 -5.13
N GLY A 154 -22.36 29.19 -5.57
CA GLY A 154 -21.94 29.25 -6.94
C GLY A 154 -22.78 30.20 -7.77
N THR A 155 -23.84 30.74 -7.21
CA THR A 155 -24.83 31.33 -8.08
C THR A 155 -24.70 32.83 -8.19
N ASN A 156 -23.65 33.42 -7.64
CA ASN A 156 -23.64 34.87 -7.65
C ASN A 156 -22.75 35.32 -8.78
N THR A 157 -23.32 35.91 -9.82
CA THR A 157 -22.55 36.14 -11.03
C THR A 157 -21.40 37.09 -10.74
N GLY A 158 -21.66 38.13 -9.94
CA GLY A 158 -20.63 39.13 -9.65
C GLY A 158 -19.53 38.54 -8.76
N ALA A 159 -19.89 37.74 -7.77
CA ALA A 159 -18.87 37.04 -7.04
C ALA A 159 -18.04 36.23 -8.04
N PHE A 160 -18.75 35.43 -8.82
CA PHE A 160 -18.21 34.40 -9.69
C PHE A 160 -17.15 35.02 -10.59
N ILE A 161 -17.47 36.22 -11.05
CA ILE A 161 -16.59 36.93 -11.96
C ILE A 161 -15.44 37.56 -11.20
N LEU A 162 -15.74 38.26 -10.10
CA LEU A 162 -14.79 39.06 -9.35
C LEU A 162 -13.74 38.14 -8.75
N TRP A 163 -14.15 37.01 -8.20
CA TRP A 163 -13.17 36.09 -7.71
C TRP A 163 -12.33 35.50 -8.83
N ALA A 164 -12.85 35.35 -10.04
CA ALA A 164 -12.03 34.85 -11.12
C ALA A 164 -11.01 35.91 -11.52
N VAL A 165 -11.34 37.18 -11.30
CA VAL A 165 -10.42 38.24 -11.64
C VAL A 165 -9.21 38.25 -10.71
N ILE A 166 -9.50 38.29 -9.42
CA ILE A 166 -8.53 38.12 -8.35
C ILE A 166 -7.66 36.89 -8.63
N SER A 167 -8.29 35.74 -8.87
CA SER A 167 -7.61 34.53 -9.27
C SER A 167 -6.66 34.77 -10.43
N CYS A 168 -7.00 35.65 -11.38
CA CYS A 168 -6.15 35.85 -12.54
C CYS A 168 -4.95 36.70 -12.19
N VAL A 169 -5.05 37.49 -11.12
CA VAL A 169 -3.91 38.26 -10.67
C VAL A 169 -2.89 37.30 -10.06
N PHE A 170 -3.35 36.37 -9.23
CA PHE A 170 -2.41 35.42 -8.67
C PHE A 170 -1.78 34.55 -9.75
N TRP A 171 -2.44 34.47 -10.91
CA TRP A 171 -2.02 33.61 -11.99
C TRP A 171 -0.89 34.31 -12.73
N VAL A 172 -1.00 35.63 -12.84
CA VAL A 172 0.03 36.41 -13.48
C VAL A 172 1.26 36.49 -12.59
N ILE A 173 1.06 36.60 -11.29
CA ILE A 173 2.17 36.66 -10.36
C ILE A 173 2.97 35.36 -10.46
N ALA A 174 2.28 34.23 -10.40
CA ALA A 174 2.92 32.93 -10.49
C ALA A 174 3.73 32.84 -11.79
N ASN A 175 3.16 33.30 -12.89
CA ASN A 175 3.82 33.11 -14.17
C ASN A 175 5.07 33.96 -14.21
N VAL A 176 4.96 35.19 -13.73
CA VAL A 176 6.08 36.10 -13.82
C VAL A 176 7.23 35.50 -13.04
N VAL A 177 6.95 35.12 -11.81
CA VAL A 177 7.94 34.47 -10.98
C VAL A 177 8.58 33.31 -11.74
N LEU A 178 7.77 32.36 -12.22
CA LEU A 178 8.30 31.18 -12.88
C LEU A 178 9.08 31.58 -14.13
N ILE A 179 8.46 32.37 -15.00
CA ILE A 179 9.07 32.72 -16.26
C ILE A 179 10.42 33.38 -16.01
N ARG A 180 10.53 34.20 -14.98
CA ARG A 180 11.77 34.91 -14.75
C ARG A 180 12.82 33.89 -14.28
N ALA A 181 12.41 32.91 -13.47
CA ALA A 181 13.33 31.92 -12.92
C ALA A 181 13.93 31.10 -14.05
N VAL A 182 13.08 30.67 -14.96
CA VAL A 182 13.51 29.89 -16.11
C VAL A 182 14.42 30.72 -17.02
N ARG A 183 14.37 32.03 -16.96
CA ARG A 183 15.08 32.83 -17.94
C ARG A 183 16.32 33.42 -17.30
N GLN A 184 16.44 33.26 -15.98
CA GLN A 184 17.69 33.47 -15.30
C GLN A 184 18.49 32.16 -15.26
N SER A 185 17.84 31.05 -15.62
CA SER A 185 18.49 29.76 -15.66
C SER A 185 19.31 29.64 -16.92
N LEU A 186 18.63 29.91 -18.03
CA LEU A 186 19.06 29.58 -19.37
C LEU A 186 20.46 30.11 -19.69
N PRO A 187 20.88 31.28 -19.18
CA PRO A 187 22.23 31.79 -19.45
C PRO A 187 23.37 30.92 -18.90
N THR A 188 23.08 30.09 -17.90
CA THR A 188 24.11 29.34 -17.18
C THR A 188 24.12 27.87 -17.62
N LEU A 189 23.12 27.42 -18.37
CA LEU A 189 23.04 26.03 -18.78
C LEU A 189 23.81 25.81 -20.08
N THR A 190 23.85 24.55 -20.48
CA THR A 190 24.43 24.17 -21.75
C THR A 190 23.35 24.25 -22.82
N PRO A 191 23.73 24.46 -24.09
CA PRO A 191 22.76 24.46 -25.19
C PRO A 191 21.68 23.40 -25.02
N GLU A 192 22.10 22.14 -24.86
CA GLU A 192 21.17 21.03 -24.82
C GLU A 192 20.25 21.20 -23.62
N SER A 193 20.78 21.71 -22.50
CA SER A 193 20.03 21.83 -21.27
C SER A 193 19.14 23.06 -21.30
N HIS A 194 19.70 24.17 -21.79
CA HIS A 194 18.98 25.41 -22.02
C HIS A 194 17.71 25.09 -22.82
N THR A 195 17.89 24.47 -23.98
CA THR A 195 16.78 24.12 -24.84
C THR A 195 15.75 23.30 -24.07
N MET A 196 16.21 22.34 -23.30
CA MET A 196 15.32 21.36 -22.71
C MET A 196 14.42 22.04 -21.67
N LEU A 197 15.00 23.00 -20.94
CA LEU A 197 14.30 23.67 -19.85
C LEU A 197 13.25 24.61 -20.43
N LYS A 198 13.70 25.41 -21.42
CA LYS A 198 12.86 26.36 -22.13
C LYS A 198 11.61 25.61 -22.62
N SER A 199 11.80 24.47 -23.23
CA SER A 199 10.68 23.66 -23.75
C SER A 199 9.81 23.10 -22.64
N ALA A 200 10.41 22.73 -21.52
CA ALA A 200 9.63 22.13 -20.44
C ALA A 200 8.72 23.16 -19.79
N ALA A 201 9.28 24.38 -19.58
CA ALA A 201 8.56 25.53 -19.07
C ALA A 201 7.33 25.83 -19.92
N ILE A 202 7.54 26.04 -21.22
CA ILE A 202 6.45 26.29 -22.14
C ILE A 202 5.36 25.22 -22.04
N VAL A 203 5.73 23.96 -22.06
CA VAL A 203 4.75 22.90 -22.03
C VAL A 203 3.98 22.97 -20.72
N LEU A 204 4.74 23.24 -19.64
CA LEU A 204 4.24 23.22 -18.27
C LEU A 204 3.37 24.43 -17.94
N LEU A 205 3.59 25.57 -18.62
CA LEU A 205 2.88 26.81 -18.32
C LEU A 205 1.82 27.15 -19.36
N ALA A 206 1.83 26.53 -20.54
CA ALA A 206 0.96 26.95 -21.61
C ALA A 206 -0.47 26.46 -21.41
N GLY A 207 -0.64 25.18 -21.06
CA GLY A 207 -1.94 24.59 -20.90
C GLY A 207 -2.68 24.98 -19.63
N TRP A 208 -2.15 25.95 -18.88
CA TRP A 208 -2.87 26.54 -17.76
C TRP A 208 -4.11 27.29 -18.25
N VAL A 209 -4.07 27.83 -19.46
CA VAL A 209 -5.13 28.70 -19.94
C VAL A 209 -6.47 27.97 -20.05
N VAL A 210 -6.41 26.67 -20.29
CA VAL A 210 -7.59 25.86 -20.43
C VAL A 210 -8.48 26.08 -19.22
N TYR A 211 -7.90 26.03 -18.03
CA TYR A 211 -8.68 25.98 -16.80
C TYR A 211 -9.55 27.22 -16.67
N PRO A 212 -8.99 28.42 -16.77
CA PRO A 212 -9.77 29.63 -16.72
C PRO A 212 -10.91 29.65 -17.73
N ILE A 213 -10.71 29.02 -18.87
CA ILE A 213 -11.73 29.09 -19.89
C ILE A 213 -12.88 28.20 -19.45
N VAL A 214 -12.56 27.01 -19.03
CA VAL A 214 -13.59 26.10 -18.62
C VAL A 214 -14.38 26.71 -17.47
N TYR A 215 -13.66 27.41 -16.57
CA TYR A 215 -14.24 28.08 -15.41
C TYR A 215 -15.41 28.96 -15.84
N PHE A 216 -15.25 29.72 -16.91
CA PHE A 216 -16.35 30.58 -17.32
C PHE A 216 -17.40 29.88 -18.20
N LEU A 217 -17.48 28.59 -18.38
CA LEU A 217 -18.48 27.97 -19.28
C LEU A 217 -19.88 27.96 -18.66
N PRO A 218 -20.02 27.94 -17.32
CA PRO A 218 -21.31 28.03 -16.64
C PRO A 218 -22.06 29.33 -16.99
N LEU A 219 -21.40 30.35 -17.50
CA LEU A 219 -22.00 31.64 -17.98
C LEU A 219 -22.77 31.52 -19.29
N PHE A 220 -22.51 30.49 -20.07
CA PHE A 220 -23.13 30.35 -21.40
C PHE A 220 -24.38 29.49 -21.33
N GLY A 221 -24.67 28.92 -20.18
CA GLY A 221 -25.93 28.22 -20.02
C GLY A 221 -25.80 27.03 -19.13
N ALA A 222 -26.91 26.29 -19.00
CA ALA A 222 -26.95 25.04 -18.24
C ALA A 222 -27.53 23.96 -19.13
N SER A 223 -26.84 22.83 -19.28
CA SER A 223 -27.29 21.70 -20.11
C SER A 223 -26.52 20.55 -19.52
N GLY A 224 -26.93 19.32 -19.69
CA GLY A 224 -26.15 18.14 -19.33
C GLY A 224 -24.98 18.05 -20.25
N GLY A 225 -25.15 18.44 -21.48
CA GLY A 225 -24.06 18.49 -22.44
C GLY A 225 -22.97 19.47 -22.09
N LEU A 226 -23.29 20.67 -21.62
CA LEU A 226 -22.33 21.65 -21.08
C LEU A 226 -21.64 21.07 -19.86
N THR A 227 -22.37 20.41 -18.99
CA THR A 227 -21.79 19.79 -17.78
C THR A 227 -20.78 18.70 -18.17
N THR A 228 -21.08 17.85 -19.15
CA THR A 228 -20.23 16.76 -19.68
C THR A 228 -19.02 17.37 -20.35
N THR A 229 -19.20 18.45 -21.10
CA THR A 229 -18.09 19.19 -21.73
C THR A 229 -17.15 19.75 -20.68
N ILE A 230 -17.65 20.25 -19.56
CA ILE A 230 -16.86 20.78 -18.43
C ILE A 230 -16.14 19.64 -17.75
N LEU A 231 -16.85 18.61 -17.32
CA LEU A 231 -16.20 17.57 -16.56
C LEU A 231 -15.18 16.79 -17.42
N ILE A 232 -15.51 16.58 -18.68
CA ILE A 232 -14.60 15.82 -19.51
C ILE A 232 -13.39 16.69 -19.76
N THR A 233 -13.59 17.88 -20.31
CA THR A 233 -12.48 18.76 -20.61
C THR A 233 -11.53 18.94 -19.43
N LEU A 234 -12.04 19.10 -18.21
CA LEU A 234 -11.14 19.21 -17.08
C LEU A 234 -10.35 17.92 -16.89
N THR A 235 -10.99 16.77 -17.13
CA THR A 235 -10.34 15.50 -16.91
C THR A 235 -9.19 15.33 -17.91
N VAL A 236 -9.43 15.72 -19.15
CA VAL A 236 -8.43 15.54 -20.18
C VAL A 236 -7.24 16.45 -19.88
N ALA A 237 -7.50 17.74 -19.66
CA ALA A 237 -6.52 18.71 -19.19
C ALA A 237 -5.69 18.17 -18.03
N ASP A 238 -6.33 17.62 -17.02
CA ASP A 238 -5.54 17.10 -15.92
C ASP A 238 -4.63 15.98 -16.39
N VAL A 239 -5.09 15.13 -17.27
CA VAL A 239 -4.28 13.99 -17.66
C VAL A 239 -3.14 14.52 -18.50
N ILE A 240 -3.42 15.48 -19.37
CA ILE A 240 -2.37 15.97 -20.23
C ILE A 240 -1.27 16.66 -19.43
N VAL A 241 -1.65 17.44 -18.44
CA VAL A 241 -0.71 18.27 -17.71
C VAL A 241 -0.01 17.44 -16.63
N LYS A 242 -0.74 16.67 -15.86
CA LYS A 242 -0.12 15.93 -14.79
C LYS A 242 0.61 14.70 -15.33
N LEU A 243 0.02 13.99 -16.28
CA LEU A 243 0.60 12.74 -16.74
C LEU A 243 1.45 13.04 -17.97
N GLY A 244 0.83 13.62 -18.98
CA GLY A 244 1.54 13.96 -20.20
C GLY A 244 2.82 14.77 -19.98
N PHE A 245 2.83 15.70 -19.04
CA PHE A 245 3.99 16.54 -18.90
C PHE A 245 4.84 16.11 -17.69
N SER A 246 4.59 14.87 -17.22
CA SER A 246 5.29 14.34 -16.06
C SER A 246 6.72 13.95 -16.40
N THR A 247 7.07 13.92 -17.69
CA THR A 247 8.42 13.52 -18.07
C THR A 247 9.27 14.69 -18.53
N GLN A 248 8.68 15.85 -18.73
CA GLN A 248 9.44 16.99 -19.21
C GLN A 248 10.55 17.35 -18.22
N THR A 249 10.20 17.48 -16.95
CA THR A 249 11.16 17.85 -15.93
C THR A 249 12.07 16.67 -15.64
N HIS A 250 11.55 15.45 -15.74
CA HIS A 250 12.37 14.28 -15.56
C HIS A 250 13.49 14.26 -16.59
N ARG A 251 13.19 14.52 -17.86
CA ARG A 251 14.24 14.57 -18.83
C ARG A 251 15.19 15.69 -18.49
N VAL A 252 14.70 16.82 -18.00
CA VAL A 252 15.57 17.94 -17.71
C VAL A 252 16.53 17.55 -16.59
N ALA A 253 15.96 16.91 -15.58
CA ALA A 253 16.73 16.53 -14.41
C ALA A 253 17.77 15.48 -14.80
N LYS A 254 17.38 14.50 -15.65
CA LYS A 254 18.30 13.49 -16.14
C LYS A 254 19.42 14.09 -16.97
N LEU A 255 19.10 15.05 -17.80
CA LEU A 255 20.17 15.54 -18.62
C LEU A 255 21.09 16.40 -17.76
N ARG A 256 20.59 16.88 -16.63
CA ARG A 256 21.42 17.70 -15.77
C ARG A 256 22.29 16.78 -14.94
N THR A 257 21.70 15.72 -14.41
CA THR A 257 22.49 14.71 -13.73
C THR A 257 23.65 14.25 -14.58
N ALA A 258 23.34 13.89 -15.82
CA ALA A 258 24.33 13.36 -16.73
C ALA A 258 25.42 14.35 -17.03
N GLU A 259 25.12 15.64 -17.07
CA GLU A 259 26.14 16.61 -17.40
C GLU A 259 27.11 16.74 -16.25
N ASP A 260 26.61 16.62 -15.01
CA ASP A 260 27.46 16.67 -13.83
C ASP A 260 28.41 15.48 -13.81
N VAL A 261 27.85 14.31 -14.09
CA VAL A 261 28.65 13.12 -14.24
C VAL A 261 29.68 13.27 -15.35
N ARG A 262 29.37 13.94 -16.45
CA ARG A 262 30.39 14.03 -17.48
C ARG A 262 31.46 15.05 -17.12
N ALA A 263 31.12 16.00 -16.26
CA ALA A 263 32.04 17.04 -15.86
C ALA A 263 32.92 16.57 -14.70
N GLY A 264 32.59 15.43 -14.10
CA GLY A 264 33.32 14.91 -12.96
C GLY A 264 32.90 15.61 -11.67
N ASP A 265 31.78 16.31 -11.73
CA ASP A 265 31.20 16.94 -10.57
C ASP A 265 30.41 15.93 -9.74
N ASP A 266 29.95 14.86 -10.36
CA ASP A 266 29.30 13.84 -9.57
C ASP A 266 29.51 12.49 -10.22
N VAL A 267 28.91 11.49 -9.61
CA VAL A 267 28.92 10.14 -10.12
C VAL A 267 27.49 9.68 -10.01
N HIS A 268 27.16 8.63 -10.74
CA HIS A 268 25.82 8.10 -10.73
C HIS A 268 25.99 6.61 -10.91
N PRO A 269 25.27 5.83 -10.12
CA PRO A 269 25.45 4.39 -10.10
C PRO A 269 25.11 3.63 -11.38
N GLU A 270 24.28 4.23 -12.24
CA GLU A 270 23.80 3.55 -13.42
C GLU A 270 24.03 4.47 -14.60
N SER A 271 24.07 3.93 -15.81
CA SER A 271 24.14 4.81 -16.97
C SER A 271 22.82 5.56 -17.12
N ILE A 272 22.87 6.70 -17.81
CA ILE A 272 21.67 7.49 -18.01
C ILE A 272 21.38 7.51 -19.49
N TRP A 273 20.11 7.27 -19.81
CA TRP A 273 19.65 7.18 -21.20
C TRP A 273 18.56 8.19 -21.42
N ILE A 274 18.64 8.95 -22.50
CA ILE A 274 17.58 9.89 -22.83
C ILE A 274 17.34 9.77 -24.31
N SER A 275 16.14 9.31 -24.67
CA SER A 275 15.75 9.12 -26.06
C SER A 275 16.66 8.09 -26.69
N SER A 276 16.99 7.07 -25.89
CA SER A 276 17.71 5.91 -26.38
C SER A 276 19.17 6.24 -26.69
N VAL A 277 19.59 7.47 -26.40
CA VAL A 277 21.01 7.81 -26.42
C VAL A 277 21.60 7.81 -25.02
N LYS A 278 22.81 7.26 -24.89
CA LYS A 278 23.49 7.23 -23.60
C LYS A 278 24.02 8.62 -23.32
N GLN A 279 23.71 9.13 -22.12
CA GLN A 279 24.10 10.45 -21.74
C GLN A 279 25.32 10.40 -20.84
N SER A 280 25.33 9.48 -19.87
CA SER A 280 26.45 9.31 -18.97
C SER A 280 26.63 7.82 -18.68
N ASP A 281 27.86 7.40 -18.31
CA ASP A 281 28.13 6.04 -17.85
C ASP A 281 27.98 5.90 -16.35
N ALA A 282 27.72 4.68 -15.87
CA ALA A 282 27.75 4.40 -14.44
C ALA A 282 29.16 4.62 -13.90
N GLY A 283 29.23 4.88 -12.60
CA GLY A 283 30.51 5.20 -11.99
C GLY A 283 30.40 5.02 -10.50
N LEU A 284 31.53 4.81 -9.82
CA LEU A 284 31.53 4.68 -8.37
C LEU A 284 32.22 5.88 -7.77
N PRO A 285 31.82 6.23 -6.53
CA PRO A 285 32.41 7.33 -5.79
C PRO A 285 33.86 6.99 -5.73
N ARG A 286 34.72 7.85 -6.24
CA ARG A 286 36.16 7.59 -6.17
C ARG A 286 36.83 8.54 -5.17
N ASN B 5 -29.73 -7.82 -35.14
CA ASN B 5 -29.91 -6.62 -34.27
C ASN B 5 -29.08 -6.79 -33.00
N VAL B 6 -28.82 -5.71 -32.25
CA VAL B 6 -27.93 -5.84 -31.11
C VAL B 6 -28.77 -6.08 -29.88
N SER B 7 -28.43 -7.16 -29.18
CA SER B 7 -29.03 -7.52 -27.92
C SER B 7 -27.99 -7.36 -26.83
N VAL B 8 -28.13 -6.33 -26.02
CA VAL B 8 -27.03 -5.94 -25.18
C VAL B 8 -26.81 -7.05 -24.18
N PRO B 9 -25.54 -7.37 -23.88
CA PRO B 9 -25.21 -8.48 -22.99
C PRO B 9 -25.76 -8.33 -21.58
N TRP B 10 -25.94 -7.08 -21.11
CA TRP B 10 -26.31 -6.80 -19.74
C TRP B 10 -27.83 -6.82 -19.56
N GLY B 11 -28.54 -7.21 -20.61
CA GLY B 11 -29.96 -7.45 -20.49
C GLY B 11 -30.32 -8.84 -19.95
N ALA B 12 -29.38 -9.78 -19.88
CA ALA B 12 -29.76 -11.18 -19.71
C ALA B 12 -29.76 -11.55 -18.24
N THR B 13 -30.67 -12.47 -17.89
CA THR B 13 -30.73 -13.02 -16.55
C THR B 13 -29.79 -14.22 -16.46
N LEU B 14 -28.99 -14.27 -15.40
CA LEU B 14 -28.00 -15.32 -15.29
C LEU B 14 -28.51 -16.44 -14.39
N SER B 15 -28.39 -17.68 -14.86
CA SER B 15 -28.48 -18.84 -14.00
C SER B 15 -27.46 -18.75 -12.86
N ASN B 16 -27.65 -19.62 -11.86
CA ASN B 16 -26.76 -19.68 -10.71
C ASN B 16 -25.39 -20.18 -11.15
N ALA B 17 -25.38 -21.24 -11.94
CA ALA B 17 -24.12 -21.71 -12.48
C ALA B 17 -23.38 -20.54 -13.10
N GLU B 18 -24.09 -19.82 -13.98
CA GLU B 18 -23.54 -18.73 -14.77
C GLU B 18 -23.02 -17.66 -13.84
N HIS B 19 -23.80 -17.29 -12.84
CA HIS B 19 -23.35 -16.21 -11.99
C HIS B 19 -22.14 -16.64 -11.16
N GLN B 20 -22.00 -17.95 -10.98
CA GLN B 20 -20.97 -18.47 -10.10
C GLN B 20 -19.68 -18.47 -10.89
N LEU B 21 -19.71 -19.11 -12.09
CA LEU B 21 -18.61 -19.05 -13.05
C LEU B 21 -18.12 -17.61 -13.30
N ILE B 22 -19.01 -16.63 -13.45
CA ILE B 22 -18.49 -15.32 -13.77
C ILE B 22 -17.67 -14.82 -12.61
N PHE B 23 -18.17 -14.96 -11.39
CA PHE B 23 -17.47 -14.44 -10.23
C PHE B 23 -16.12 -15.14 -10.04
N TYR B 24 -16.10 -16.43 -10.35
CA TYR B 24 -14.88 -17.18 -10.29
C TYR B 24 -13.81 -16.54 -11.19
N PHE B 25 -14.07 -16.50 -12.52
CA PHE B 25 -13.12 -15.93 -13.44
C PHE B 25 -12.80 -14.47 -13.08
N LEU B 26 -13.77 -13.67 -12.76
CA LEU B 26 -13.38 -12.33 -12.44
C LEU B 26 -12.40 -12.26 -11.30
N VAL B 27 -12.50 -13.15 -10.32
CA VAL B 27 -11.70 -12.93 -9.13
C VAL B 27 -10.38 -13.65 -9.33
N VAL B 28 -10.44 -14.81 -9.97
CA VAL B 28 -9.21 -15.42 -10.39
C VAL B 28 -8.35 -14.45 -11.18
N ALA B 29 -8.94 -13.62 -12.05
CA ALA B 29 -8.17 -12.67 -12.82
C ALA B 29 -7.51 -11.67 -11.89
N ALA B 30 -8.32 -11.05 -11.04
CA ALA B 30 -7.77 -10.06 -10.13
C ALA B 30 -6.60 -10.62 -9.33
N LEU B 31 -6.70 -11.88 -8.91
CA LEU B 31 -5.68 -12.46 -8.06
C LEU B 31 -4.45 -12.80 -8.90
N ALA B 32 -4.65 -13.36 -10.09
CA ALA B 32 -3.54 -13.52 -11.00
C ALA B 32 -2.82 -12.18 -11.25
N PHE B 33 -3.55 -11.07 -11.36
CA PHE B 33 -2.86 -9.83 -11.63
C PHE B 33 -2.06 -9.40 -10.41
N VAL B 34 -2.52 -9.73 -9.21
CA VAL B 34 -1.78 -9.34 -8.03
C VAL B 34 -0.45 -10.10 -8.02
N ALA B 35 -0.55 -11.38 -8.29
CA ALA B 35 0.64 -12.17 -8.41
C ALA B 35 1.56 -11.56 -9.48
N GLY B 36 1.04 -11.26 -10.66
CA GLY B 36 1.86 -10.70 -11.72
C GLY B 36 2.50 -9.38 -11.31
N PHE B 37 1.73 -8.55 -10.63
CA PHE B 37 2.28 -7.29 -10.21
C PHE B 37 3.45 -7.52 -9.27
N ILE B 38 3.33 -8.49 -8.37
CA ILE B 38 4.40 -8.74 -7.42
C ILE B 38 5.63 -9.26 -8.15
N ARG B 39 5.45 -10.14 -9.12
CA ARG B 39 6.58 -10.69 -9.84
C ARG B 39 7.34 -9.58 -10.54
N THR B 40 6.58 -8.72 -11.25
CA THR B 40 7.17 -7.70 -12.08
C THR B 40 7.93 -6.72 -11.21
N TYR B 41 7.42 -6.46 -10.01
CA TYR B 41 8.07 -5.52 -9.12
C TYR B 41 9.37 -6.12 -8.59
N ILE B 42 9.32 -7.36 -8.14
CA ILE B 42 10.45 -8.07 -7.57
C ILE B 42 11.55 -8.23 -8.61
N THR B 43 11.21 -8.25 -9.89
CA THR B 43 12.24 -8.48 -10.90
C THR B 43 12.55 -7.23 -11.72
N ARG B 44 12.17 -6.04 -11.25
CA ARG B 44 12.35 -4.84 -12.04
C ARG B 44 13.83 -4.52 -12.31
N ASN B 45 14.73 -4.89 -11.40
CA ASN B 45 16.14 -4.60 -11.60
C ASN B 45 16.89 -5.72 -12.34
N GLU B 46 16.21 -6.63 -13.01
CA GLU B 46 16.92 -7.57 -13.86
C GLU B 46 17.25 -6.89 -15.18
N VAL B 47 16.74 -5.68 -15.39
CA VAL B 47 16.82 -5.00 -16.67
C VAL B 47 17.68 -3.75 -16.50
N GLY B 48 18.53 -3.47 -17.48
CA GLY B 48 19.29 -2.23 -17.43
C GLY B 48 18.42 -0.98 -17.52
N SER B 49 18.96 0.15 -17.06
CA SER B 49 18.36 1.47 -17.19
C SER B 49 18.00 1.77 -18.65
N ARG B 50 18.75 1.28 -19.61
CA ARG B 50 18.37 1.52 -20.99
C ARG B 50 16.97 1.02 -21.35
N TYR B 51 16.47 -0.04 -20.69
CA TYR B 51 15.20 -0.63 -21.06
C TYR B 51 14.24 -0.53 -19.89
N ARG B 52 14.48 0.39 -18.98
CA ARG B 52 13.56 0.47 -17.85
C ARG B 52 12.14 0.79 -18.31
N THR B 53 11.97 1.44 -19.45
CA THR B 53 10.61 1.77 -19.87
C THR B 53 9.76 0.51 -20.04
N ALA B 54 10.32 -0.50 -20.70
CA ALA B 54 9.62 -1.76 -20.81
C ALA B 54 9.08 -2.19 -19.44
N VAL B 55 9.91 -2.13 -18.43
CA VAL B 55 9.52 -2.60 -17.11
C VAL B 55 8.41 -1.71 -16.57
N SER B 56 8.53 -0.40 -16.75
CA SER B 56 7.58 0.48 -16.09
C SER B 56 6.23 0.32 -16.78
N ALA B 57 6.25 0.22 -18.11
CA ALA B 57 5.00 0.06 -18.83
C ALA B 57 4.29 -1.15 -18.27
N ARG B 58 5.02 -2.29 -18.20
CA ARG B 58 4.43 -3.56 -17.80
C ARG B 58 3.92 -3.51 -16.37
N LEU B 59 4.68 -2.90 -15.49
CA LEU B 59 4.24 -2.85 -14.11
C LEU B 59 3.03 -1.95 -14.01
N GLY B 60 2.98 -0.96 -14.91
CA GLY B 60 1.85 -0.05 -14.97
C GLY B 60 0.63 -0.80 -15.47
N MET B 61 0.82 -1.51 -16.56
CA MET B 61 -0.30 -2.25 -17.09
C MET B 61 -0.85 -3.22 -16.05
N LEU B 62 -0.01 -3.85 -15.23
CA LEU B 62 -0.50 -4.86 -14.30
C LEU B 62 -1.22 -4.19 -13.15
N GLY B 63 -0.73 -3.02 -12.73
CA GLY B 63 -1.40 -2.27 -11.69
C GLY B 63 -2.78 -1.79 -12.15
N VAL B 64 -2.84 -1.33 -13.39
CA VAL B 64 -4.09 -0.85 -13.95
C VAL B 64 -5.07 -2.03 -14.00
N ALA B 65 -4.60 -3.19 -14.45
CA ALA B 65 -5.49 -4.31 -14.64
C ALA B 65 -6.05 -4.71 -13.28
N LEU B 66 -5.20 -4.70 -12.27
CA LEU B 66 -5.59 -5.12 -10.94
C LEU B 66 -6.69 -4.19 -10.42
N LEU B 67 -6.54 -2.88 -10.60
CA LEU B 67 -7.55 -1.97 -10.11
C LEU B 67 -8.82 -2.10 -10.94
N ALA B 68 -8.68 -2.11 -12.26
CA ALA B 68 -9.84 -2.25 -13.11
C ALA B 68 -10.63 -3.52 -12.72
N TYR B 69 -9.93 -4.60 -12.39
CA TYR B 69 -10.62 -5.85 -12.15
C TYR B 69 -11.29 -5.79 -10.79
N ILE B 70 -10.79 -4.94 -9.91
CA ILE B 70 -11.48 -4.78 -8.64
C ILE B 70 -12.81 -4.07 -8.90
N LEU B 71 -12.78 -3.01 -9.70
CA LEU B 71 -14.01 -2.34 -10.06
C LEU B 71 -14.98 -3.32 -10.72
N ILE B 72 -14.52 -4.10 -11.67
CA ILE B 72 -15.42 -4.96 -12.40
C ILE B 72 -16.10 -5.87 -11.39
N ILE B 73 -15.36 -6.32 -10.38
CA ILE B 73 -15.91 -7.23 -9.39
C ILE B 73 -16.98 -6.52 -8.59
N VAL B 74 -16.71 -5.27 -8.20
CA VAL B 74 -17.70 -4.49 -7.50
C VAL B 74 -18.94 -4.37 -8.38
N ALA B 75 -18.77 -3.78 -9.57
CA ALA B 75 -19.87 -3.66 -10.52
C ALA B 75 -20.67 -4.96 -10.66
N PHE B 76 -20.04 -6.11 -10.54
CA PHE B 76 -20.76 -7.35 -10.76
C PHE B 76 -21.62 -7.66 -9.56
N LEU B 77 -21.05 -7.48 -8.38
CA LEU B 77 -21.74 -7.75 -7.13
C LEU B 77 -22.90 -6.78 -6.97
N LEU B 78 -22.76 -5.56 -7.50
CA LEU B 78 -23.81 -4.57 -7.42
C LEU B 78 -24.61 -4.44 -8.70
N GLY B 79 -24.75 -5.51 -9.49
CA GLY B 79 -25.35 -5.35 -10.82
C GLY B 79 -26.42 -6.41 -11.12
N TYR B 80 -26.43 -7.47 -10.31
CA TYR B 80 -27.44 -8.49 -10.45
C TYR B 80 -27.96 -8.91 -9.06
N ASP B 81 -29.27 -9.23 -9.01
CA ASP B 81 -30.00 -9.47 -7.79
C ASP B 81 -30.64 -10.83 -7.90
N SER B 82 -30.46 -11.73 -6.91
CA SER B 82 -30.98 -13.12 -7.06
C SER B 82 -32.50 -13.08 -6.87
N THR B 83 -33.24 -13.56 -7.86
CA THR B 83 -34.69 -13.37 -7.85
C THR B 83 -35.38 -14.68 -8.17
N ALA B 84 -34.85 -15.80 -7.70
CA ALA B 84 -35.60 -17.06 -7.91
C ALA B 84 -35.43 -17.40 -9.38
N GLY B 85 -35.70 -16.43 -10.26
CA GLY B 85 -35.33 -16.60 -11.67
C GLY B 85 -33.89 -16.16 -11.79
N GLY B 86 -32.96 -16.94 -11.25
CA GLY B 86 -31.52 -16.67 -11.33
C GLY B 86 -31.09 -15.32 -10.85
N TRP B 87 -30.21 -14.68 -11.58
CA TRP B 87 -29.73 -13.34 -11.20
C TRP B 87 -30.20 -12.40 -12.27
N VAL B 88 -30.85 -11.33 -11.87
CA VAL B 88 -31.52 -10.47 -12.86
C VAL B 88 -30.74 -9.19 -12.90
N PRO B 89 -30.36 -8.78 -14.12
CA PRO B 89 -29.58 -7.60 -14.27
C PRO B 89 -30.28 -6.36 -13.74
N ASN B 90 -29.60 -5.57 -12.94
CA ASN B 90 -30.14 -4.26 -12.49
C ASN B 90 -29.62 -3.26 -13.49
N ASP B 91 -29.59 -1.99 -13.15
CA ASP B 91 -29.19 -0.96 -14.13
C ASP B 91 -27.72 -0.56 -13.96
N GLY B 92 -26.96 -1.30 -13.16
CA GLY B 92 -25.52 -1.02 -13.10
C GLY B 92 -24.80 -2.14 -13.79
N ALA B 93 -25.52 -3.05 -14.42
CA ALA B 93 -24.93 -4.24 -15.05
C ALA B 93 -24.17 -3.79 -16.29
N ILE B 94 -24.60 -2.71 -16.89
CA ILE B 94 -23.86 -2.15 -18.01
C ILE B 94 -22.45 -1.79 -17.59
N ASN B 95 -22.22 -1.58 -16.30
CA ASN B 95 -20.94 -1.06 -15.83
C ASN B 95 -19.92 -2.18 -15.75
N ILE B 96 -20.42 -3.41 -15.70
CA ILE B 96 -19.55 -4.56 -15.87
C ILE B 96 -18.94 -4.54 -17.26
N PHE B 97 -19.66 -3.99 -18.25
CA PHE B 97 -19.16 -4.04 -19.61
C PHE B 97 -18.37 -2.78 -19.91
N SER B 98 -18.66 -1.74 -19.17
CA SER B 98 -18.08 -0.44 -19.45
C SER B 98 -16.67 -0.40 -18.87
N THR B 99 -16.53 -0.98 -17.67
CA THR B 99 -15.27 -0.90 -16.96
C THR B 99 -14.17 -1.58 -17.76
N ARG B 100 -14.54 -2.57 -18.58
CA ARG B 100 -13.53 -3.28 -19.30
C ARG B 100 -12.95 -2.38 -20.38
N TYR B 101 -13.81 -1.66 -21.13
CA TYR B 101 -13.36 -0.67 -22.09
C TYR B 101 -12.51 0.40 -21.39
N ILE B 102 -12.84 0.69 -20.14
CA ILE B 102 -12.07 1.66 -19.41
C ILE B 102 -10.65 1.12 -19.32
N GLU B 103 -10.54 -0.09 -18.73
CA GLU B 103 -9.27 -0.77 -18.55
C GLU B 103 -8.47 -0.86 -19.86
N TRP B 104 -9.07 -1.20 -20.97
CA TRP B 104 -8.29 -1.31 -22.18
C TRP B 104 -7.76 0.04 -22.61
N THR B 105 -8.38 1.10 -22.14
CA THR B 105 -8.03 2.38 -22.69
C THR B 105 -6.64 2.74 -22.18
N VAL B 106 -6.37 2.35 -20.93
CA VAL B 106 -5.04 2.61 -20.42
C VAL B 106 -4.11 1.48 -20.83
N SER B 107 -4.57 0.23 -20.66
CA SER B 107 -3.69 -0.92 -20.75
C SER B 107 -3.18 -1.13 -22.17
N VAL B 108 -4.00 -0.94 -23.17
CA VAL B 108 -3.51 -1.28 -24.49
C VAL B 108 -2.43 -0.28 -24.91
N PRO B 109 -2.55 1.03 -24.68
CA PRO B 109 -1.45 1.94 -25.00
C PRO B 109 -0.17 1.61 -24.22
N LEU B 110 -0.30 1.20 -22.95
CA LEU B 110 0.83 0.70 -22.20
C LEU B 110 1.50 -0.47 -22.92
N LEU B 111 0.73 -1.38 -23.51
CA LEU B 111 1.31 -2.50 -24.24
C LEU B 111 2.12 -1.96 -25.40
N THR B 112 1.62 -0.96 -26.13
CA THR B 112 2.39 -0.48 -27.26
C THR B 112 3.68 0.15 -26.76
N ILE B 113 3.61 0.88 -25.64
CA ILE B 113 4.79 1.53 -25.09
C ILE B 113 5.85 0.49 -24.76
N GLU B 114 5.43 -0.58 -24.10
CA GLU B 114 6.29 -1.68 -23.74
C GLU B 114 6.98 -2.29 -24.96
N LEU B 115 6.23 -2.60 -26.00
CA LEU B 115 6.84 -3.28 -27.12
C LEU B 115 7.80 -2.35 -27.83
N LEU B 116 7.47 -1.06 -27.97
CA LEU B 116 8.36 -0.16 -28.68
C LEU B 116 9.62 0.06 -27.85
N ALA B 117 9.50 -0.06 -26.53
CA ALA B 117 10.62 0.13 -25.63
C ALA B 117 11.75 -0.84 -25.95
N VAL B 118 11.42 -2.04 -26.40
CA VAL B 118 12.45 -3.03 -26.65
C VAL B 118 12.72 -3.13 -28.13
N CYS B 119 12.49 -2.05 -28.88
CA CYS B 119 12.84 -2.03 -30.29
C CYS B 119 14.01 -1.07 -30.49
N ALA B 120 14.62 -1.11 -31.67
CA ALA B 120 15.86 -0.41 -31.92
C ALA B 120 15.63 0.89 -32.70
N THR B 121 14.90 1.84 -32.09
CA THR B 121 14.52 3.05 -32.79
C THR B 121 14.96 4.27 -31.99
N LEU B 122 15.37 5.32 -32.73
CA LEU B 122 16.02 6.49 -32.15
C LEU B 122 15.38 7.79 -32.67
N GLY B 123 15.20 8.74 -31.76
CA GLY B 123 14.97 10.12 -32.12
C GLY B 123 13.52 10.38 -32.52
N VAL B 124 13.34 10.91 -33.74
CA VAL B 124 12.02 11.32 -34.21
C VAL B 124 11.20 10.06 -34.43
N GLN B 125 11.76 9.10 -35.18
CA GLN B 125 11.05 7.87 -35.50
C GLN B 125 10.48 7.27 -34.22
N ALA B 126 11.26 7.26 -33.14
CA ALA B 126 10.81 6.63 -31.91
C ALA B 126 9.70 7.42 -31.23
N ARG B 127 9.74 8.75 -31.37
CA ARG B 127 8.73 9.61 -30.77
C ARG B 127 7.48 9.59 -31.66
N ARG B 128 7.66 9.54 -32.98
CA ARG B 128 6.53 9.43 -33.88
C ARG B 128 5.83 8.09 -33.68
N ASN B 129 6.61 7.03 -33.53
CA ASN B 129 6.08 5.71 -33.33
C ASN B 129 5.21 5.68 -32.08
N THR B 130 5.71 6.27 -31.00
CA THR B 130 5.02 6.10 -29.74
C THR B 130 3.78 6.96 -29.74
N ALA B 131 3.81 8.05 -30.49
CA ALA B 131 2.68 8.96 -30.52
C ALA B 131 1.54 8.34 -31.31
N ILE B 132 1.86 7.82 -32.49
CA ILE B 132 0.84 7.23 -33.33
C ILE B 132 0.24 5.98 -32.67
N ALA B 133 1.06 5.18 -32.01
CA ALA B 133 0.59 3.92 -31.47
C ALA B 133 -0.29 4.16 -30.27
N VAL B 134 0.13 5.05 -29.39
CA VAL B 134 -0.64 5.33 -28.19
C VAL B 134 -1.95 6.01 -28.55
N THR B 135 -1.95 6.70 -29.66
CA THR B 135 -3.13 7.44 -30.08
C THR B 135 -4.09 6.46 -30.71
N ALA B 136 -3.57 5.74 -31.71
CA ALA B 136 -4.38 4.83 -32.48
C ALA B 136 -4.99 3.78 -31.56
N THR B 137 -4.30 3.37 -30.51
CA THR B 137 -4.86 2.31 -29.70
C THR B 137 -5.91 2.88 -28.76
N GLY B 138 -5.71 4.06 -28.19
CA GLY B 138 -6.73 4.61 -27.31
C GLY B 138 -7.97 4.99 -28.12
N ALA B 139 -7.76 5.45 -29.34
CA ALA B 139 -8.87 5.74 -30.21
C ALA B 139 -9.64 4.47 -30.51
N MET B 140 -8.93 3.39 -30.83
CA MET B 140 -9.53 2.09 -31.11
C MET B 140 -10.40 1.64 -29.93
N ILE B 141 -9.98 1.90 -28.70
CA ILE B 141 -10.81 1.43 -27.62
C ILE B 141 -12.05 2.30 -27.51
N PHE B 142 -11.93 3.58 -27.85
CA PHE B 142 -12.95 4.55 -27.49
C PHE B 142 -14.06 4.43 -28.51
N CYS B 143 -13.69 4.29 -29.77
CA CYS B 143 -14.66 3.95 -30.79
C CYS B 143 -15.47 2.71 -30.42
N GLY B 144 -14.85 1.72 -29.80
CA GLY B 144 -15.55 0.52 -29.37
C GLY B 144 -16.58 0.88 -28.35
N PHE B 145 -16.14 1.61 -27.33
CA PHE B 145 -17.00 2.10 -26.26
C PHE B 145 -18.16 2.93 -26.80
N LEU B 146 -17.96 3.64 -27.89
CA LEU B 146 -19.04 4.41 -28.42
C LEU B 146 -20.12 3.46 -28.91
N GLY B 147 -19.77 2.60 -29.90
CA GLY B 147 -20.68 1.66 -30.52
C GLY B 147 -21.39 0.76 -29.49
N ALA B 148 -20.67 0.32 -28.48
CA ALA B 148 -21.19 -0.73 -27.65
C ALA B 148 -21.94 -0.22 -26.45
N ILE B 149 -21.65 1.00 -25.99
CA ILE B 149 -22.13 1.43 -24.68
C ILE B 149 -22.86 2.76 -24.74
N VAL B 150 -22.35 3.72 -25.55
CA VAL B 150 -22.69 5.10 -25.33
C VAL B 150 -23.85 5.44 -26.25
N ILE B 151 -23.65 5.32 -27.54
CA ILE B 151 -24.74 5.57 -28.46
C ILE B 151 -25.92 4.62 -28.26
N ASP B 152 -27.09 5.18 -27.97
CA ASP B 152 -28.36 4.48 -27.90
C ASP B 152 -28.34 3.43 -26.80
N ASN B 153 -27.41 3.56 -25.88
CA ASN B 153 -27.31 2.60 -24.81
C ASN B 153 -26.85 1.24 -25.30
N GLY B 154 -26.14 1.21 -26.43
CA GLY B 154 -25.64 -0.02 -26.98
C GLY B 154 -26.55 -0.61 -28.03
N THR B 155 -27.73 -0.03 -28.23
CA THR B 155 -28.73 -0.79 -28.94
C THR B 155 -28.83 -0.41 -30.40
N ASN B 156 -27.93 0.41 -30.91
CA ASN B 156 -28.13 0.85 -32.27
C ASN B 156 -27.25 0.02 -33.17
N THR B 157 -27.84 -0.85 -33.98
CA THR B 157 -27.01 -1.82 -34.69
C THR B 157 -26.05 -1.12 -35.63
N GLY B 158 -26.52 -0.07 -36.31
CA GLY B 158 -25.68 0.64 -37.28
C GLY B 158 -24.56 1.41 -36.57
N ALA B 159 -24.88 2.06 -35.45
CA ALA B 159 -23.82 2.65 -34.70
C ALA B 159 -22.81 1.56 -34.35
N PHE B 160 -23.32 0.48 -33.77
CA PHE B 160 -22.57 -0.60 -33.15
C PHE B 160 -21.56 -1.13 -34.16
N ILE B 161 -22.03 -1.23 -35.40
CA ILE B 161 -21.20 -1.77 -36.46
C ILE B 161 -20.21 -0.72 -36.95
N LEU B 162 -20.70 0.50 -37.21
CA LEU B 162 -19.94 1.57 -37.83
C LEU B 162 -18.80 1.96 -36.91
N TRP B 163 -19.07 2.09 -35.63
CA TRP B 163 -18.00 2.38 -34.73
C TRP B 163 -16.99 1.24 -34.63
N ALA B 164 -17.40 -0.01 -34.82
CA ALA B 164 -16.44 -1.09 -34.81
C ALA B 164 -15.58 -1.02 -36.06
N VAL B 165 -16.11 -0.46 -37.14
CA VAL B 165 -15.34 -0.36 -38.37
C VAL B 165 -14.22 0.68 -38.22
N ILE B 166 -14.60 1.87 -37.78
CA ILE B 166 -13.69 2.94 -37.41
C ILE B 166 -12.62 2.39 -36.46
N SER B 167 -13.05 1.74 -35.38
CA SER B 167 -12.16 1.06 -34.45
C SER B 167 -11.18 0.14 -35.17
N CYS B 168 -11.59 -0.50 -36.26
CA CYS B 168 -10.70 -1.44 -36.93
C CYS B 168 -9.68 -0.72 -37.76
N VAL B 169 -9.97 0.53 -38.14
CA VAL B 169 -9.00 1.33 -38.86
C VAL B 169 -7.89 1.72 -37.89
N PHE B 170 -8.25 2.16 -36.70
CA PHE B 170 -7.22 2.51 -35.73
C PHE B 170 -6.39 1.29 -35.35
N TRP B 171 -6.94 0.11 -35.56
CA TRP B 171 -6.33 -1.14 -35.16
C TRP B 171 -5.27 -1.50 -36.19
N VAL B 172 -5.57 -1.20 -37.45
CA VAL B 172 -4.63 -1.45 -38.52
C VAL B 172 -3.49 -0.44 -38.45
N ILE B 173 -3.80 0.79 -38.12
CA ILE B 173 -2.78 1.82 -38.01
C ILE B 173 -1.79 1.42 -36.93
N ALA B 174 -2.30 1.04 -35.75
CA ALA B 174 -1.45 0.63 -34.65
C ALA B 174 -0.56 -0.53 -35.08
N ASN B 175 -1.11 -1.49 -35.80
CA ASN B 175 -0.35 -2.68 -36.11
C ASN B 175 0.76 -2.32 -37.07
N VAL B 176 0.43 -1.51 -38.07
CA VAL B 176 1.40 -1.17 -39.08
C VAL B 176 2.58 -0.49 -38.42
N VAL B 177 2.27 0.52 -37.63
CA VAL B 177 3.29 1.22 -36.88
C VAL B 177 4.15 0.21 -36.11
N LEU B 178 3.54 -0.62 -35.27
CA LEU B 178 4.28 -1.55 -34.45
C LEU B 178 5.07 -2.53 -35.32
N ILE B 179 4.39 -3.17 -36.26
CA ILE B 179 5.04 -4.18 -37.07
C ILE B 179 6.25 -3.59 -37.77
N ARG B 180 6.15 -2.36 -38.23
CA ARG B 180 7.26 -1.78 -38.98
C ARG B 180 8.42 -1.54 -38.00
N ALA B 181 8.11 -1.12 -36.77
CA ALA B 181 9.14 -0.79 -35.79
C ALA B 181 9.93 -2.03 -35.45
N VAL B 182 9.21 -3.14 -35.22
CA VAL B 182 9.84 -4.40 -34.90
C VAL B 182 10.68 -4.91 -36.06
N ARG B 183 10.42 -4.46 -37.28
CA ARG B 183 11.07 -5.09 -38.41
C ARG B 183 12.14 -4.15 -38.95
N GLN B 184 12.20 -2.94 -38.39
CA GLN B 184 13.34 -2.08 -38.55
C GLN B 184 14.33 -2.34 -37.41
N SER B 185 13.90 -3.09 -36.40
CA SER B 185 14.75 -3.44 -35.26
C SER B 185 15.66 -4.57 -35.66
N LEU B 186 15.02 -5.62 -36.20
CA LEU B 186 15.59 -6.94 -36.35
C LEU B 186 16.90 -6.91 -37.14
N PRO B 187 17.10 -6.02 -38.13
CA PRO B 187 18.37 -5.96 -38.85
C PRO B 187 19.60 -5.57 -38.01
N THR B 188 19.36 -4.92 -36.86
CA THR B 188 20.45 -4.36 -36.06
C THR B 188 20.72 -5.22 -34.82
N LEU B 189 19.85 -6.19 -34.52
CA LEU B 189 20.01 -7.02 -33.34
C LEU B 189 20.89 -8.22 -33.64
N THR B 190 21.16 -9.00 -32.59
CA THR B 190 21.89 -10.24 -32.72
C THR B 190 20.88 -11.35 -33.01
N PRO B 191 21.31 -12.45 -33.66
CA PRO B 191 20.43 -13.59 -33.89
C PRO B 191 19.51 -13.88 -32.71
N GLU B 192 20.11 -14.08 -31.54
CA GLU B 192 19.36 -14.48 -30.36
C GLU B 192 18.34 -13.41 -30.02
N SER B 193 18.72 -12.13 -30.21
CA SER B 193 17.87 -11.01 -29.83
C SER B 193 16.81 -10.76 -30.88
N HIS B 194 17.23 -10.82 -32.15
CA HIS B 194 16.34 -10.74 -33.31
C HIS B 194 15.20 -11.73 -33.11
N THR B 195 15.55 -13.01 -32.92
CA THR B 195 14.56 -14.05 -32.72
C THR B 195 13.61 -13.69 -31.59
N MET B 196 14.17 -13.22 -30.48
CA MET B 196 13.39 -13.06 -29.27
C MET B 196 12.34 -11.97 -29.46
N LEU B 197 12.72 -10.91 -30.20
CA LEU B 197 11.83 -9.76 -30.39
C LEU B 197 10.71 -10.14 -31.34
N LYS B 198 11.08 -10.78 -32.46
CA LYS B 198 10.16 -11.26 -33.47
C LYS B 198 9.08 -12.08 -32.77
N SER B 199 9.49 -13.02 -31.97
CA SER B 199 8.54 -13.88 -31.23
C SER B 199 7.71 -13.08 -30.25
N ALA B 200 8.27 -12.08 -29.56
CA ALA B 200 7.52 -11.34 -28.56
C ALA B 200 6.41 -10.51 -29.20
N ALA B 201 6.76 -9.87 -30.34
CA ALA B 201 5.85 -9.12 -31.17
C ALA B 201 4.64 -9.97 -31.57
N ILE B 202 4.92 -11.10 -32.21
CA ILE B 202 3.86 -12.02 -32.62
C ILE B 202 2.94 -12.37 -31.45
N VAL B 203 3.50 -12.74 -30.31
CA VAL B 203 2.70 -13.16 -29.18
C VAL B 203 1.83 -11.99 -28.74
N LEU B 204 2.46 -10.80 -28.73
CA LEU B 204 1.89 -9.57 -28.20
C LEU B 204 0.82 -8.99 -29.13
N LEU B 205 0.92 -9.24 -30.45
CA LEU B 205 0.00 -8.66 -31.42
C LEU B 205 -1.04 -9.65 -31.95
N ALA B 206 -0.84 -10.95 -31.75
CA ALA B 206 -1.69 -11.94 -32.39
C ALA B 206 -3.04 -12.07 -31.69
N GLY B 207 -3.03 -12.15 -30.36
CA GLY B 207 -4.24 -12.35 -29.58
C GLY B 207 -5.12 -11.11 -29.45
N TRP B 208 -4.80 -10.03 -30.18
CA TRP B 208 -5.67 -8.89 -30.29
C TRP B 208 -6.97 -9.25 -31.00
N VAL B 209 -6.94 -10.23 -31.89
CA VAL B 209 -8.08 -10.53 -32.73
C VAL B 209 -9.28 -11.01 -31.91
N VAL B 210 -9.00 -11.63 -30.78
CA VAL B 210 -10.04 -12.16 -29.92
C VAL B 210 -11.03 -11.04 -29.62
N TYR B 211 -10.53 -9.87 -29.27
CA TYR B 211 -11.38 -8.81 -28.73
C TYR B 211 -12.44 -8.40 -29.74
N PRO B 212 -12.06 -8.06 -30.97
CA PRO B 212 -13.02 -7.73 -31.99
C PRO B 212 -14.08 -8.81 -32.20
N ILE B 213 -13.71 -10.06 -32.00
CA ILE B 213 -14.65 -11.12 -32.27
C ILE B 213 -15.68 -11.10 -31.16
N VAL B 214 -15.21 -11.05 -29.93
CA VAL B 214 -16.11 -11.06 -28.82
C VAL B 214 -17.06 -9.87 -28.92
N TYR B 215 -16.53 -8.73 -29.38
CA TYR B 215 -17.29 -7.50 -29.57
C TYR B 215 -18.54 -7.76 -30.39
N PHE B 216 -18.52 -8.54 -31.42
CA PHE B 216 -19.69 -8.75 -32.31
C PHE B 216 -20.60 -9.93 -31.92
N LEU B 217 -20.41 -10.56 -30.77
CA LEU B 217 -21.25 -11.65 -30.20
C LEU B 217 -22.65 -11.18 -29.83
N PRO B 218 -22.83 -9.95 -29.33
CA PRO B 218 -24.14 -9.42 -28.99
C PRO B 218 -25.05 -9.46 -30.23
N LEU B 219 -24.52 -9.58 -31.43
CA LEU B 219 -25.28 -9.74 -32.70
C LEU B 219 -25.84 -11.14 -32.91
N PHE B 220 -25.44 -12.13 -32.14
CA PHE B 220 -25.93 -13.48 -32.44
C PHE B 220 -27.09 -13.83 -31.53
N GLY B 221 -27.35 -12.99 -30.53
CA GLY B 221 -28.59 -13.01 -29.80
C GLY B 221 -28.36 -12.60 -28.35
N ALA B 222 -29.34 -12.91 -27.49
CA ALA B 222 -29.18 -12.63 -26.09
C ALA B 222 -29.57 -13.85 -25.27
N SER B 223 -28.75 -14.11 -24.25
CA SER B 223 -28.84 -15.27 -23.40
C SER B 223 -27.94 -14.98 -22.22
N GLY B 224 -28.17 -15.66 -21.11
CA GLY B 224 -27.21 -15.62 -20.02
C GLY B 224 -26.03 -16.50 -20.37
N GLY B 225 -26.25 -17.44 -21.28
CA GLY B 225 -25.16 -18.28 -21.71
C GLY B 225 -24.12 -17.45 -22.46
N LEU B 226 -24.62 -16.81 -23.55
CA LEU B 226 -23.94 -15.82 -24.36
C LEU B 226 -23.37 -14.71 -23.50
N THR B 227 -24.14 -14.16 -22.58
CA THR B 227 -23.53 -13.13 -21.77
C THR B 227 -22.33 -13.69 -21.01
N THR B 228 -22.40 -14.97 -20.63
CA THR B 228 -21.42 -15.57 -19.72
C THR B 228 -20.18 -15.87 -20.53
N THR B 229 -20.40 -16.48 -21.69
CA THR B 229 -19.36 -16.66 -22.66
C THR B 229 -18.57 -15.40 -22.98
N ILE B 230 -19.26 -14.25 -23.08
CA ILE B 230 -18.60 -12.98 -23.35
C ILE B 230 -17.71 -12.62 -22.17
N LEU B 231 -18.27 -12.53 -20.98
CA LEU B 231 -17.52 -12.05 -19.83
C LEU B 231 -16.33 -12.98 -19.50
N ILE B 232 -16.54 -14.29 -19.67
CA ILE B 232 -15.46 -15.20 -19.33
C ILE B 232 -14.39 -15.02 -20.39
N THR B 233 -14.74 -15.20 -21.66
CA THR B 233 -13.75 -15.08 -22.72
C THR B 233 -12.92 -13.80 -22.61
N LEU B 234 -13.53 -12.66 -22.31
CA LEU B 234 -12.75 -11.46 -22.16
C LEU B 234 -11.79 -11.58 -21.00
N THR B 235 -12.22 -12.24 -19.92
CA THR B 235 -11.38 -12.34 -18.73
C THR B 235 -10.17 -13.22 -19.03
N VAL B 236 -10.38 -14.29 -19.77
CA VAL B 236 -9.29 -15.20 -20.06
C VAL B 236 -8.28 -14.51 -20.96
N ALA B 237 -8.75 -13.93 -22.06
CA ALA B 237 -7.96 -13.07 -22.94
C ALA B 237 -7.15 -12.04 -22.17
N ASP B 238 -7.76 -11.33 -21.24
CA ASP B 238 -6.98 -10.38 -20.49
C ASP B 238 -5.88 -11.06 -19.72
N VAL B 239 -6.14 -12.21 -19.14
CA VAL B 239 -5.14 -12.83 -18.30
C VAL B 239 -4.05 -13.33 -19.22
N ILE B 240 -4.40 -13.89 -20.35
CA ILE B 240 -3.38 -14.41 -21.22
C ILE B 240 -2.47 -13.32 -21.75
N VAL B 241 -3.02 -12.19 -22.11
CA VAL B 241 -2.28 -11.14 -22.77
C VAL B 241 -1.54 -10.29 -21.74
N LYS B 242 -2.19 -9.89 -20.67
CA LYS B 242 -1.54 -9.04 -19.70
C LYS B 242 -0.59 -9.85 -18.82
N LEU B 243 -0.99 -11.03 -18.38
CA LEU B 243 -0.20 -11.79 -17.43
C LEU B 243 0.67 -12.77 -18.22
N GLY B 244 0.05 -13.61 -19.01
CA GLY B 244 0.78 -14.57 -19.81
C GLY B 244 1.89 -13.97 -20.66
N PHE B 245 1.70 -12.79 -21.23
CA PHE B 245 2.71 -12.26 -22.12
C PHE B 245 3.52 -11.15 -21.42
N SER B 246 3.43 -11.12 -20.08
CA SER B 246 4.13 -10.11 -19.30
C SER B 246 5.62 -10.40 -19.22
N THR B 247 6.06 -11.58 -19.64
CA THR B 247 7.48 -11.91 -19.56
C THR B 247 8.16 -11.88 -20.92
N GLN B 248 7.42 -11.76 -22.00
CA GLN B 248 8.03 -11.78 -23.31
C GLN B 248 9.00 -10.62 -23.47
N THR B 249 8.54 -9.42 -23.14
CA THR B 249 9.37 -8.24 -23.28
C THR B 249 10.43 -8.21 -22.19
N HIS B 250 10.10 -8.74 -21.01
CA HIS B 250 11.08 -8.84 -19.95
C HIS B 250 12.26 -9.70 -20.40
N ARG B 251 12.01 -10.85 -21.02
CA ARG B 251 13.11 -11.63 -21.52
C ARG B 251 13.86 -10.85 -22.57
N VAL B 252 13.15 -10.09 -23.42
CA VAL B 252 13.82 -9.37 -24.48
C VAL B 252 14.75 -8.33 -23.87
N ALA B 253 14.21 -7.63 -22.87
CA ALA B 253 14.95 -6.57 -22.23
C ALA B 253 16.16 -7.14 -21.49
N LYS B 254 15.99 -8.29 -20.81
CA LYS B 254 17.09 -8.96 -20.13
C LYS B 254 18.15 -9.42 -21.10
N LEU B 255 17.75 -9.95 -22.22
CA LEU B 255 18.79 -10.44 -23.09
C LEU B 255 19.50 -9.27 -23.73
N ARG B 256 18.86 -8.11 -23.75
CA ARG B 256 19.49 -6.94 -24.35
C ARG B 256 20.43 -6.34 -23.32
N THR B 257 19.97 -6.24 -22.08
CA THR B 257 20.85 -5.82 -21.01
C THR B 257 22.14 -6.64 -21.00
N ALA B 258 21.97 -7.96 -21.03
CA ALA B 258 23.09 -8.85 -20.94
C ALA B 258 24.03 -8.71 -22.11
N GLU B 259 23.53 -8.39 -23.28
CA GLU B 259 24.42 -8.28 -24.44
C GLU B 259 25.28 -7.03 -24.31
N ASP B 260 24.72 -5.96 -23.73
CA ASP B 260 25.46 -4.73 -23.50
C ASP B 260 26.58 -4.98 -22.50
N VAL B 261 26.23 -5.67 -21.42
CA VAL B 261 27.21 -6.09 -20.45
C VAL B 261 28.28 -6.97 -21.08
N ARG B 262 27.95 -7.83 -22.02
CA ARG B 262 29.01 -8.66 -22.57
C ARG B 262 29.88 -7.88 -23.53
N ALA B 263 29.35 -6.81 -24.11
CA ALA B 263 30.06 -6.01 -25.06
C ALA B 263 30.92 -4.96 -24.37
N GLY B 264 30.73 -4.79 -23.05
CA GLY B 264 31.45 -3.79 -22.30
C GLY B 264 30.84 -2.39 -22.48
N ASP B 265 29.63 -2.37 -23.01
CA ASP B 265 28.90 -1.14 -23.16
C ASP B 265 28.21 -0.77 -21.84
N ASP B 266 27.97 -1.73 -20.98
CA ASP B 266 27.41 -1.39 -19.70
C ASP B 266 27.88 -2.39 -18.66
N VAL B 267 27.40 -2.19 -17.46
CA VAL B 267 27.65 -3.08 -16.36
C VAL B 267 26.30 -3.30 -15.71
N HIS B 268 26.19 -4.35 -14.92
CA HIS B 268 24.95 -4.65 -14.26
C HIS B 268 25.36 -5.26 -12.93
N PRO B 269 24.71 -4.84 -11.87
CA PRO B 269 25.12 -5.25 -10.53
C PRO B 269 24.98 -6.72 -10.19
N GLU B 270 24.13 -7.45 -10.92
CA GLU B 270 23.85 -8.83 -10.60
C GLU B 270 24.01 -9.63 -11.88
N SER B 271 24.22 -10.94 -11.77
CA SER B 271 24.24 -11.75 -12.97
C SER B 271 22.83 -11.82 -13.56
N ILE B 272 22.76 -12.10 -14.86
CA ILE B 272 21.47 -12.19 -15.52
C ILE B 272 21.28 -13.61 -15.97
N TRP B 273 20.08 -14.14 -15.70
CA TRP B 273 19.74 -15.53 -16.01
C TRP B 273 18.53 -15.55 -16.89
N ILE B 274 18.56 -16.33 -17.96
CA ILE B 274 17.40 -16.46 -18.82
C ILE B 274 17.29 -17.93 -19.15
N SER B 275 16.19 -18.55 -18.68
CA SER B 275 15.93 -19.95 -18.91
C SER B 275 17.04 -20.77 -18.26
N SER B 276 17.46 -20.30 -17.08
CA SER B 276 18.39 -21.04 -16.25
C SER B 276 19.79 -21.06 -16.84
N VAL B 277 20.00 -20.35 -17.95
CA VAL B 277 21.35 -20.11 -18.45
C VAL B 277 21.83 -18.71 -18.07
N LYS B 278 23.10 -18.62 -17.67
CA LYS B 278 23.68 -17.34 -17.30
C LYS B 278 23.97 -16.58 -18.59
N GLN B 279 23.51 -15.34 -18.63
CA GLN B 279 23.66 -14.52 -19.81
C GLN B 279 24.80 -13.54 -19.61
N SER B 280 24.89 -12.91 -18.45
CA SER B 280 25.96 -11.99 -18.12
C SER B 280 26.35 -12.15 -16.66
N ASP B 281 27.59 -11.78 -16.30
CA ASP B 281 28.04 -11.76 -14.91
C ASP B 281 27.81 -10.39 -14.28
N ALA B 282 27.71 -10.35 -12.94
CA ALA B 282 27.68 -9.08 -12.21
C ALA B 282 29.00 -8.33 -12.43
N GLY B 283 28.94 -7.02 -12.26
CA GLY B 283 30.11 -6.21 -12.52
C GLY B 283 29.92 -4.86 -11.85
N LEU B 284 31.03 -4.16 -11.58
CA LEU B 284 30.94 -2.83 -11.01
C LEU B 284 31.41 -1.82 -12.02
N PRO B 285 30.88 -0.58 -11.91
CA PRO B 285 31.25 0.52 -12.78
C PRO B 285 32.73 0.64 -12.61
N ARG B 286 33.48 0.51 -13.70
CA ARG B 286 34.93 0.67 -13.61
C ARG B 286 35.38 1.98 -14.25
N ASN C 5 -26.20 -38.83 -0.32
CA ASN C 5 -26.36 -37.64 -1.19
C ASN C 5 -25.38 -36.55 -0.72
N VAL C 6 -25.24 -35.49 -1.51
CA VAL C 6 -24.44 -34.37 -1.11
C VAL C 6 -25.34 -33.38 -0.39
N SER C 7 -24.88 -33.03 0.81
CA SER C 7 -25.51 -32.02 1.64
C SER C 7 -24.59 -30.82 1.70
N VAL C 8 -24.94 -29.76 1.01
CA VAL C 8 -23.97 -28.72 0.79
C VAL C 8 -23.64 -28.09 2.12
N PRO C 9 -22.38 -27.76 2.36
CA PRO C 9 -21.95 -27.22 3.65
C PRO C 9 -22.61 -25.91 4.04
N TRP C 10 -23.01 -25.11 3.04
CA TRP C 10 -23.51 -23.76 3.25
C TRP C 10 -25.02 -23.78 3.52
N GLY C 11 -25.59 -24.97 3.65
CA GLY C 11 -26.96 -25.09 4.09
C GLY C 11 -27.14 -25.06 5.61
N ALA C 12 -26.07 -25.16 6.39
CA ALA C 12 -26.24 -25.48 7.80
C ALA C 12 -26.29 -24.21 8.63
N THR C 13 -27.07 -24.27 9.72
CA THR C 13 -27.13 -23.18 10.68
C THR C 13 -26.03 -23.37 11.71
N LEU C 14 -25.31 -22.29 12.02
CA LEU C 14 -24.17 -22.39 12.90
C LEU C 14 -24.57 -21.95 14.31
N SER C 15 -24.23 -22.77 15.31
CA SER C 15 -24.20 -22.32 16.68
C SER C 15 -23.29 -21.10 16.84
N ASN C 16 -23.41 -20.44 18.00
CA ASN C 16 -22.61 -19.27 18.32
C ASN C 16 -21.15 -19.68 18.48
N ALA C 17 -20.92 -20.77 19.21
CA ALA C 17 -19.57 -21.26 19.32
C ALA C 17 -18.97 -21.41 17.93
N GLU C 18 -19.72 -22.10 17.06
CA GLU C 18 -19.30 -22.44 15.73
C GLU C 18 -19.01 -21.18 14.95
N HIS C 19 -19.91 -20.21 15.01
CA HIS C 19 -19.68 -19.02 14.22
C HIS C 19 -18.49 -18.24 14.75
N GLN C 20 -18.16 -18.45 16.02
CA GLN C 20 -17.12 -17.66 16.67
C GLN C 20 -15.79 -18.26 16.25
N LEU C 21 -15.64 -19.58 16.46
CA LEU C 21 -14.50 -20.35 15.96
C LEU C 21 -14.22 -20.09 14.48
N ILE C 22 -15.24 -20.03 13.62
CA ILE C 22 -14.91 -19.87 12.21
C ILE C 22 -14.25 -18.52 12.02
N PHE C 23 -14.82 -17.47 12.61
CA PHE C 23 -14.28 -16.13 12.41
C PHE C 23 -12.85 -16.02 12.96
N TYR C 24 -12.62 -16.71 14.07
CA TYR C 24 -11.29 -16.75 14.64
C TYR C 24 -10.29 -17.28 13.62
N PHE C 25 -10.46 -18.54 13.18
CA PHE C 25 -9.54 -19.13 12.23
C PHE C 25 -9.48 -18.30 10.95
N LEU C 26 -10.58 -17.86 10.42
CA LEU C 26 -10.42 -17.10 9.20
C LEU C 26 -9.55 -15.88 9.39
N VAL C 27 -9.58 -15.24 10.55
CA VAL C 27 -8.91 -13.96 10.64
C VAL C 27 -7.48 -14.23 11.08
N VAL C 28 -7.32 -15.20 11.96
CA VAL C 28 -5.98 -15.64 12.26
C VAL C 28 -5.23 -15.99 10.98
N ALA C 29 -5.88 -16.62 9.99
CA ALA C 29 -5.21 -16.96 8.76
C ALA C 29 -4.78 -15.69 8.03
N ALA C 30 -5.73 -14.79 7.84
CA ALA C 30 -5.40 -13.56 7.13
C ALA C 30 -4.22 -12.85 7.77
N LEU C 31 -4.16 -12.86 9.11
CA LEU C 31 -3.12 -12.12 9.79
C LEU C 31 -1.79 -12.88 9.69
N ALA C 32 -1.83 -14.19 9.86
CA ALA C 32 -0.65 -14.97 9.57
C ALA C 32 -0.13 -14.71 8.15
N PHE C 33 -1.00 -14.56 7.15
CA PHE C 33 -0.50 -14.35 5.81
C PHE C 33 0.13 -12.97 5.71
N VAL C 34 -0.35 -12.00 6.47
CA VAL C 34 0.24 -10.67 6.38
C VAL C 34 1.66 -10.75 6.94
N ALA C 35 1.79 -11.42 8.07
CA ALA C 35 3.09 -11.63 8.62
C ALA C 35 3.98 -12.34 7.60
N GLY C 36 3.50 -13.42 7.00
CA GLY C 36 4.30 -14.16 6.03
C GLY C 36 4.70 -13.29 4.84
N PHE C 37 3.76 -12.48 4.38
CA PHE C 37 4.07 -11.62 3.26
C PHE C 37 5.21 -10.68 3.64
N ILE C 38 5.17 -10.14 4.85
CA ILE C 38 6.20 -9.21 5.26
C ILE C 38 7.55 -9.91 5.36
N ARG C 39 7.57 -11.12 5.89
CA ARG C 39 8.81 -11.84 6.05
C ARG C 39 9.44 -12.06 4.67
N THR C 40 8.61 -12.56 3.75
CA THR C 40 9.09 -12.96 2.45
C THR C 40 9.63 -11.75 1.71
N TYR C 41 9.00 -10.60 1.90
CA TYR C 41 9.44 -9.38 1.24
C TYR C 41 10.78 -8.93 1.81
N ILE C 42 10.89 -8.90 3.14
CA ILE C 42 12.08 -8.44 3.84
C ILE C 42 13.25 -9.36 3.51
N THR C 43 13.01 -10.60 3.16
CA THR C 43 14.12 -11.51 2.92
C THR C 43 14.30 -11.86 1.44
N ARG C 44 13.69 -11.09 0.54
CA ARG C 44 13.76 -11.44 -0.87
C ARG C 44 15.18 -11.42 -1.44
N ASN C 45 16.07 -10.58 -0.91
CA ASN C 45 17.42 -10.52 -1.43
C ASN C 45 18.39 -11.47 -0.71
N GLU C 46 17.91 -12.47 0.02
CA GLU C 46 18.81 -13.48 0.53
C GLU C 46 19.12 -14.49 -0.57
N VAL C 47 18.44 -14.36 -1.72
CA VAL C 47 18.51 -15.34 -2.77
C VAL C 47 19.15 -14.70 -3.99
N GLY C 48 20.01 -15.45 -4.68
CA GLY C 48 20.57 -14.93 -5.92
C GLY C 48 19.53 -14.72 -7.01
N SER C 49 19.86 -13.87 -7.99
CA SER C 49 19.06 -13.66 -9.19
C SER C 49 18.77 -14.98 -9.91
N ARG C 50 19.65 -15.97 -9.84
CA ARG C 50 19.33 -17.23 -10.47
C ARG C 50 18.05 -17.89 -9.96
N TYR C 51 17.68 -17.66 -8.68
CA TYR C 51 16.54 -18.34 -8.09
C TYR C 51 15.52 -17.31 -7.69
N ARG C 52 15.53 -16.12 -8.28
CA ARG C 52 14.54 -15.14 -7.88
C ARG C 52 13.12 -15.64 -8.15
N THR C 53 12.93 -16.54 -9.11
CA THR C 53 11.57 -16.99 -9.39
C THR C 53 10.93 -17.63 -8.16
N ALA C 54 11.69 -18.51 -7.49
CA ALA C 54 11.20 -19.08 -6.26
C ALA C 54 10.65 -17.99 -5.35
N VAL C 55 11.38 -16.91 -5.17
CA VAL C 55 10.97 -15.86 -4.26
C VAL C 55 9.70 -15.20 -4.78
N SER C 56 9.64 -14.95 -6.09
CA SER C 56 8.52 -14.18 -6.59
C SER C 56 7.26 -15.02 -6.49
N ALA C 57 7.39 -16.31 -6.82
CA ALA C 57 6.23 -17.18 -6.76
C ALA C 57 5.68 -17.11 -5.34
N ARG C 58 6.56 -17.31 -4.35
CA ARG C 58 6.15 -17.39 -2.95
C ARG C 58 5.54 -16.09 -2.47
N LEU C 59 6.14 -14.98 -2.85
CA LEU C 59 5.60 -13.71 -2.40
C LEU C 59 4.26 -13.48 -3.07
N GLY C 60 4.12 -14.02 -4.28
CA GLY C 60 2.88 -13.93 -5.02
C GLY C 60 1.82 -14.77 -4.32
N MET C 61 2.19 -16.01 -4.03
CA MET C 61 1.24 -16.87 -3.37
C MET C 61 0.78 -16.24 -2.05
N LEU C 62 1.64 -15.56 -1.29
CA LEU C 62 1.25 -15.05 0.01
C LEU C 62 0.36 -13.84 -0.17
N GLY C 63 0.63 -13.04 -1.18
CA GLY C 63 -0.22 -11.89 -1.47
C GLY C 63 -1.61 -12.35 -1.90
N VAL C 64 -1.66 -13.38 -2.73
CA VAL C 64 -2.93 -13.90 -3.19
C VAL C 64 -3.71 -14.42 -1.99
N ALA C 65 -3.04 -15.16 -1.11
CA ALA C 65 -3.73 -15.77 0.00
C ALA C 65 -4.32 -14.69 0.87
N LEU C 66 -3.55 -13.63 1.10
CA LEU C 66 -3.96 -12.55 1.96
C LEU C 66 -5.22 -11.89 1.39
N LEU C 67 -5.26 -11.64 0.09
CA LEU C 67 -6.44 -11.01 -0.49
C LEU C 67 -7.61 -11.99 -0.47
N ALA C 68 -7.38 -13.22 -0.91
CA ALA C 68 -8.44 -14.20 -0.89
C ALA C 68 -9.04 -14.32 0.50
N TYR C 69 -8.22 -14.27 1.55
CA TYR C 69 -8.72 -14.50 2.88
C TYR C 69 -9.48 -13.27 3.34
N ILE C 70 -9.19 -12.11 2.77
CA ILE C 70 -9.97 -10.96 3.11
C ILE C 70 -11.38 -11.13 2.53
N LEU C 71 -11.46 -11.55 1.27
CA LEU C 71 -12.75 -11.83 0.68
C LEU C 71 -13.52 -12.87 1.49
N ILE C 72 -12.86 -13.96 1.87
CA ILE C 72 -13.57 -15.01 2.56
C ILE C 72 -14.18 -14.42 3.81
N ILE C 73 -13.44 -13.52 4.48
CA ILE C 73 -13.91 -12.93 5.71
C ILE C 73 -15.14 -12.07 5.44
N VAL C 74 -15.09 -11.30 4.36
CA VAL C 74 -16.24 -10.50 3.97
C VAL C 74 -17.41 -11.45 3.73
N ALA C 75 -17.26 -12.37 2.78
CA ALA C 75 -18.29 -13.35 2.49
C ALA C 75 -18.87 -13.98 3.76
N PHE C 76 -18.08 -14.14 4.81
CA PHE C 76 -18.57 -14.82 5.99
C PHE C 76 -19.47 -13.88 6.78
N LEU C 77 -19.01 -12.64 6.91
CA LEU C 77 -19.74 -11.63 7.65
C LEU C 77 -21.05 -11.29 6.94
N LEU C 78 -21.05 -11.42 5.61
CA LEU C 78 -22.25 -11.16 4.82
C LEU C 78 -22.97 -12.44 4.40
N GLY C 79 -22.89 -13.52 5.17
CA GLY C 79 -23.39 -14.80 4.67
C GLY C 79 -24.26 -15.52 5.71
N TYR C 80 -24.17 -15.09 6.97
CA TYR C 80 -25.00 -15.66 8.02
C TYR C 80 -25.55 -14.54 8.90
N ASP C 81 -26.77 -14.71 9.45
CA ASP C 81 -27.47 -13.71 10.30
C ASP C 81 -27.89 -14.32 11.63
N SER C 82 -27.65 -13.65 12.76
CA SER C 82 -27.99 -14.30 14.05
C SER C 82 -29.51 -14.27 14.17
N THR C 83 -30.11 -15.41 14.45
CA THR C 83 -31.58 -15.50 14.38
C THR C 83 -32.05 -16.32 15.57
N ALA C 84 -31.40 -16.19 16.73
CA ALA C 84 -31.96 -16.92 17.89
C ALA C 84 -31.63 -18.38 17.65
N GLY C 85 -31.95 -18.90 16.46
CA GLY C 85 -31.46 -20.24 16.06
C GLY C 85 -30.10 -20.02 15.46
N GLY C 86 -29.11 -19.65 16.27
CA GLY C 86 -27.72 -19.47 15.83
C GLY C 86 -27.55 -18.56 14.66
N TRP C 87 -26.66 -18.90 13.77
CA TRP C 87 -26.44 -18.10 12.56
C TRP C 87 -26.98 -18.88 11.42
N VAL C 88 -27.81 -18.24 10.60
CA VAL C 88 -28.54 -18.97 9.55
C VAL C 88 -28.00 -18.49 8.24
N PRO C 89 -27.60 -19.45 7.38
CA PRO C 89 -27.03 -19.11 6.13
C PRO C 89 -27.93 -18.35 5.15
N ASN C 90 -27.46 -17.27 4.56
CA ASN C 90 -28.19 -16.55 3.49
C ASN C 90 -27.74 -17.11 2.16
N ASP C 91 -28.10 -16.49 1.06
CA ASP C 91 -27.77 -17.02 -0.28
C ASP C 91 -26.42 -16.50 -0.75
N GLY C 92 -25.56 -16.09 0.17
CA GLY C 92 -24.21 -15.75 -0.21
C GLY C 92 -23.20 -16.59 0.57
N ALA C 93 -23.72 -17.52 1.39
CA ALA C 93 -22.87 -18.36 2.20
C ALA C 93 -22.06 -19.25 1.27
N ILE C 94 -22.64 -19.62 0.13
CA ILE C 94 -21.94 -20.42 -0.84
C ILE C 94 -20.62 -19.73 -1.23
N ASN C 95 -20.51 -18.42 -1.03
CA ASN C 95 -19.38 -17.68 -1.53
C ASN C 95 -18.21 -17.83 -0.57
N ILE C 96 -18.51 -18.22 0.66
CA ILE C 96 -17.47 -18.64 1.57
C ILE C 96 -16.77 -19.88 1.02
N PHE C 97 -17.49 -20.72 0.28
CA PHE C 97 -16.90 -21.96 -0.18
C PHE C 97 -16.30 -21.76 -1.56
N SER C 98 -16.78 -20.76 -2.26
CA SER C 98 -16.39 -20.56 -3.63
C SER C 98 -15.04 -19.84 -3.64
N THR C 99 -14.90 -18.88 -2.74
CA THR C 99 -13.72 -18.04 -2.74
C THR C 99 -12.49 -18.88 -2.50
N ARG C 100 -12.64 -20.00 -1.79
CA ARG C 100 -11.48 -20.78 -1.48
C ARG C 100 -10.97 -21.46 -2.75
N TYR C 101 -11.88 -22.05 -3.55
CA TYR C 101 -11.53 -22.58 -4.86
C TYR C 101 -10.90 -21.51 -5.74
N ILE C 102 -11.36 -20.27 -5.56
CA ILE C 102 -10.80 -19.20 -6.34
C ILE C 102 -9.32 -19.11 -5.97
N GLU C 103 -9.06 -18.92 -4.67
CA GLU C 103 -7.73 -18.81 -4.12
C GLU C 103 -6.83 -19.98 -4.55
N TRP C 104 -7.30 -21.20 -4.52
CA TRP C 104 -6.42 -22.30 -4.91
C TRP C 104 -6.08 -22.23 -6.38
N THR C 105 -6.89 -21.52 -7.15
CA THR C 105 -6.69 -21.61 -8.57
C THR C 105 -5.43 -20.84 -8.91
N VAL C 106 -5.18 -19.75 -8.18
CA VAL C 106 -3.95 -19.05 -8.41
C VAL C 106 -2.83 -19.68 -7.59
N SER C 107 -3.10 -19.96 -6.32
CA SER C 107 -2.05 -20.29 -5.38
C SER C 107 -1.41 -21.64 -5.71
N VAL C 108 -2.19 -22.62 -6.10
CA VAL C 108 -1.56 -23.90 -6.28
C VAL C 108 -0.62 -23.88 -7.47
N PRO C 109 -0.96 -23.27 -8.62
CA PRO C 109 0.01 -23.16 -9.72
C PRO C 109 1.27 -22.38 -9.32
N LEU C 110 1.12 -21.33 -8.50
CA LEU C 110 2.26 -20.65 -7.92
C LEU C 110 3.15 -21.61 -7.14
N LEU C 111 2.57 -22.53 -6.39
CA LEU C 111 3.36 -23.50 -5.65
C LEU C 111 4.16 -24.34 -6.63
N THR C 112 3.56 -24.77 -7.73
CA THR C 112 4.33 -25.60 -8.65
C THR C 112 5.47 -24.79 -9.25
N ILE C 113 5.21 -23.51 -9.54
CA ILE C 113 6.23 -22.66 -10.13
C ILE C 113 7.41 -22.55 -9.17
N GLU C 114 7.12 -22.30 -7.90
CA GLU C 114 8.12 -22.22 -6.86
C GLU C 114 8.97 -23.47 -6.77
N LEU C 115 8.35 -24.63 -6.72
CA LEU C 115 9.13 -25.83 -6.52
C LEU C 115 9.99 -26.10 -7.75
N LEU C 116 9.47 -25.87 -8.95
CA LEU C 116 10.26 -26.16 -10.15
C LEU C 116 11.41 -25.16 -10.24
N ALA C 117 11.22 -23.97 -9.68
CA ALA C 117 12.24 -22.92 -9.71
C ALA C 117 13.52 -23.39 -9.04
N VAL C 118 13.41 -24.24 -8.02
CA VAL C 118 14.59 -24.66 -7.30
C VAL C 118 14.98 -26.07 -7.72
N CYS C 119 14.64 -26.45 -8.95
CA CYS C 119 15.07 -27.74 -9.46
C CYS C 119 16.09 -27.49 -10.58
N ALA C 120 16.78 -28.56 -11.00
CA ALA C 120 17.92 -28.44 -11.88
C ALA C 120 17.56 -28.78 -13.32
N THR C 121 16.66 -27.98 -13.93
CA THR C 121 16.12 -28.32 -15.23
C THR C 121 16.35 -27.15 -16.20
N LEU C 122 16.61 -27.49 -17.48
CA LEU C 122 17.04 -26.54 -18.48
C LEU C 122 16.24 -26.70 -19.78
N GLY C 123 15.86 -25.56 -20.36
CA GLY C 123 15.45 -25.49 -21.74
C GLY C 123 14.00 -25.95 -21.93
N VAL C 124 13.81 -26.95 -22.80
CA VAL C 124 12.48 -27.39 -23.16
C VAL C 124 11.88 -28.09 -21.94
N GLN C 125 12.62 -29.05 -21.37
CA GLN C 125 12.13 -29.80 -20.22
C GLN C 125 11.58 -28.84 -19.17
N ALA C 126 12.29 -27.73 -18.91
CA ALA C 126 11.87 -26.82 -17.86
C ALA C 126 10.61 -26.05 -18.24
N ARG C 127 10.45 -25.77 -19.53
CA ARG C 127 9.28 -25.04 -20.02
C ARG C 127 8.10 -26.02 -20.14
N ARG C 128 8.38 -27.26 -20.54
CA ARG C 128 7.34 -28.27 -20.60
C ARG C 128 6.85 -28.59 -19.21
N ASN C 129 7.77 -28.70 -18.25
CA ASN C 129 7.42 -28.99 -16.88
C ASN C 129 6.50 -27.91 -16.35
N THR C 130 6.82 -26.66 -16.60
CA THR C 130 6.09 -25.60 -15.95
C THR C 130 4.72 -25.47 -16.60
N ALA C 131 4.64 -25.84 -17.86
CA ALA C 131 3.39 -25.71 -18.59
C ALA C 131 2.41 -26.78 -18.12
N ILE C 132 2.89 -28.02 -18.07
CA ILE C 132 2.04 -29.12 -17.64
C ILE C 132 1.59 -28.94 -16.19
N ALA C 133 2.47 -28.48 -15.32
CA ALA C 133 2.17 -28.42 -13.91
C ALA C 133 1.18 -27.30 -13.64
N VAL C 134 1.40 -26.15 -14.25
CA VAL C 134 0.51 -25.02 -14.02
C VAL C 134 -0.86 -25.31 -14.62
N THR C 135 -0.90 -26.14 -15.64
CA THR C 135 -2.14 -26.44 -16.32
C THR C 135 -2.89 -27.47 -15.48
N ALA C 136 -2.20 -28.56 -15.18
CA ALA C 136 -2.79 -29.67 -14.47
C ALA C 136 -3.31 -29.19 -13.11
N THR C 137 -2.63 -28.24 -12.48
CA THR C 137 -3.08 -27.87 -11.16
C THR C 137 -4.27 -26.93 -11.26
N GLY C 138 -4.29 -26.01 -12.20
CA GLY C 138 -5.44 -25.12 -12.32
C GLY C 138 -6.67 -25.91 -12.78
N ALA C 139 -6.45 -26.90 -13.63
CA ALA C 139 -7.52 -27.76 -14.05
C ALA C 139 -8.07 -28.52 -12.84
N MET C 140 -7.17 -29.08 -12.04
CA MET C 140 -7.55 -29.81 -10.83
C MET C 140 -8.42 -28.93 -9.92
N ILE C 141 -8.14 -27.65 -9.82
CA ILE C 141 -8.96 -26.87 -8.93
C ILE C 141 -10.31 -26.64 -9.55
N PHE C 142 -10.37 -26.55 -10.88
CA PHE C 142 -11.55 -26.02 -11.56
C PHE C 142 -12.56 -27.15 -11.64
N CYS C 143 -12.08 -28.35 -11.94
CA CYS C 143 -12.90 -29.53 -11.83
C CYS C 143 -13.55 -29.65 -10.46
N GLY C 144 -12.82 -29.30 -9.40
CA GLY C 144 -13.36 -29.35 -8.05
C GLY C 144 -14.51 -28.39 -7.93
N PHE C 145 -14.26 -27.15 -8.33
CA PHE C 145 -15.25 -26.09 -8.34
C PHE C 145 -16.49 -26.47 -9.16
N LEU C 146 -16.31 -27.26 -10.19
CA LEU C 146 -17.46 -27.64 -10.96
C LEU C 146 -18.34 -28.53 -10.09
N GLY C 147 -17.80 -29.68 -9.64
CA GLY C 147 -18.51 -30.68 -8.86
C GLY C 147 -19.14 -30.06 -7.59
N ALA C 148 -18.44 -29.17 -6.93
CA ALA C 148 -18.85 -28.77 -5.62
C ALA C 148 -19.75 -27.55 -5.62
N ILE C 149 -19.68 -26.72 -6.65
CA ILE C 149 -20.31 -25.40 -6.57
C ILE C 149 -21.23 -25.14 -7.75
N VAL C 150 -20.82 -25.53 -8.96
CA VAL C 150 -21.39 -24.94 -10.16
C VAL C 150 -22.52 -25.84 -10.63
N ILE C 151 -22.21 -27.08 -10.95
CA ILE C 151 -23.26 -27.98 -11.36
C ILE C 151 -24.29 -28.23 -10.25
N ASP C 152 -25.55 -27.91 -10.55
CA ASP C 152 -26.70 -28.20 -9.71
C ASP C 152 -26.60 -27.49 -8.38
N ASN C 153 -25.76 -26.48 -8.31
CA ASN C 153 -25.60 -25.75 -7.08
C ASN C 153 -24.89 -26.59 -6.01
N GLY C 154 -24.11 -27.57 -6.44
CA GLY C 154 -23.38 -28.42 -5.52
C GLY C 154 -24.13 -29.70 -5.20
N THR C 155 -25.36 -29.84 -5.66
CA THR C 155 -26.18 -30.86 -5.05
C THR C 155 -26.23 -32.12 -5.87
N ASN C 156 -25.43 -32.26 -6.92
CA ASN C 156 -25.61 -33.43 -7.74
C ASN C 156 -24.55 -34.43 -7.36
N THR C 157 -24.93 -35.54 -6.75
CA THR C 157 -23.93 -36.41 -6.16
C THR C 157 -23.02 -36.97 -7.23
N GLY C 158 -23.59 -37.35 -8.39
CA GLY C 158 -22.81 -37.94 -9.46
C GLY C 158 -21.88 -36.90 -10.10
N ALA C 159 -22.36 -35.69 -10.31
CA ALA C 159 -21.46 -34.66 -10.75
C ALA C 159 -20.32 -34.57 -9.73
N PHE C 160 -20.70 -34.41 -8.47
CA PHE C 160 -19.83 -34.07 -7.35
C PHE C 160 -18.69 -35.07 -7.31
N ILE C 161 -19.05 -36.33 -7.56
CA ILE C 161 -18.09 -37.40 -7.50
C ILE C 161 -17.24 -37.43 -8.76
N LEU C 162 -17.89 -37.35 -9.93
CA LEU C 162 -17.25 -37.52 -11.22
C LEU C 162 -16.26 -36.39 -11.44
N TRP C 163 -16.64 -35.18 -11.11
CA TRP C 163 -15.69 -34.10 -11.22
C TRP C 163 -14.52 -34.26 -10.24
N ALA C 164 -14.73 -34.86 -9.09
CA ALA C 164 -13.61 -35.09 -8.18
C ALA C 164 -12.68 -36.15 -8.75
N VAL C 165 -13.22 -37.05 -9.56
CA VAL C 165 -12.38 -38.08 -10.16
C VAL C 165 -11.46 -37.50 -11.21
N ILE C 166 -12.05 -36.77 -12.16
CA ILE C 166 -11.34 -35.97 -13.14
C ILE C 166 -10.27 -35.12 -12.46
N SER C 167 -10.67 -34.35 -11.44
CA SER C 167 -9.75 -33.59 -10.62
C SER C 167 -8.60 -34.44 -10.11
N CYS C 168 -8.82 -35.71 -9.80
CA CYS C 168 -7.75 -36.53 -9.24
C CYS C 168 -6.80 -36.98 -10.32
N VAL C 169 -7.24 -36.98 -11.58
CA VAL C 169 -6.37 -37.30 -12.67
C VAL C 169 -5.40 -36.15 -12.87
N PHE C 170 -5.91 -34.91 -12.85
CA PHE C 170 -5.02 -33.79 -13.00
C PHE C 170 -4.04 -33.70 -11.82
N TRP C 171 -4.38 -34.34 -10.72
CA TRP C 171 -3.61 -34.26 -9.50
C TRP C 171 -2.44 -35.23 -9.62
N VAL C 172 -2.70 -36.36 -10.26
CA VAL C 172 -1.66 -37.35 -10.50
C VAL C 172 -0.70 -36.84 -11.56
N ILE C 173 -1.22 -36.17 -12.59
CA ILE C 173 -0.36 -35.63 -13.64
C ILE C 173 0.59 -34.62 -13.02
N ALA C 174 0.07 -33.70 -12.23
CA ALA C 174 0.88 -32.69 -11.59
C ALA C 174 1.97 -33.34 -10.76
N ASN C 175 1.63 -34.38 -10.01
CA ASN C 175 2.58 -34.96 -9.10
C ASN C 175 3.69 -35.63 -9.89
N VAL C 176 3.31 -36.35 -10.93
CA VAL C 176 4.28 -37.09 -11.68
C VAL C 176 5.29 -36.11 -12.26
N VAL C 177 4.78 -35.09 -12.92
CA VAL C 177 5.62 -34.05 -13.45
C VAL C 177 6.57 -33.55 -12.36
N LEU C 178 6.04 -33.08 -11.24
CA LEU C 178 6.86 -32.50 -10.20
C LEU C 178 7.85 -33.53 -9.66
N ILE C 179 7.34 -34.70 -9.27
CA ILE C 179 8.19 -35.71 -8.67
C ILE C 179 9.34 -36.05 -9.59
N ARG C 180 9.08 -36.11 -10.89
CA ARG C 180 10.14 -36.51 -11.81
C ARG C 180 11.18 -35.38 -11.87
N ALA C 181 10.72 -34.13 -11.83
CA ALA C 181 11.62 -32.98 -11.95
C ALA C 181 12.57 -32.94 -10.76
N VAL C 182 12.01 -33.15 -9.56
CA VAL C 182 12.80 -33.17 -8.35
C VAL C 182 13.78 -34.33 -8.35
N ARG C 183 13.55 -35.37 -9.14
CA ARG C 183 14.36 -36.56 -8.99
C ARG C 183 15.31 -36.66 -10.18
N GLN C 184 15.14 -35.75 -11.14
CA GLN C 184 16.16 -35.49 -12.14
C GLN C 184 17.09 -34.39 -11.66
N SER C 185 16.70 -33.71 -10.57
CA SER C 185 17.52 -32.66 -9.99
C SER C 185 18.62 -33.27 -9.16
N LEU C 186 18.18 -34.17 -8.27
CA LEU C 186 18.96 -34.67 -7.15
C LEU C 186 20.31 -35.25 -7.59
N PRO C 187 20.43 -35.89 -8.77
CA PRO C 187 21.72 -36.40 -9.21
C PRO C 187 22.82 -35.35 -9.45
N THR C 188 22.41 -34.09 -9.68
CA THR C 188 23.33 -33.04 -10.07
C THR C 188 23.65 -32.11 -8.89
N LEU C 189 22.92 -32.23 -7.79
CA LEU C 189 23.12 -31.33 -6.65
C LEU C 189 24.20 -31.90 -5.72
N THR C 190 24.51 -31.12 -4.69
CA THR C 190 25.43 -31.54 -3.65
C THR C 190 24.62 -32.27 -2.58
N PRO C 191 25.27 -33.18 -1.82
CA PRO C 191 24.59 -33.85 -0.71
C PRO C 191 23.64 -32.93 0.06
N GLU C 192 24.18 -31.82 0.55
CA GLU C 192 23.43 -30.92 1.40
C GLU C 192 22.23 -30.37 0.63
N SER C 193 22.42 -30.11 -0.67
CA SER C 193 21.38 -29.51 -1.51
C SER C 193 20.37 -30.55 -1.95
N HIS C 194 20.89 -31.72 -2.36
CA HIS C 194 20.07 -32.88 -2.69
C HIS C 194 19.09 -33.14 -1.56
N THR C 195 19.62 -33.31 -0.35
CA THR C 195 18.79 -33.56 0.83
C THR C 195 17.72 -32.49 0.98
N MET C 196 18.12 -31.23 0.81
CA MET C 196 17.25 -30.14 1.15
C MET C 196 16.05 -30.09 0.21
N LEU C 197 16.31 -30.42 -1.08
CA LEU C 197 15.28 -30.34 -2.11
C LEU C 197 14.29 -31.48 -1.92
N LYS C 198 14.84 -32.69 -1.74
CA LYS C 198 14.07 -33.90 -1.50
C LYS C 198 13.09 -33.62 -0.37
N SER C 199 13.58 -33.10 0.73
CA SER C 199 12.73 -32.77 1.89
C SER C 199 11.72 -31.69 1.58
N ALA C 200 12.06 -30.70 0.77
CA ALA C 200 11.14 -29.59 0.49
C ALA C 200 9.97 -30.08 -0.36
N ALA C 201 10.30 -30.92 -1.37
CA ALA C 201 9.33 -31.57 -2.23
C ALA C 201 8.30 -32.35 -1.42
N ILE C 202 8.78 -33.28 -0.59
CA ILE C 202 7.91 -34.06 0.27
C ILE C 202 6.99 -33.17 1.09
N VAL C 203 7.52 -32.16 1.73
CA VAL C 203 6.72 -31.31 2.59
C VAL C 203 5.65 -30.61 1.74
N LEU C 204 6.09 -30.18 0.55
CA LEU C 204 5.30 -29.36 -0.36
C LEU C 204 4.22 -30.17 -1.07
N LEU C 205 4.44 -31.49 -1.27
CA LEU C 205 3.51 -32.34 -2.02
C LEU C 205 2.69 -33.25 -1.13
N ALA C 206 3.06 -33.45 0.13
CA ALA C 206 2.42 -34.47 0.95
C ALA C 206 1.07 -33.99 1.47
N GLY C 207 1.00 -32.76 1.98
CA GLY C 207 -0.23 -32.23 2.56
C GLY C 207 -1.29 -31.82 1.54
N TRP C 208 -1.08 -32.14 0.27
CA TRP C 208 -2.11 -31.98 -0.73
C TRP C 208 -3.29 -32.91 -0.46
N VAL C 209 -3.05 -34.07 0.15
CA VAL C 209 -4.06 -35.08 0.32
C VAL C 209 -5.23 -34.60 1.19
N VAL C 210 -4.94 -33.68 2.10
CA VAL C 210 -5.94 -33.16 2.99
C VAL C 210 -7.11 -32.65 2.16
N TYR C 211 -6.83 -31.89 1.11
CA TYR C 211 -7.86 -31.15 0.40
C TYR C 211 -8.90 -32.11 -0.18
N PRO C 212 -8.49 -33.12 -0.94
CA PRO C 212 -9.42 -34.09 -1.46
C PRO C 212 -10.28 -34.74 -0.38
N ILE C 213 -9.74 -34.90 0.80
CA ILE C 213 -10.48 -35.59 1.82
C ILE C 213 -11.58 -34.65 2.30
N VAL C 214 -11.21 -33.42 2.59
CA VAL C 214 -12.17 -32.48 3.07
C VAL C 214 -13.30 -32.32 2.04
N TYR C 215 -12.91 -32.33 0.75
CA TYR C 215 -13.83 -32.21 -0.37
C TYR C 215 -14.96 -33.21 -0.24
N PHE C 216 -14.66 -34.45 0.11
CA PHE C 216 -15.74 -35.43 0.24
C PHE C 216 -16.45 -35.42 1.60
N LEU C 217 -16.30 -34.47 2.49
CA LEU C 217 -16.98 -34.53 3.79
C LEU C 217 -18.46 -34.14 3.69
N PRO C 218 -18.90 -33.35 2.68
CA PRO C 218 -20.29 -33.05 2.48
C PRO C 218 -21.11 -34.31 2.19
N LEU C 219 -20.50 -35.46 1.93
CA LEU C 219 -21.14 -36.79 1.72
C LEU C 219 -21.52 -37.52 2.99
N PHE C 220 -21.05 -37.10 4.15
CA PHE C 220 -21.27 -37.82 5.43
C PHE C 220 -22.45 -37.17 6.13
N GLY C 221 -22.83 -35.99 5.71
CA GLY C 221 -24.10 -35.44 6.12
C GLY C 221 -24.04 -33.93 6.17
N ALA C 222 -25.02 -33.33 6.86
CA ALA C 222 -25.00 -31.89 7.04
C ALA C 222 -25.26 -31.53 8.50
N SER C 223 -24.48 -30.57 8.96
CA SER C 223 -24.45 -30.13 10.34
C SER C 223 -23.68 -28.83 10.34
N GLY C 224 -23.89 -28.01 11.36
CA GLY C 224 -23.03 -26.86 11.57
C GLY C 224 -21.70 -27.33 12.13
N GLY C 225 -21.71 -28.51 12.74
CA GLY C 225 -20.48 -29.05 13.26
C GLY C 225 -19.54 -29.37 12.11
N LEU C 226 -20.04 -30.26 11.22
CA LEU C 226 -19.47 -30.65 9.94
C LEU C 226 -19.14 -29.42 9.11
N THR C 227 -20.05 -28.48 8.98
CA THR C 227 -19.66 -27.31 8.20
C THR C 227 -18.44 -26.64 8.83
N THR C 228 -18.34 -26.68 10.16
CA THR C 228 -17.35 -25.90 10.90
C THR C 228 -16.02 -26.62 10.76
N THR C 229 -16.07 -27.92 10.99
CA THR C 229 -14.94 -28.78 10.71
C THR C 229 -14.33 -28.60 9.32
N ILE C 230 -15.18 -28.41 8.30
CA ILE C 230 -14.71 -28.19 6.94
C ILE C 230 -13.98 -26.87 6.87
N LEU C 231 -14.62 -25.77 7.25
CA LEU C 231 -14.03 -24.45 7.07
C LEU C 231 -12.75 -24.31 7.90
N ILE C 232 -12.73 -24.89 9.10
CA ILE C 232 -11.56 -24.72 9.92
C ILE C 232 -10.45 -25.55 9.29
N THR C 233 -10.68 -26.85 9.09
CA THR C 233 -9.65 -27.69 8.52
C THR C 233 -9.04 -27.10 7.24
N LEU C 234 -9.84 -26.54 6.36
CA LEU C 234 -9.26 -25.93 5.17
C LEU C 234 -8.38 -24.75 5.55
N THR C 235 -8.77 -23.99 6.57
CA THR C 235 -8.02 -22.80 6.95
C THR C 235 -6.66 -23.22 7.52
N VAL C 236 -6.65 -24.27 8.31
CA VAL C 236 -5.42 -24.71 8.94
C VAL C 236 -4.47 -25.22 7.87
N ALA C 237 -4.95 -26.15 7.03
CA ALA C 237 -4.24 -26.62 5.85
C ALA C 237 -3.65 -25.48 5.03
N ASP C 238 -4.43 -24.45 4.74
CA ASP C 238 -3.86 -23.37 3.98
C ASP C 238 -2.72 -22.71 4.73
N VAL C 239 -2.85 -22.55 6.04
CA VAL C 239 -1.82 -21.84 6.77
C VAL C 239 -0.60 -22.73 6.81
N ILE C 240 -0.79 -24.02 7.00
CA ILE C 240 0.36 -24.88 7.09
C ILE C 240 1.14 -24.94 5.79
N VAL C 241 0.44 -24.99 4.67
CA VAL C 241 1.05 -25.21 3.38
C VAL C 241 1.59 -23.88 2.84
N LYS C 242 0.80 -22.82 2.89
CA LYS C 242 1.25 -21.57 2.31
C LYS C 242 2.24 -20.88 3.25
N LEU C 243 2.00 -20.88 4.54
CA LEU C 243 2.83 -20.13 5.46
C LEU C 243 3.89 -21.07 6.02
N GLY C 244 3.46 -22.14 6.62
CA GLY C 244 4.39 -23.12 7.18
C GLY C 244 5.45 -23.61 6.20
N PHE C 245 5.12 -23.80 4.94
CA PHE C 245 6.09 -24.36 4.02
C PHE C 245 6.68 -23.27 3.11
N SER C 246 6.49 -22.01 3.53
CA SER C 246 6.97 -20.87 2.75
C SER C 246 8.48 -20.71 2.86
N THR C 247 9.12 -21.42 3.78
CA THR C 247 10.56 -21.29 3.93
C THR C 247 11.33 -22.48 3.39
N GLN C 248 10.65 -23.55 3.03
CA GLN C 248 11.35 -24.73 2.54
C GLN C 248 12.14 -24.41 1.28
N THR C 249 11.48 -23.77 0.31
CA THR C 249 12.12 -23.45 -0.94
C THR C 249 13.08 -22.29 -0.75
N HIS C 250 12.76 -21.38 0.17
CA HIS C 250 13.67 -20.29 0.49
C HIS C 250 15.00 -20.84 1.00
N ARG C 251 14.97 -21.81 1.91
CA ARG C 251 16.20 -22.40 2.34
C ARG C 251 16.89 -23.08 1.17
N VAL C 252 16.15 -23.71 0.28
CA VAL C 252 16.77 -24.42 -0.82
C VAL C 252 17.48 -23.40 -1.71
N ALA C 253 16.77 -22.32 -1.98
CA ALA C 253 17.29 -21.31 -2.86
C ALA C 253 18.52 -20.64 -2.24
N LYS C 254 18.48 -20.37 -0.93
CA LYS C 254 19.62 -19.81 -0.21
C LYS C 254 20.81 -20.75 -0.23
N LEU C 255 20.58 -22.01 -0.04
CA LEU C 255 21.73 -22.87 0.02
C LEU C 255 22.30 -23.02 -1.37
N ARG C 256 21.49 -22.76 -2.39
CA ARG C 256 21.97 -22.89 -3.76
C ARG C 256 22.73 -21.63 -4.11
N THR C 257 22.18 -20.48 -3.74
CA THR C 257 22.91 -19.25 -3.90
C THR C 257 24.30 -19.34 -3.29
N ALA C 258 24.35 -19.78 -2.04
CA ALA C 258 25.58 -19.85 -1.30
C ALA C 258 26.56 -20.80 -1.93
N GLU C 259 26.10 -21.87 -2.55
CA GLU C 259 27.04 -22.82 -3.15
C GLU C 259 27.69 -22.21 -4.38
N ASP C 260 26.93 -21.40 -5.12
CA ASP C 260 27.46 -20.71 -6.29
C ASP C 260 28.53 -19.72 -5.88
N VAL C 261 28.21 -18.96 -4.83
CA VAL C 261 29.18 -18.06 -4.25
C VAL C 261 30.41 -18.80 -3.76
N ARG C 262 30.29 -19.99 -3.22
CA ARG C 262 31.50 -20.64 -2.74
C ARG C 262 32.31 -21.22 -3.90
N ALA C 263 31.64 -21.48 -5.01
CA ALA C 263 32.30 -22.07 -6.17
C ALA C 263 32.94 -20.98 -7.03
N GLY C 264 32.63 -19.71 -6.75
CA GLY C 264 33.13 -18.60 -7.53
C GLY C 264 32.33 -18.41 -8.82
N ASP C 265 31.17 -19.04 -8.87
CA ASP C 265 30.26 -18.89 -9.98
C ASP C 265 29.44 -17.61 -9.82
N ASP C 266 29.29 -17.13 -8.60
CA ASP C 266 28.61 -15.88 -8.44
C ASP C 266 29.14 -15.15 -7.22
N VAL C 267 28.56 -14.00 -6.97
CA VAL C 267 28.87 -13.21 -5.81
C VAL C 267 27.52 -12.82 -5.23
N HIS C 268 27.52 -12.42 -3.97
CA HIS C 268 26.30 -12.04 -3.32
C HIS C 268 26.70 -10.93 -2.37
N PRO C 269 25.93 -9.86 -2.34
CA PRO C 269 26.30 -8.68 -1.58
C PRO C 269 26.36 -8.83 -0.06
N GLU C 270 25.68 -9.83 0.48
CA GLU C 270 25.60 -10.00 1.93
C GLU C 270 25.95 -11.44 2.23
N SER C 271 26.37 -11.71 3.48
CA SER C 271 26.56 -13.10 3.87
C SER C 271 25.23 -13.84 3.88
N ILE C 272 25.30 -15.16 3.75
CA ILE C 272 24.10 -15.96 3.77
C ILE C 272 24.17 -16.86 4.99
N TRP C 273 23.06 -16.90 5.71
CA TRP C 273 22.96 -17.65 6.96
C TRP C 273 21.83 -18.63 6.85
N ILE C 274 22.06 -19.88 7.23
CA ILE C 274 20.99 -20.87 7.23
C ILE C 274 21.13 -21.65 8.51
N SER C 275 20.11 -21.51 9.37
CA SER C 275 20.09 -22.20 10.65
C SER C 275 21.26 -21.70 11.49
N SER C 276 21.52 -20.41 11.37
CA SER C 276 22.49 -19.74 12.21
C SER C 276 23.92 -20.14 11.88
N VAL C 277 24.09 -20.95 10.83
CA VAL C 277 25.42 -21.19 10.27
C VAL C 277 25.66 -20.34 9.03
N LYS C 278 26.86 -19.79 8.92
CA LYS C 278 27.21 -18.98 7.75
C LYS C 278 27.47 -19.92 6.60
N GLN C 279 26.83 -19.63 5.47
CA GLN C 279 26.93 -20.46 4.30
C GLN C 279 27.90 -19.84 3.31
N SER C 280 27.79 -18.54 3.08
CA SER C 280 28.68 -17.83 2.19
C SER C 280 28.99 -16.45 2.77
N ASP C 281 30.13 -15.86 2.39
CA ASP C 281 30.48 -14.48 2.75
C ASP C 281 29.99 -13.49 1.72
N ALA C 282 29.79 -12.23 2.13
CA ALA C 282 29.52 -11.15 1.17
C ALA C 282 30.72 -10.97 0.24
N GLY C 283 30.45 -10.41 -0.93
CA GLY C 283 31.50 -10.27 -1.92
C GLY C 283 31.07 -9.26 -2.95
N LEU C 284 32.02 -8.66 -3.67
CA LEU C 284 31.69 -7.70 -4.71
C LEU C 284 32.05 -8.28 -6.06
N PRO C 285 31.33 -7.86 -7.11
CA PRO C 285 31.58 -8.29 -8.47
C PRO C 285 33.02 -7.94 -8.71
N ARG C 286 33.85 -8.91 -9.04
CA ARG C 286 35.25 -8.61 -9.34
C ARG C 286 35.53 -8.76 -10.83
N ASN D 5 -19.81 -15.32 39.58
CA ASN D 5 -20.10 -15.80 38.20
C ASN D 5 -19.35 -14.92 37.22
N VAL D 6 -19.32 -15.32 35.94
CA VAL D 6 -18.72 -14.50 34.91
C VAL D 6 -19.81 -13.61 34.34
N SER D 7 -19.51 -12.31 34.33
CA SER D 7 -20.34 -11.30 33.73
C SER D 7 -19.62 -10.76 32.51
N VAL D 8 -20.08 -11.12 31.34
CA VAL D 8 -19.27 -10.90 30.16
C VAL D 8 -19.13 -9.41 29.97
N PRO D 9 -17.95 -8.94 29.58
CA PRO D 9 -17.70 -7.51 29.43
C PRO D 9 -18.58 -6.81 28.40
N TRP D 10 -19.03 -7.55 27.39
CA TRP D 10 -19.74 -7.00 26.25
C TRP D 10 -21.25 -6.91 26.54
N GLY D 11 -21.63 -7.23 27.77
CA GLY D 11 -22.99 -7.02 28.19
C GLY D 11 -23.29 -5.59 28.67
N ALA D 12 -22.27 -4.76 28.90
CA ALA D 12 -22.49 -3.54 29.67
C ALA D 12 -22.79 -2.38 28.75
N THR D 13 -23.61 -1.45 29.25
CA THR D 13 -23.92 -0.22 28.54
C THR D 13 -22.88 0.82 28.93
N LEU D 14 -22.35 1.52 27.92
CA LEU D 14 -21.28 2.46 28.16
C LEU D 14 -21.83 3.89 28.25
N SER D 15 -21.44 4.60 29.30
CA SER D 15 -21.58 6.05 29.31
C SER D 15 -20.89 6.68 28.11
N ASN D 16 -21.18 7.96 27.88
CA ASN D 16 -20.60 8.72 26.79
C ASN D 16 -19.11 8.92 27.05
N ALA D 17 -18.77 9.30 28.27
CA ALA D 17 -17.37 9.41 28.61
C ALA D 17 -16.66 8.12 28.21
N GLU D 18 -17.23 7.00 28.67
CA GLU D 18 -16.66 5.68 28.52
C GLU D 18 -16.53 5.37 27.04
N HIS D 19 -17.56 5.63 26.27
CA HIS D 19 -17.47 5.28 24.87
C HIS D 19 -16.44 6.15 24.15
N GLN D 20 -16.18 7.33 24.72
CA GLN D 20 -15.32 8.29 24.06
C GLN D 20 -13.88 7.86 24.33
N LEU D 21 -13.55 7.67 25.63
CA LEU D 21 -12.27 7.10 26.05
C LEU D 21 -11.94 5.81 25.28
N ILE D 22 -12.89 4.90 25.07
CA ILE D 22 -12.49 3.66 24.43
C ILE D 22 -12.04 3.97 23.01
N PHE D 23 -12.80 4.78 22.30
CA PHE D 23 -12.46 5.07 20.90
C PHE D 23 -11.11 5.79 20.80
N TYR D 24 -10.85 6.65 21.77
CA TYR D 24 -9.59 7.33 21.83
C TYR D 24 -8.44 6.32 21.87
N PHE D 25 -8.38 5.51 22.95
CA PHE D 25 -7.32 4.52 23.08
C PHE D 25 -7.29 3.58 21.88
N LEU D 26 -8.41 3.08 21.43
CA LEU D 26 -8.28 2.19 20.31
C LEU D 26 -7.63 2.84 19.12
N VAL D 27 -7.83 4.14 18.90
CA VAL D 27 -7.37 4.69 17.64
C VAL D 27 -5.96 5.20 17.86
N VAL D 28 -5.71 5.75 19.03
CA VAL D 28 -4.35 6.05 19.37
C VAL D 28 -3.46 4.81 19.20
N ALA D 29 -3.93 3.62 19.55
CA ALA D 29 -3.13 2.41 19.39
C ALA D 29 -2.87 2.18 17.92
N ALA D 30 -3.92 2.16 17.12
CA ALA D 30 -3.74 1.91 15.70
C ALA D 30 -2.72 2.87 15.09
N LEU D 31 -2.76 4.13 15.51
CA LEU D 31 -1.90 5.13 14.92
C LEU D 31 -0.46 4.95 15.43
N ALA D 32 -0.31 4.69 16.73
CA ALA D 32 1.00 4.33 17.22
C ALA D 32 1.57 3.13 16.46
N PHE D 33 0.75 2.14 16.10
CA PHE D 33 1.31 0.99 15.40
C PHE D 33 1.73 1.40 14.00
N VAL D 34 1.05 2.35 13.39
CA VAL D 34 1.44 2.75 12.04
C VAL D 34 2.80 3.41 12.12
N ALA D 35 2.95 4.28 13.10
CA ALA D 35 4.24 4.89 13.31
C ALA D 35 5.29 3.81 13.54
N GLY D 36 5.02 2.86 14.42
CA GLY D 36 5.99 1.80 14.70
C GLY D 36 6.34 0.99 13.46
N PHE D 37 5.33 0.71 12.66
CA PHE D 37 5.58 -0.05 11.46
C PHE D 37 6.52 0.73 10.55
N ILE D 38 6.32 2.03 10.44
CA ILE D 38 7.16 2.83 9.57
C ILE D 38 8.59 2.86 10.10
N ARG D 39 8.76 2.99 11.41
CA ARG D 39 10.08 3.05 11.97
C ARG D 39 10.83 1.76 11.67
N THR D 40 10.16 0.64 11.94
CA THR D 40 10.79 -0.66 11.82
C THR D 40 11.18 -0.92 10.39
N TYR D 41 10.37 -0.44 9.45
CA TYR D 41 10.66 -0.65 8.05
C TYR D 41 11.87 0.18 7.63
N ILE D 42 11.88 1.46 8.01
CA ILE D 42 12.93 2.40 7.68
C ILE D 42 14.26 1.95 8.28
N THR D 43 14.23 1.20 9.37
CA THR D 43 15.49 0.82 10.00
C THR D 43 15.82 -0.66 9.83
N ARG D 44 15.17 -1.36 8.89
CA ARG D 44 15.38 -2.79 8.75
C ARG D 44 16.82 -3.15 8.37
N ASN D 45 17.53 -2.28 7.65
CA ASN D 45 18.89 -2.59 7.26
C ASN D 45 19.94 -2.10 8.27
N GLU D 46 19.57 -1.78 9.50
CA GLU D 46 20.58 -1.50 10.50
C GLU D 46 21.11 -2.83 11.05
N VAL D 47 20.51 -3.94 10.64
CA VAL D 47 20.79 -5.24 11.22
C VAL D 47 21.42 -6.11 10.15
N GLY D 48 22.42 -6.89 10.51
CA GLY D 48 22.98 -7.83 9.55
C GLY D 48 22.00 -8.93 9.14
N SER D 49 22.26 -9.56 7.99
CA SER D 49 21.54 -10.71 7.50
C SER D 49 21.49 -11.83 8.53
N ARG D 50 22.52 -11.97 9.37
CA ARG D 50 22.43 -13.00 10.39
C ARG D 50 21.24 -12.86 11.34
N TYR D 51 20.75 -11.62 11.57
CA TYR D 51 19.69 -11.41 12.55
C TYR D 51 18.48 -10.83 11.84
N ARG D 52 18.37 -11.03 10.54
CA ARG D 52 17.21 -10.45 9.87
C ARG D 52 15.91 -11.03 10.42
N THR D 53 15.92 -12.23 10.97
CA THR D 53 14.67 -12.79 11.48
C THR D 53 14.05 -11.91 12.56
N ALA D 54 14.89 -11.45 13.50
CA ALA D 54 14.41 -10.53 14.50
C ALA D 54 13.63 -9.39 13.83
N VAL D 55 14.18 -8.81 12.79
CA VAL D 55 13.55 -7.67 12.15
C VAL D 55 12.24 -8.10 11.52
N SER D 56 12.22 -9.26 10.87
CA SER D 56 11.03 -9.62 10.12
C SER D 56 9.92 -9.94 11.10
N ALA D 57 10.26 -10.64 12.19
CA ALA D 57 9.26 -10.98 13.17
C ALA D 57 8.60 -9.68 13.62
N ARG D 58 9.43 -8.71 14.03
CA ARG D 58 8.95 -7.46 14.61
C ARG D 58 8.11 -6.68 13.61
N LEU D 59 8.55 -6.62 12.38
CA LEU D 59 7.80 -5.87 11.40
C LEU D 59 6.48 -6.57 11.13
N GLY D 60 6.52 -7.91 11.26
CA GLY D 60 5.33 -8.71 11.09
C GLY D 60 4.37 -8.44 12.24
N MET D 61 4.90 -8.51 13.44
CA MET D 61 4.05 -8.25 14.58
C MET D 61 3.40 -6.87 14.48
N LEU D 62 4.10 -5.85 13.98
CA LEU D 62 3.54 -4.51 13.97
C LEU D 62 2.49 -4.40 12.89
N GLY D 63 2.71 -5.08 11.77
CA GLY D 63 1.72 -5.09 10.71
C GLY D 63 0.44 -5.79 11.17
N VAL D 64 0.61 -6.90 11.88
CA VAL D 64 -0.52 -7.65 12.37
C VAL D 64 -1.30 -6.77 13.35
N ALA D 65 -0.59 -6.09 14.24
CA ALA D 65 -1.24 -5.31 15.27
C ALA D 65 -2.06 -4.21 14.61
N LEU D 66 -1.48 -3.59 13.59
CA LEU D 66 -2.11 -2.49 12.90
C LEU D 66 -3.42 -2.97 12.27
N LEU D 67 -3.40 -4.12 11.60
CA LEU D 67 -4.62 -4.62 10.98
C LEU D 67 -5.62 -5.04 12.03
N ALA D 68 -5.18 -5.79 13.03
CA ALA D 68 -6.07 -6.22 14.08
C ALA D 68 -6.74 -5.00 14.72
N TYR D 69 -6.02 -3.90 14.91
CA TYR D 69 -6.57 -2.77 15.61
C TYR D 69 -7.54 -2.04 14.71
N ILE D 70 -7.38 -2.19 13.40
CA ILE D 70 -8.37 -1.61 12.52
C ILE D 70 -9.68 -2.37 12.67
N LEU D 71 -9.60 -3.70 12.66
CA LEU D 71 -10.80 -4.50 12.90
C LEU D 71 -11.44 -4.13 14.23
N ILE D 72 -10.66 -4.03 15.30
CA ILE D 72 -11.25 -3.80 16.60
C ILE D 72 -12.02 -2.49 16.51
N ILE D 73 -11.48 -1.50 15.79
CA ILE D 73 -12.13 -0.21 15.70
C ILE D 73 -13.45 -0.35 14.95
N VAL D 74 -13.44 -1.12 13.88
CA VAL D 74 -14.66 -1.37 13.14
C VAL D 74 -15.66 -2.03 14.09
N ALA D 75 -15.30 -3.20 14.63
CA ALA D 75 -16.14 -3.89 15.59
C ALA D 75 -16.71 -2.95 16.67
N PHE D 76 -15.98 -1.92 17.06
CA PHE D 76 -16.45 -1.08 18.13
C PHE D 76 -17.53 -0.15 17.62
N LEU D 77 -17.28 0.42 16.44
CA LEU D 77 -18.21 1.35 15.81
C LEU D 77 -19.49 0.62 15.44
N LEU D 78 -19.39 -0.67 15.12
CA LEU D 78 -20.55 -1.46 14.77
C LEU D 78 -21.04 -2.35 15.91
N GLY D 79 -20.84 -1.95 17.18
CA GLY D 79 -21.13 -2.87 18.28
C GLY D 79 -21.94 -2.22 19.40
N TYR D 80 -22.00 -0.90 19.39
CA TYR D 80 -22.80 -0.18 20.36
C TYR D 80 -23.58 0.96 19.66
N ASP D 81 -24.80 1.20 20.16
CA ASP D 81 -25.77 2.10 19.54
C ASP D 81 -26.18 3.12 20.58
N SER D 82 -26.10 4.41 20.28
CA SER D 82 -26.41 5.39 21.31
C SER D 82 -27.92 5.41 21.50
N THR D 83 -28.33 5.52 22.76
CA THR D 83 -29.75 5.31 23.06
C THR D 83 -30.11 6.04 24.33
N ALA D 84 -29.64 7.25 24.54
CA ALA D 84 -30.13 8.02 25.69
C ALA D 84 -29.52 7.38 26.93
N GLY D 85 -29.68 6.06 27.08
CA GLY D 85 -28.93 5.34 28.12
C GLY D 85 -27.59 4.99 27.52
N GLY D 86 -26.76 5.99 27.26
CA GLY D 86 -25.39 5.79 26.76
C GLY D 86 -25.31 4.94 25.53
N TRP D 87 -24.37 4.02 25.52
CA TRP D 87 -24.18 3.18 24.32
C TRP D 87 -24.50 1.77 24.72
N VAL D 88 -25.39 1.13 24.00
CA VAL D 88 -25.92 -0.17 24.44
C VAL D 88 -25.33 -1.19 23.51
N PRO D 89 -24.70 -2.22 24.10
CA PRO D 89 -24.08 -3.21 23.32
C PRO D 89 -25.04 -3.95 22.41
N ASN D 90 -24.70 -4.12 21.15
CA ASN D 90 -25.50 -4.94 20.22
C ASN D 90 -24.89 -6.33 20.28
N ASP D 91 -25.15 -7.18 19.30
CA ASP D 91 -24.69 -8.58 19.36
C ASP D 91 -23.37 -8.73 18.59
N GLY D 92 -22.71 -7.63 18.27
CA GLY D 92 -21.39 -7.78 17.65
C GLY D 92 -20.37 -7.22 18.59
N ALA D 93 -20.78 -6.84 19.81
CA ALA D 93 -19.87 -6.24 20.76
C ALA D 93 -18.87 -7.30 21.19
N ILE D 94 -19.31 -8.55 21.25
CA ILE D 94 -18.42 -9.64 21.60
C ILE D 94 -17.20 -9.64 20.68
N ASN D 95 -17.31 -9.03 19.50
CA ASN D 95 -16.27 -9.14 18.49
C ASN D 95 -15.16 -8.15 18.80
N ILE D 96 -15.48 -7.16 19.60
CA ILE D 96 -14.46 -6.29 20.16
C ILE D 96 -13.55 -7.12 21.06
N PHE D 97 -14.07 -8.16 21.69
CA PHE D 97 -13.27 -8.91 22.64
C PHE D 97 -12.61 -10.07 21.94
N SER D 98 -13.19 -10.48 20.84
CA SER D 98 -12.74 -11.68 20.17
C SER D 98 -11.52 -11.32 19.31
N THR D 99 -11.60 -10.15 18.68
CA THR D 99 -10.57 -9.75 17.75
C THR D 99 -9.23 -9.63 18.46
N ARG D 100 -9.26 -9.34 19.75
CA ARG D 100 -8.02 -9.16 20.45
C ARG D 100 -7.33 -10.51 20.62
N TYR D 101 -8.07 -11.54 21.02
CA TYR D 101 -7.55 -12.90 21.05
C TYR D 101 -7.04 -13.33 19.68
N ILE D 102 -7.69 -12.83 18.63
CA ILE D 102 -7.25 -13.17 17.30
C ILE D 102 -5.83 -12.63 17.16
N GLU D 103 -5.70 -11.31 17.37
CA GLU D 103 -4.43 -10.60 17.28
C GLU D 103 -3.34 -11.27 18.12
N TRP D 104 -3.61 -11.67 19.35
CA TRP D 104 -2.56 -12.27 20.13
C TRP D 104 -2.13 -13.60 19.56
N THR D 105 -2.99 -14.20 18.74
CA THR D 105 -2.69 -15.55 18.34
C THR D 105 -1.52 -15.49 17.35
N VAL D 106 -1.50 -14.43 16.53
CA VAL D 106 -0.38 -14.30 15.64
C VAL D 106 0.77 -13.59 16.37
N SER D 107 0.45 -12.51 17.06
CA SER D 107 1.47 -11.60 17.56
C SER D 107 2.33 -12.25 18.63
N VAL D 108 1.75 -13.01 19.53
CA VAL D 108 2.58 -13.50 20.60
C VAL D 108 3.58 -14.52 20.07
N PRO D 109 3.24 -15.45 19.17
CA PRO D 109 4.25 -16.34 18.58
C PRO D 109 5.35 -15.58 17.84
N LEU D 110 4.97 -14.50 17.13
CA LEU D 110 5.95 -13.61 16.53
C LEU D 110 6.93 -13.07 17.58
N LEU D 111 6.44 -12.71 18.76
CA LEU D 111 7.32 -12.22 19.80
C LEU D 111 8.30 -13.31 20.18
N THR D 112 7.86 -14.54 20.32
CA THR D 112 8.81 -15.58 20.70
C THR D 112 9.85 -15.77 19.60
N ILE D 113 9.41 -15.69 18.33
CA ILE D 113 10.33 -15.86 17.23
C ILE D 113 11.41 -14.79 17.28
N GLU D 114 10.99 -13.55 17.49
CA GLU D 114 11.89 -12.42 17.62
C GLU D 114 12.92 -12.62 18.72
N LEU D 115 12.48 -13.01 19.90
CA LEU D 115 13.43 -13.10 21.00
C LEU D 115 14.40 -14.25 20.76
N LEU D 116 13.94 -15.38 20.22
CA LEU D 116 14.84 -16.49 20.01
C LEU D 116 15.83 -16.14 18.90
N ALA D 117 15.42 -15.26 17.98
CA ALA D 117 16.26 -14.86 16.87
C ALA D 117 17.55 -14.22 17.36
N VAL D 118 17.50 -13.53 18.50
CA VAL D 118 18.68 -12.84 18.99
C VAL D 118 19.31 -13.64 20.12
N CYS D 119 19.12 -14.95 20.13
CA CYS D 119 19.78 -15.78 21.11
C CYS D 119 20.82 -16.65 20.40
N ALA D 120 21.69 -17.29 21.18
CA ALA D 120 22.87 -17.96 20.63
C ALA D 120 22.65 -19.47 20.52
N THR D 121 21.70 -19.89 19.70
CA THR D 121 21.31 -21.29 19.66
C THR D 121 21.41 -21.82 18.22
N LEU D 122 21.82 -23.09 18.10
CA LEU D 122 22.16 -23.70 16.83
C LEU D 122 21.48 -25.07 16.66
N GLY D 123 20.96 -25.30 15.45
CA GLY D 123 20.64 -26.64 14.99
C GLY D 123 19.30 -27.13 15.55
N VAL D 124 19.34 -28.27 16.23
CA VAL D 124 18.13 -28.91 16.71
C VAL D 124 17.55 -28.06 17.83
N GLN D 125 18.38 -27.73 18.81
CA GLN D 125 17.95 -26.93 19.95
C GLN D 125 17.19 -25.70 19.45
N ALA D 126 17.69 -25.04 18.42
CA ALA D 126 17.06 -23.82 17.95
C ALA D 126 15.72 -24.09 17.26
N ARG D 127 15.60 -25.24 16.61
CA ARG D 127 14.38 -25.62 15.92
C ARG D 127 13.38 -26.17 16.95
N ARG D 128 13.88 -26.89 17.96
CA ARG D 128 13.02 -27.37 19.02
C ARG D 128 12.48 -26.17 19.81
N ASN D 129 13.34 -25.20 20.10
CA ASN D 129 12.95 -24.04 20.84
C ASN D 129 11.83 -23.32 20.12
N THR D 130 11.98 -23.14 18.81
CA THR D 130 11.04 -22.28 18.12
C THR D 130 9.73 -23.01 17.96
N ALA D 131 9.78 -24.33 17.91
CA ALA D 131 8.59 -25.12 17.71
C ALA D 131 7.76 -25.12 18.99
N ILE D 132 8.41 -25.38 20.12
CA ILE D 132 7.71 -25.43 21.38
C ILE D 132 7.14 -24.05 21.75
N ALA D 133 7.88 -22.99 21.48
CA ALA D 133 7.48 -21.67 21.91
C ALA D 133 6.31 -21.19 21.07
N VAL D 134 6.39 -21.38 19.76
CA VAL D 134 5.32 -20.92 18.89
C VAL D 134 4.06 -21.72 19.13
N THR D 135 4.22 -22.95 19.60
CA THR D 135 3.10 -23.82 19.82
C THR D 135 2.46 -23.44 21.13
N ALA D 136 3.28 -23.43 22.17
CA ALA D 136 2.81 -23.17 23.51
C ALA D 136 2.14 -21.80 23.57
N THR D 137 2.62 -20.82 22.80
CA THR D 137 2.03 -19.51 22.93
C THR D 137 0.72 -19.45 22.16
N GLY D 138 0.63 -20.06 21.00
CA GLY D 138 -0.64 -20.03 20.28
C GLY D 138 -1.70 -20.86 21.02
N ALA D 139 -1.27 -21.94 21.64
CA ALA D 139 -2.16 -22.72 22.45
C ALA D 139 -2.67 -21.88 23.62
N MET D 140 -1.76 -21.18 24.30
CA MET D 140 -2.11 -20.32 25.41
C MET D 140 -3.16 -19.29 24.99
N ILE D 141 -3.08 -18.76 23.78
CA ILE D 141 -4.07 -17.77 23.44
C ILE D 141 -5.40 -18.45 23.19
N PHE D 142 -5.38 -19.68 22.69
CA PHE D 142 -6.57 -20.29 22.12
C PHE D 142 -7.39 -20.83 23.28
N CYS D 143 -6.71 -21.43 24.24
CA CYS D 143 -7.35 -21.79 25.48
C CYS D 143 -8.07 -20.61 26.12
N GLY D 144 -7.48 -19.42 26.04
CA GLY D 144 -8.09 -18.22 26.60
C GLY D 144 -9.38 -17.94 25.88
N PHE D 145 -9.30 -17.91 24.55
CA PHE D 145 -10.44 -17.71 23.67
C PHE D 145 -11.54 -18.74 23.93
N LEU D 146 -11.18 -19.94 24.31
CA LEU D 146 -12.20 -20.91 24.56
C LEU D 146 -12.98 -20.47 25.78
N GLY D 147 -12.31 -20.35 26.94
CA GLY D 147 -12.91 -19.99 28.22
C GLY D 147 -13.72 -18.67 28.12
N ALA D 148 -13.21 -17.70 27.40
CA ALA D 148 -13.75 -16.38 27.51
C ALA D 148 -14.84 -16.11 26.49
N ILE D 149 -14.83 -16.81 25.35
CA ILE D 149 -15.66 -16.40 24.22
C ILE D 149 -16.51 -17.53 23.70
N VAL D 150 -15.96 -18.76 23.64
CA VAL D 150 -16.54 -19.78 22.77
C VAL D 150 -17.48 -20.62 23.60
N ILE D 151 -16.96 -21.27 24.62
CA ILE D 151 -17.83 -22.06 25.46
C ILE D 151 -18.88 -21.21 26.18
N ASP D 152 -20.16 -21.54 25.94
CA ASP D 152 -21.30 -20.97 26.63
C ASP D 152 -21.41 -19.47 26.39
N ASN D 153 -20.74 -19.00 25.35
CA ASN D 153 -20.77 -17.59 25.04
C ASN D 153 -20.03 -16.77 26.09
N GLY D 154 -19.08 -17.39 26.78
CA GLY D 154 -18.29 -16.70 27.78
C GLY D 154 -18.85 -16.88 29.18
N THR D 155 -20.01 -17.49 29.31
CA THR D 155 -20.71 -17.33 30.57
C THR D 155 -20.51 -18.50 31.50
N ASN D 156 -19.63 -19.44 31.18
CA ASN D 156 -19.56 -20.60 32.04
C ASN D 156 -18.39 -20.43 32.97
N THR D 157 -18.64 -20.24 34.26
CA THR D 157 -17.56 -19.83 35.14
C THR D 157 -16.50 -20.91 35.20
N GLY D 158 -16.92 -22.18 35.26
CA GLY D 158 -15.99 -23.30 35.37
C GLY D 158 -15.19 -23.47 34.07
N ALA D 159 -15.83 -23.35 32.94
CA ALA D 159 -15.07 -23.35 31.71
C ALA D 159 -14.03 -22.23 31.81
N PHE D 160 -14.52 -21.03 32.12
CA PHE D 160 -13.81 -19.77 32.04
C PHE D 160 -12.52 -19.90 32.87
N ILE D 161 -12.66 -20.57 34.00
CA ILE D 161 -11.56 -20.73 34.91
C ILE D 161 -10.63 -21.83 34.42
N LEU D 162 -11.20 -22.99 34.06
CA LEU D 162 -10.45 -24.19 33.73
C LEU D 162 -9.63 -23.93 32.47
N TRP D 163 -10.22 -23.29 31.48
CA TRP D 163 -9.43 -22.96 30.33
C TRP D 163 -8.33 -21.95 30.64
N ALA D 164 -8.52 -21.07 31.60
CA ALA D 164 -7.45 -20.14 31.97
C ALA D 164 -6.33 -20.91 32.66
N VAL D 165 -6.67 -22.01 33.31
CA VAL D 165 -5.64 -22.80 33.99
C VAL D 165 -4.75 -23.51 32.98
N ILE D 166 -5.37 -24.23 32.07
CA ILE D 166 -4.73 -24.85 30.92
C ILE D 166 -3.86 -23.81 30.21
N SER D 167 -4.44 -22.66 29.87
CA SER D 167 -3.71 -21.54 29.30
C SER D 167 -2.47 -21.19 30.12
N CYS D 168 -2.52 -21.31 31.44
CA CYS D 168 -1.38 -20.92 32.25
C CYS D 168 -0.30 -21.98 32.20
N VAL D 169 -0.64 -23.20 31.86
CA VAL D 169 0.35 -24.25 31.71
C VAL D 169 1.13 -23.96 30.43
N PHE D 170 0.44 -23.63 29.35
CA PHE D 170 1.16 -23.30 28.13
C PHE D 170 2.02 -22.06 28.30
N TRP D 171 1.71 -21.25 29.30
CA TRP D 171 2.37 -19.99 29.54
C TRP D 171 3.68 -20.28 30.26
N VAL D 172 3.65 -21.26 31.14
CA VAL D 172 4.84 -21.67 31.86
C VAL D 172 5.78 -22.40 30.92
N ILE D 173 5.24 -23.21 30.03
CA ILE D 173 6.06 -23.95 29.08
C ILE D 173 6.82 -22.94 28.20
N ALA D 174 6.10 -21.97 27.65
CA ALA D 174 6.70 -20.96 26.81
C ALA D 174 7.82 -20.26 27.57
N ASN D 175 7.59 -19.90 28.83
CA ASN D 175 8.56 -19.10 29.55
C ASN D 175 9.80 -19.95 29.78
N VAL D 176 9.61 -21.19 30.17
CA VAL D 176 10.74 -22.02 30.51
C VAL D 176 11.62 -22.14 29.28
N VAL D 177 11.01 -22.52 28.17
CA VAL D 177 11.72 -22.59 26.92
C VAL D 177 12.49 -21.30 26.67
N LEU D 178 11.82 -20.15 26.66
CA LEU D 178 12.47 -18.89 26.36
C LEU D 178 13.56 -18.60 27.38
N ILE D 179 13.23 -18.65 28.66
CA ILE D 179 14.17 -18.30 29.70
C ILE D 179 15.42 -19.14 29.57
N ARG D 180 15.27 -20.42 29.24
CA ARG D 180 16.43 -21.29 29.19
C ARG D 180 17.28 -20.88 27.98
N ALA D 181 16.64 -20.50 26.87
CA ALA D 181 17.34 -20.14 25.65
C ALA D 181 18.20 -18.91 25.88
N VAL D 182 17.61 -17.91 26.54
CA VAL D 182 18.30 -16.69 26.86
C VAL D 182 19.45 -16.93 27.82
N ARG D 183 19.43 -18.03 28.57
CA ARG D 183 20.40 -18.18 29.63
C ARG D 183 21.45 -19.21 29.20
N GLN D 184 21.20 -19.84 28.07
CA GLN D 184 22.24 -20.59 27.37
C GLN D 184 22.94 -19.69 26.39
N SER D 185 22.39 -18.49 26.15
CA SER D 185 22.98 -17.51 25.25
C SER D 185 24.10 -16.81 25.97
N LEU D 186 23.75 -16.29 27.15
CA LEU D 186 24.52 -15.31 27.89
C LEU D 186 25.97 -15.74 28.11
N PRO D 187 26.27 -17.04 28.32
CA PRO D 187 27.66 -17.47 28.50
C PRO D 187 28.59 -17.24 27.30
N THR D 188 28.01 -17.11 26.10
CA THR D 188 28.78 -17.05 24.87
C THR D 188 28.87 -15.62 24.33
N LEU D 189 28.09 -14.69 24.89
CA LEU D 189 28.07 -13.32 24.40
C LEU D 189 29.16 -12.50 25.09
N THR D 190 29.27 -11.25 24.65
CA THR D 190 30.17 -10.29 25.27
C THR D 190 29.42 -9.60 26.40
N PRO D 191 30.13 -9.09 27.43
CA PRO D 191 29.49 -8.33 28.50
C PRO D 191 28.36 -7.43 27.99
N GLU D 192 28.70 -6.56 27.04
CA GLU D 192 27.75 -5.56 26.56
C GLU D 192 26.54 -6.26 25.96
N SER D 193 26.78 -7.38 25.27
CA SER D 193 25.72 -8.10 24.56
C SER D 193 24.91 -8.95 25.53
N HIS D 194 25.63 -9.65 26.43
CA HIS D 194 25.03 -10.41 27.51
C HIS D 194 24.02 -9.53 28.23
N THR D 195 24.49 -8.38 28.72
CA THR D 195 23.63 -7.46 29.44
C THR D 195 22.40 -7.10 28.61
N MET D 196 22.61 -6.82 27.33
CA MET D 196 21.56 -6.26 26.52
C MET D 196 20.44 -7.28 26.33
N LEU D 197 20.83 -8.56 26.18
CA LEU D 197 19.88 -9.62 25.91
C LEU D 197 19.07 -9.91 27.16
N LYS D 198 19.78 -10.06 28.29
CA LYS D 198 19.19 -10.29 29.59
C LYS D 198 18.10 -9.25 29.82
N SER D 199 18.43 -8.00 29.63
CA SER D 199 17.46 -6.91 29.79
C SER D 199 16.30 -7.01 28.82
N ALA D 200 16.56 -7.39 27.56
CA ALA D 200 15.50 -7.42 26.56
C ALA D 200 14.48 -8.51 26.88
N ALA D 201 15.00 -9.67 27.29
CA ALA D 201 14.21 -10.81 27.75
C ALA D 201 13.25 -10.40 28.87
N ILE D 202 13.83 -9.85 29.95
CA ILE D 202 13.03 -9.38 31.07
C ILE D 202 11.91 -8.43 30.62
N VAL D 203 12.24 -7.44 29.80
CA VAL D 203 11.26 -6.48 29.39
C VAL D 203 10.15 -7.19 28.60
N LEU D 204 10.60 -8.12 27.75
CA LEU D 204 9.77 -8.82 26.78
C LEU D 204 8.87 -9.86 27.45
N LEU D 205 9.31 -10.44 28.59
CA LEU D 205 8.58 -11.51 29.26
C LEU D 205 7.84 -11.05 30.51
N ALA D 206 8.15 -9.88 31.06
CA ALA D 206 7.62 -9.48 32.35
C ALA D 206 6.17 -9.01 32.24
N GLY D 207 5.88 -8.16 31.26
CA GLY D 207 4.56 -7.59 31.11
C GLY D 207 3.52 -8.54 30.52
N TRP D 208 3.86 -9.83 30.39
CA TRP D 208 2.89 -10.85 30.03
C TRP D 208 1.85 -11.01 31.15
N VAL D 209 2.23 -10.75 32.40
CA VAL D 209 1.36 -11.03 33.52
C VAL D 209 0.09 -10.20 33.50
N VAL D 210 0.16 -9.02 32.89
CA VAL D 210 -0.96 -8.13 32.82
C VAL D 210 -2.14 -8.89 32.22
N TYR D 211 -1.90 -9.61 31.13
CA TYR D 211 -2.98 -10.17 30.33
C TYR D 211 -3.82 -11.13 31.17
N PRO D 212 -3.21 -12.12 31.83
CA PRO D 212 -3.94 -13.02 32.68
C PRO D 212 -4.76 -12.29 33.74
N ILE D 213 -4.29 -11.16 34.21
CA ILE D 213 -4.98 -10.50 35.28
C ILE D 213 -6.24 -9.88 34.68
N VAL D 214 -6.09 -9.19 33.58
CA VAL D 214 -7.22 -8.56 32.97
C VAL D 214 -8.28 -9.61 32.62
N TYR D 215 -7.80 -10.78 32.18
CA TYR D 215 -8.65 -11.92 31.82
C TYR D 215 -9.62 -12.22 32.94
N PHE D 216 -9.27 -12.17 34.19
CA PHE D 216 -10.15 -12.55 35.30
C PHE D 216 -10.95 -11.38 35.90
N LEU D 217 -10.96 -10.20 35.32
CA LEU D 217 -11.75 -9.01 35.73
C LEU D 217 -13.24 -9.23 35.56
N PRO D 218 -13.70 -9.95 34.51
CA PRO D 218 -15.10 -10.24 34.28
C PRO D 218 -15.68 -11.00 35.48
N LEU D 219 -14.88 -11.54 36.37
CA LEU D 219 -15.31 -12.20 37.64
C LEU D 219 -15.60 -11.23 38.78
N PHE D 220 -15.28 -9.96 38.67
CA PHE D 220 -15.49 -9.06 39.80
C PHE D 220 -16.78 -8.28 39.61
N GLY D 221 -17.37 -8.38 38.43
CA GLY D 221 -18.73 -7.96 38.22
C GLY D 221 -18.91 -7.43 36.80
N ALA D 222 -20.01 -6.71 36.57
CA ALA D 222 -20.23 -6.11 35.27
C ALA D 222 -20.64 -4.65 35.45
N SER D 223 -20.05 -3.81 34.59
CA SER D 223 -20.18 -2.38 34.64
C SER D 223 -19.63 -1.89 33.31
N GLY D 224 -20.03 -0.69 32.91
CA GLY D 224 -19.37 -0.05 31.79
C GLY D 224 -18.03 0.49 32.23
N GLY D 225 -17.91 0.70 33.54
CA GLY D 225 -16.64 1.16 34.06
C GLY D 225 -15.58 0.09 33.89
N LEU D 226 -15.88 -1.08 34.49
CA LEU D 226 -15.17 -2.34 34.37
C LEU D 226 -14.97 -2.71 32.91
N THR D 227 -16.01 -2.65 32.10
CA THR D 227 -15.75 -2.97 30.71
C THR D 227 -14.69 -2.04 30.12
N THR D 228 -14.68 -0.78 30.58
CA THR D 228 -13.87 0.27 29.97
C THR D 228 -12.44 0.08 30.43
N THR D 229 -12.31 -0.12 31.74
CA THR D 229 -11.04 -0.52 32.31
C THR D 229 -10.38 -1.70 31.62
N ILE D 230 -11.17 -2.71 31.21
CA ILE D 230 -10.65 -3.86 30.52
C ILE D 230 -10.12 -3.43 29.17
N LEU D 231 -10.95 -2.82 28.34
CA LEU D 231 -10.56 -2.51 26.96
C LEU D 231 -9.37 -1.53 26.93
N ILE D 232 -9.35 -0.58 27.87
CA ILE D 232 -8.28 0.39 27.84
C ILE D 232 -7.02 -0.34 28.26
N THR D 233 -7.03 -0.95 29.44
CA THR D 233 -5.85 -1.64 29.92
C THR D 233 -5.25 -2.58 28.89
N LEU D 234 -6.06 -3.35 28.17
CA LEU D 234 -5.50 -4.21 27.15
C LEU D 234 -4.83 -3.39 26.06
N THR D 235 -5.41 -2.23 25.72
CA THR D 235 -4.88 -1.43 24.64
C THR D 235 -3.52 -0.87 25.05
N VAL D 236 -3.40 -0.44 26.28
CA VAL D 236 -2.17 0.17 26.75
C VAL D 236 -1.07 -0.89 26.76
N ALA D 237 -1.35 -2.03 27.41
CA ALA D 237 -0.49 -3.21 27.39
C ALA D 237 -0.04 -3.55 25.98
N ASP D 238 -0.94 -3.60 25.02
CA ASP D 238 -0.49 -3.91 23.69
C ASP D 238 0.48 -2.88 23.18
N VAL D 239 0.24 -1.61 23.46
CA VAL D 239 1.09 -0.58 22.90
C VAL D 239 2.43 -0.68 23.60
N ILE D 240 2.43 -0.91 24.90
CA ILE D 240 3.69 -0.97 25.60
C ILE D 240 4.55 -2.13 25.13
N VAL D 241 3.95 -3.27 24.91
CA VAL D 241 4.68 -4.49 24.62
C VAL D 241 5.03 -4.53 23.13
N LYS D 242 4.10 -4.25 22.25
CA LYS D 242 4.39 -4.35 20.84
C LYS D 242 5.19 -3.15 20.36
N LEU D 243 4.86 -1.94 20.82
CA LEU D 243 5.51 -0.75 20.30
C LEU D 243 6.66 -0.40 21.23
N GLY D 244 6.36 -0.20 22.49
CA GLY D 244 7.38 0.12 23.47
C GLY D 244 8.57 -0.83 23.48
N PHE D 245 8.36 -2.12 23.30
CA PHE D 245 9.47 -3.05 23.40
C PHE D 245 9.95 -3.50 22.02
N SER D 246 9.54 -2.73 20.98
CA SER D 246 9.89 -3.07 19.61
C SER D 246 11.34 -2.74 19.31
N THR D 247 12.02 -2.02 20.19
CA THR D 247 13.41 -1.67 19.93
C THR D 247 14.39 -2.45 20.78
N GLN D 248 13.91 -3.21 21.76
CA GLN D 248 14.81 -3.96 22.62
C GLN D 248 15.63 -4.95 21.82
N THR D 249 14.95 -5.74 20.99
CA THR D 249 15.62 -6.76 20.20
C THR D 249 16.37 -6.09 19.06
N HIS D 250 15.85 -4.98 18.54
CA HIS D 250 16.56 -4.26 17.51
C HIS D 250 17.92 -3.79 18.03
N ARG D 251 17.97 -3.23 19.23
CA ARG D 251 19.26 -2.86 19.78
C ARG D 251 20.11 -4.09 19.94
N VAL D 252 19.54 -5.22 20.35
CA VAL D 252 20.34 -6.41 20.58
C VAL D 252 20.95 -6.85 19.25
N ALA D 253 20.10 -6.85 18.23
CA ALA D 253 20.52 -7.30 16.93
C ALA D 253 21.59 -6.38 16.35
N LYS D 254 21.42 -5.05 16.53
CA LYS D 254 22.40 -4.06 16.10
C LYS D 254 23.72 -4.24 16.82
N LEU D 255 23.67 -4.49 18.10
CA LEU D 255 24.93 -4.56 18.78
C LEU D 255 25.61 -5.86 18.41
N ARG D 256 24.85 -6.84 17.93
CA ARG D 256 25.44 -8.10 17.56
C ARG D 256 26.02 -7.96 16.16
N THR D 257 25.27 -7.32 15.27
CA THR D 257 25.82 -7.01 13.97
C THR D 257 27.16 -6.29 14.08
N ALA D 258 27.18 -5.25 14.90
CA ALA D 258 28.36 -4.43 15.05
C ALA D 258 29.52 -5.21 15.61
N GLU D 259 29.27 -6.18 16.46
CA GLU D 259 30.38 -6.92 17.06
C GLU D 259 31.01 -7.82 16.01
N ASP D 260 30.19 -8.36 15.10
CA ASP D 260 30.69 -9.20 14.02
C ASP D 260 31.56 -8.37 13.09
N VAL D 261 31.06 -7.19 12.73
CA VAL D 261 31.84 -6.25 11.97
C VAL D 261 33.13 -5.87 12.67
N ARG D 262 33.15 -5.74 13.98
CA ARG D 262 34.41 -5.35 14.59
C ARG D 262 35.38 -6.53 14.66
N ALA D 263 34.85 -7.74 14.63
CA ALA D 263 35.66 -8.94 14.72
C ALA D 263 36.18 -9.34 13.35
N GLY D 264 35.66 -8.71 12.29
CA GLY D 264 36.04 -9.05 10.93
C GLY D 264 35.31 -10.30 10.44
N ASP D 265 34.27 -10.69 11.16
CA ASP D 265 33.44 -11.79 10.76
C ASP D 265 32.42 -11.34 9.71
N ASP D 266 32.11 -10.05 9.68
CA ASP D 266 31.23 -9.60 8.63
C ASP D 266 31.56 -8.15 8.29
N VAL D 267 30.79 -7.62 7.37
CA VAL D 267 30.89 -6.25 6.96
C VAL D 267 29.47 -5.74 6.95
N HIS D 268 29.32 -4.44 6.97
CA HIS D 268 28.01 -3.84 6.96
C HIS D 268 28.17 -2.56 6.18
N PRO D 269 27.24 -2.29 5.29
CA PRO D 269 27.36 -1.16 4.38
C PRO D 269 27.36 0.24 4.99
N GLU D 270 26.81 0.35 6.21
CA GLU D 270 26.63 1.65 6.84
C GLU D 270 27.20 1.55 8.23
N SER D 271 27.54 2.68 8.84
CA SER D 271 27.95 2.63 10.23
C SER D 271 26.76 2.28 11.11
N ILE D 272 27.03 1.76 12.30
CA ILE D 272 25.96 1.40 13.21
C ILE D 272 26.08 2.27 14.42
N TRP D 273 24.94 2.82 14.84
CA TRP D 273 24.86 3.75 15.96
C TRP D 273 23.90 3.20 16.99
N ILE D 274 24.29 3.20 18.25
CA ILE D 274 23.39 2.78 19.31
C ILE D 274 23.56 3.77 20.44
N SER D 275 22.48 4.50 20.72
CA SER D 275 22.48 5.50 21.78
C SER D 275 23.49 6.57 21.45
N SER D 276 23.56 6.89 20.16
CA SER D 276 24.35 8.02 19.67
C SER D 276 25.85 7.72 19.77
N VAL D 277 26.22 6.51 20.17
CA VAL D 277 27.59 6.05 20.05
C VAL D 277 27.79 5.18 18.82
N LYS D 278 28.91 5.38 18.12
CA LYS D 278 29.20 4.57 16.95
C LYS D 278 29.68 3.21 17.42
N GLN D 279 29.08 2.17 16.87
CA GLN D 279 29.39 0.82 17.27
C GLN D 279 30.32 0.19 16.24
N SER D 280 30.04 0.36 14.96
CA SER D 280 30.87 -0.16 13.90
C SER D 280 30.92 0.85 12.75
N ASP D 281 31.98 0.80 11.93
CA ASP D 281 32.08 1.61 10.71
C ASP D 281 31.53 0.88 9.50
N ALA D 282 31.12 1.64 8.47
CA ALA D 282 30.74 1.03 7.19
C ALA D 282 31.96 0.34 6.57
N GLY D 283 31.68 -0.62 5.71
CA GLY D 283 32.77 -1.38 5.12
C GLY D 283 32.25 -2.09 3.89
N LEU D 284 33.16 -2.47 2.98
CA LEU D 284 32.77 -3.22 1.80
C LEU D 284 33.33 -4.61 1.88
N PRO D 285 32.66 -5.57 1.23
CA PRO D 285 33.08 -6.95 1.17
C PRO D 285 34.46 -6.88 0.58
N ARG D 286 35.46 -7.38 1.28
CA ARG D 286 36.82 -7.39 0.73
C ARG D 286 37.24 -8.81 0.34
N ASN E 5 -19.41 30.47 29.59
CA ASN E 5 -19.78 29.03 29.65
C ASN E 5 -19.32 28.33 28.38
N VAL E 6 -19.22 26.99 28.38
CA VAL E 6 -18.68 26.32 27.21
C VAL E 6 -19.83 25.92 26.31
N SER E 7 -19.73 26.35 25.05
CA SER E 7 -20.65 26.00 24.01
C SER E 7 -19.94 25.10 23.02
N VAL E 8 -20.26 23.82 23.03
CA VAL E 8 -19.41 22.88 22.35
C VAL E 8 -19.50 23.18 20.87
N PRO E 9 -18.38 23.09 20.16
CA PRO E 9 -18.34 23.42 18.74
C PRO E 9 -19.25 22.57 17.86
N TRP E 10 -19.50 21.32 18.28
CA TRP E 10 -20.21 20.34 17.47
C TRP E 10 -21.72 20.46 17.68
N GLY E 11 -22.14 21.48 18.42
CA GLY E 11 -23.55 21.79 18.52
C GLY E 11 -24.09 22.65 17.38
N ALA E 12 -23.23 23.24 16.55
CA ALA E 12 -23.69 24.33 15.69
C ALA E 12 -24.10 23.78 14.33
N THR E 13 -25.09 24.44 13.73
CA THR E 13 -25.53 24.12 12.39
C THR E 13 -24.69 24.93 11.40
N LEU E 14 -24.21 24.25 10.35
CA LEU E 14 -23.32 24.90 9.41
C LEU E 14 -24.09 25.36 8.17
N SER E 15 -23.88 26.62 7.79
CA SER E 15 -24.24 27.06 6.46
C SER E 15 -23.58 26.20 5.39
N ASN E 16 -24.05 26.35 4.15
CA ASN E 16 -23.51 25.62 3.01
C ASN E 16 -22.09 26.10 2.73
N ALA E 17 -21.89 27.41 2.73
CA ALA E 17 -20.56 27.92 2.55
C ALA E 17 -19.63 27.24 3.55
N GLU E 18 -20.05 27.26 4.82
CA GLU E 18 -19.28 26.76 5.94
C GLU E 18 -19.00 25.29 5.74
N HIS E 19 -20.00 24.52 5.37
CA HIS E 19 -19.76 23.09 5.24
C HIS E 19 -18.83 22.81 4.06
N GLN E 20 -18.79 23.75 3.12
CA GLN E 20 -18.06 23.52 1.88
C GLN E 20 -16.60 23.81 2.19
N LEU E 21 -16.32 25.01 2.75
CA LEU E 21 -15.00 25.36 3.27
C LEU E 21 -14.42 24.29 4.19
N ILE E 22 -15.21 23.71 5.09
CA ILE E 22 -14.58 22.76 5.99
C ILE E 22 -14.08 21.57 5.19
N PHE E 23 -14.90 21.06 4.29
CA PHE E 23 -14.52 19.88 3.53
C PHE E 23 -13.29 20.14 2.65
N TYR E 24 -13.23 21.36 2.13
CA TYR E 24 -12.10 21.77 1.35
C TYR E 24 -10.81 21.64 2.17
N PHE E 25 -10.71 22.39 3.28
CA PHE E 25 -9.52 22.34 4.11
C PHE E 25 -9.26 20.91 4.61
N LEU E 26 -10.27 20.21 5.07
CA LEU E 26 -9.93 18.89 5.52
C LEU E 26 -9.29 18.05 4.45
N VAL E 27 -9.67 18.22 3.18
CA VAL E 27 -9.21 17.26 2.20
C VAL E 27 -7.92 17.77 1.62
N VAL E 28 -7.83 19.08 1.46
CA VAL E 28 -6.56 19.64 1.12
C VAL E 28 -5.48 19.21 2.11
N ALA E 29 -5.80 19.11 3.40
CA ALA E 29 -4.81 18.69 4.38
C ALA E 29 -4.41 17.25 4.10
N ALA E 30 -5.39 16.37 3.99
CA ALA E 30 -5.07 14.98 3.74
C ALA E 30 -4.18 14.81 2.51
N LEU E 31 -4.43 15.61 1.47
CA LEU E 31 -3.70 15.44 0.24
C LEU E 31 -2.29 16.04 0.39
N ALA E 32 -2.19 17.20 1.02
CA ALA E 32 -0.88 17.71 1.37
C ALA E 32 -0.08 16.67 2.19
N PHE E 33 -0.71 15.94 3.10
CA PHE E 33 0.07 15.00 3.88
C PHE E 33 0.52 13.84 2.99
N VAL E 34 -0.26 13.48 1.98
CA VAL E 34 0.15 12.38 1.14
C VAL E 34 1.40 12.82 0.36
N ALA E 35 1.34 14.03 -0.15
CA ALA E 35 2.49 14.57 -0.82
C ALA E 35 3.68 14.57 0.14
N GLY E 36 3.51 15.08 1.36
CA GLY E 36 4.61 15.12 2.31
C GLY E 36 5.16 13.74 2.63
N PHE E 37 4.26 12.78 2.76
CA PHE E 37 4.71 11.44 3.06
C PHE E 37 5.58 10.94 1.92
N ILE E 38 5.19 11.21 0.68
CA ILE E 38 5.95 10.73 -0.45
C ILE E 38 7.32 11.40 -0.48
N ARG E 39 7.38 12.70 -0.21
CA ARG E 39 8.64 13.40 -0.25
C ARG E 39 9.59 12.81 0.78
N THR E 40 9.09 12.63 2.00
CA THR E 40 9.91 12.20 3.10
C THR E 40 10.44 10.80 2.84
N TYR E 41 9.63 9.97 2.18
CA TYR E 41 10.05 8.62 1.90
C TYR E 41 11.14 8.62 0.82
N ILE E 42 10.93 9.38 -0.26
CA ILE E 42 11.84 9.47 -1.38
C ILE E 42 13.16 10.06 -0.92
N THR E 43 13.19 10.85 0.14
CA THR E 43 14.44 11.47 0.54
C THR E 43 15.01 10.89 1.85
N ARG E 44 14.54 9.71 2.27
CA ARG E 44 14.98 9.17 3.54
C ARG E 44 16.48 8.86 3.57
N ASN E 45 17.10 8.53 2.45
CA ASN E 45 18.51 8.22 2.45
C ASN E 45 19.40 9.44 2.18
N GLU E 46 18.90 10.66 2.32
CA GLU E 46 19.78 11.80 2.26
C GLU E 46 20.47 11.98 3.60
N VAL E 47 20.08 11.18 4.59
CA VAL E 47 20.52 11.36 5.97
C VAL E 47 21.34 10.14 6.37
N GLY E 48 22.43 10.37 7.09
CA GLY E 48 23.19 9.23 7.59
C GLY E 48 22.42 8.39 8.61
N SER E 49 22.85 7.13 8.78
CA SER E 49 22.36 6.23 9.81
C SER E 49 22.41 6.87 11.20
N ARG E 50 23.38 7.73 11.47
CA ARG E 50 23.39 8.36 12.78
C ARG E 50 22.12 9.16 13.09
N TYR E 51 21.44 9.71 12.08
CA TYR E 51 20.28 10.57 12.32
C TYR E 51 19.06 9.95 11.69
N ARG E 52 19.07 8.64 11.47
CA ARG E 52 17.88 8.06 10.86
C ARG E 52 16.65 8.26 11.74
N THR E 53 16.81 8.40 13.05
CA THR E 53 15.63 8.56 13.89
C THR E 53 14.81 9.79 13.49
N ALA E 54 15.50 10.91 13.26
CA ALA E 54 14.81 12.08 12.77
C ALA E 54 13.92 11.73 11.59
N VAL E 55 14.44 10.98 10.64
CA VAL E 55 13.69 10.65 9.44
C VAL E 55 12.51 9.78 9.81
N SER E 56 12.71 8.80 10.69
CA SER E 56 11.65 7.85 10.93
C SER E 56 10.53 8.54 11.69
N ALA E 57 10.91 9.39 12.65
CA ALA E 57 9.90 10.10 13.41
C ALA E 57 9.02 10.85 12.42
N ARG E 58 9.66 11.63 11.53
CA ARG E 58 8.95 12.51 10.61
C ARG E 58 8.07 11.71 9.66
N LEU E 59 8.59 10.62 9.15
CA LEU E 59 7.79 9.85 8.22
C LEU E 59 6.63 9.21 8.97
N GLY E 60 6.85 8.93 10.25
CA GLY E 60 5.82 8.39 11.10
C GLY E 60 4.75 9.44 11.33
N MET E 61 5.20 10.62 11.71
CA MET E 61 4.25 11.67 11.96
C MET E 61 3.40 11.93 10.71
N LEU E 62 3.97 11.85 9.50
CA LEU E 62 3.21 12.20 8.30
C LEU E 62 2.24 11.10 7.98
N GLY E 63 2.63 9.84 8.23
CA GLY E 63 1.73 8.73 8.02
C GLY E 63 0.55 8.80 8.99
N VAL E 64 0.84 9.15 10.23
CA VAL E 64 -0.20 9.25 11.24
C VAL E 64 -1.17 10.36 10.82
N ALA E 65 -0.63 11.49 10.37
CA ALA E 65 -1.47 12.63 10.07
C ALA E 65 -2.40 12.24 8.92
N LEU E 66 -1.85 11.54 7.94
CA LEU E 66 -2.59 11.16 6.76
C LEU E 66 -3.76 10.26 7.17
N LEU E 67 -3.53 9.28 8.03
CA LEU E 67 -4.61 8.40 8.43
C LEU E 67 -5.60 9.16 9.30
N ALA E 68 -5.12 9.91 10.28
CA ALA E 68 -6.01 10.67 11.13
C ALA E 68 -6.90 11.56 10.27
N TYR E 69 -6.37 12.16 9.21
CA TYR E 69 -7.14 13.12 8.45
C TYR E 69 -8.14 12.39 7.59
N ILE E 70 -7.87 11.12 7.30
CA ILE E 70 -8.87 10.35 6.57
C ILE E 70 -10.06 10.12 7.51
N LEU E 71 -9.78 9.71 8.74
CA LEU E 71 -10.85 9.54 9.71
C LEU E 71 -11.64 10.83 9.88
N ILE E 72 -10.96 11.97 10.04
CA ILE E 72 -11.66 13.19 10.30
C ILE E 72 -12.62 13.43 9.15
N ILE E 73 -12.18 13.12 7.93
CA ILE E 73 -13.02 13.36 6.76
C ILE E 73 -14.24 12.46 6.81
N VAL E 74 -14.04 11.21 7.18
CA VAL E 74 -15.16 10.30 7.33
C VAL E 74 -16.10 10.87 8.39
N ALA E 75 -15.61 11.06 9.61
CA ALA E 75 -16.40 11.66 10.68
C ALA E 75 -17.18 12.89 10.21
N PHE E 76 -16.64 13.67 9.28
CA PHE E 76 -17.30 14.90 8.89
C PHE E 76 -18.48 14.57 7.99
N LEU E 77 -18.25 13.66 7.05
CA LEU E 77 -19.25 13.26 6.09
C LEU E 77 -20.38 12.53 6.80
N LEU E 78 -20.07 11.85 7.90
CA LEU E 78 -21.06 11.13 8.69
C LEU E 78 -21.48 11.88 9.94
N GLY E 79 -21.44 13.21 9.95
CA GLY E 79 -21.66 13.93 11.21
C GLY E 79 -22.63 15.09 11.06
N TYR E 80 -22.90 15.50 9.82
CA TYR E 80 -23.87 16.54 9.56
C TYR E 80 -24.76 16.14 8.37
N ASP E 81 -26.03 16.56 8.42
CA ASP E 81 -27.05 16.23 7.39
C ASP E 81 -27.69 17.49 6.84
N SER E 82 -27.82 17.63 5.52
CA SER E 82 -28.34 18.91 4.98
C SER E 82 -29.85 18.95 5.24
N THR E 83 -30.34 20.06 5.80
CA THR E 83 -31.73 20.10 6.25
C THR E 83 -32.34 21.45 5.93
N ALA E 84 -32.03 22.05 4.78
CA ALA E 84 -32.73 23.31 4.44
C ALA E 84 -32.12 24.35 5.36
N GLY E 85 -32.07 24.07 6.67
CA GLY E 85 -31.28 24.90 7.58
C GLY E 85 -29.87 24.37 7.55
N GLY E 86 -29.18 24.48 6.42
CA GLY E 86 -27.78 24.07 6.28
C GLY E 86 -27.49 22.66 6.70
N TRP E 87 -26.42 22.50 7.43
CA TRP E 87 -26.01 21.15 7.83
C TRP E 87 -26.15 21.05 9.31
N VAL E 88 -26.83 20.03 9.79
CA VAL E 88 -27.18 19.98 11.21
C VAL E 88 -26.39 18.88 11.84
N PRO E 89 -25.68 19.21 12.93
CA PRO E 89 -24.86 18.25 13.58
C PRO E 89 -25.63 17.05 14.11
N ASN E 90 -25.14 15.85 13.86
CA ASN E 90 -25.72 14.61 14.44
C ASN E 90 -24.91 14.25 15.67
N ASP E 91 -24.96 13.02 16.14
CA ASP E 91 -24.28 12.65 17.40
C ASP E 91 -22.88 12.11 17.14
N GLY E 92 -22.40 12.18 15.90
CA GLY E 92 -21.03 11.78 15.62
C GLY E 92 -20.21 13.00 15.27
N ALA E 93 -20.76 14.20 15.45
CA ALA E 93 -20.08 15.44 15.04
C ALA E 93 -19.00 15.70 16.09
N ILE E 94 -19.20 15.18 17.28
CA ILE E 94 -18.18 15.28 18.29
C ILE E 94 -16.91 14.54 17.85
N ASN E 95 -17.03 13.61 16.91
CA ASN E 95 -15.91 12.74 16.56
C ASN E 95 -15.00 13.47 15.59
N ILE E 96 -15.53 14.50 14.95
CA ILE E 96 -14.69 15.41 14.20
C ILE E 96 -13.72 16.11 15.15
N PHE E 97 -14.12 16.33 16.41
CA PHE E 97 -13.29 17.08 17.31
C PHE E 97 -12.40 16.13 18.09
N SER E 98 -12.84 14.89 18.20
CA SER E 98 -12.16 13.94 19.04
C SER E 98 -10.96 13.39 18.27
N THR E 99 -11.16 13.15 16.98
CA THR E 99 -10.14 12.51 16.19
C THR E 99 -8.90 13.38 16.14
N ARG E 100 -9.07 14.69 16.27
CA ARG E 100 -7.91 15.55 16.18
C ARG E 100 -7.04 15.37 17.42
N TYR E 101 -7.64 15.33 18.61
CA TYR E 101 -6.92 15.00 19.83
C TYR E 101 -6.26 13.63 19.73
N ILE E 102 -6.90 12.73 19.00
CA ILE E 102 -6.33 11.42 18.83
C ILE E 102 -5.00 11.62 18.11
N GLU E 103 -5.08 12.23 16.92
CA GLU E 103 -3.94 12.52 16.08
C GLU E 103 -2.82 13.24 16.83
N TRP E 104 -3.12 14.23 17.64
CA TRP E 104 -2.04 14.90 18.33
C TRP E 104 -1.37 14.00 19.34
N THR E 105 -2.06 12.95 19.74
CA THR E 105 -1.52 12.18 20.84
C THR E 105 -0.33 11.41 20.33
N VAL E 106 -0.41 10.97 19.07
CA VAL E 106 0.74 10.30 18.50
C VAL E 106 1.71 11.33 17.94
N SER E 107 1.18 12.29 17.19
CA SER E 107 2.02 13.15 16.36
C SER E 107 2.88 14.07 17.22
N VAL E 108 2.37 14.60 18.30
CA VAL E 108 3.18 15.57 19.00
C VAL E 108 4.37 14.86 19.67
N PRO E 109 4.23 13.68 20.29
CA PRO E 109 5.41 12.98 20.81
C PRO E 109 6.42 12.63 19.71
N LEU E 110 5.94 12.25 18.52
CA LEU E 110 6.81 12.08 17.37
C LEU E 110 7.61 13.35 17.08
N LEU E 111 6.99 14.51 17.18
CA LEU E 111 7.71 15.75 16.95
C LEU E 111 8.82 15.88 17.98
N THR E 112 8.57 15.57 19.24
CA THR E 112 9.64 15.73 20.22
C THR E 112 10.77 14.75 19.91
N ILE E 113 10.42 13.53 19.47
CA ILE E 113 11.43 12.54 19.17
C ILE E 113 12.32 13.03 18.04
N GLU E 114 11.70 13.59 17.00
CA GLU E 114 12.41 14.15 15.87
C GLU E 114 13.38 15.25 16.29
N LEU E 115 12.92 16.20 17.09
CA LEU E 115 13.79 17.32 17.42
C LEU E 115 14.94 16.84 18.30
N LEU E 116 14.69 15.91 19.23
CA LEU E 116 15.77 15.48 20.10
C LEU E 116 16.77 14.66 19.29
N ALA E 117 16.29 14.01 18.22
CA ALA E 117 17.14 13.19 17.38
C ALA E 117 18.28 14.00 16.77
N VAL E 118 18.04 15.28 16.50
CA VAL E 118 19.07 16.09 15.87
C VAL E 118 19.73 16.99 16.90
N CYS E 119 19.74 16.56 18.16
CA CYS E 119 20.46 17.31 19.18
C CYS E 119 21.66 16.48 19.63
N ALA E 120 22.56 17.12 20.39
CA ALA E 120 23.85 16.54 20.70
C ALA E 120 23.90 15.94 22.11
N THR E 121 23.06 14.93 22.37
CA THR E 121 22.92 14.42 23.73
C THR E 121 23.18 12.90 23.74
N LEU E 122 23.79 12.43 24.84
CA LEU E 122 24.31 11.07 24.96
C LEU E 122 23.86 10.43 26.27
N GLY E 123 23.47 9.14 26.17
CA GLY E 123 23.39 8.27 27.33
C GLY E 123 22.11 8.49 28.12
N VAL E 124 22.27 8.79 29.41
CA VAL E 124 21.13 8.89 30.31
C VAL E 124 20.35 10.16 29.94
N GLN E 125 21.07 11.28 29.83
CA GLN E 125 20.44 12.55 29.50
C GLN E 125 19.54 12.38 28.28
N ALA E 126 20.00 11.66 27.27
CA ALA E 126 19.23 11.52 26.04
C ALA E 126 18.00 10.64 26.23
N ARG E 127 18.11 9.65 27.11
CA ARG E 127 17.00 8.74 27.40
C ARG E 127 16.04 9.44 28.37
N ARG E 128 16.57 10.22 29.31
CA ARG E 128 15.72 10.97 30.21
C ARG E 128 14.94 12.03 29.42
N ASN E 129 15.63 12.70 28.50
CA ASN E 129 15.01 13.72 27.68
C ASN E 129 13.84 13.14 26.91
N THR E 130 14.06 11.98 26.31
CA THR E 130 13.06 11.48 25.40
C THR E 130 11.88 10.96 26.18
N ALA E 131 12.14 10.50 27.40
CA ALA E 131 11.10 9.92 28.23
C ALA E 131 10.19 11.04 28.74
N ILE E 132 10.79 12.09 29.28
CA ILE E 132 10.02 13.19 29.81
C ILE E 132 9.22 13.90 28.71
N ALA E 133 9.80 14.06 27.54
CA ALA E 133 9.18 14.83 26.49
C ALA E 133 8.01 14.05 25.90
N VAL E 134 8.21 12.77 25.65
CA VAL E 134 7.15 11.97 25.07
C VAL E 134 6.01 11.80 26.06
N THR E 135 6.33 11.88 27.35
CA THR E 135 5.34 11.68 28.37
C THR E 135 4.56 12.98 28.52
N ALA E 136 5.30 14.05 28.74
CA ALA E 136 4.70 15.34 28.98
C ALA E 136 3.83 15.75 27.79
N THR E 137 4.20 15.38 26.58
CA THR E 137 3.40 15.84 25.46
C THR E 137 2.16 14.98 25.32
N GLY E 138 2.24 13.67 25.53
CA GLY E 138 1.03 12.86 25.42
C GLY E 138 0.07 13.19 26.57
N ALA E 139 0.62 13.49 27.73
CA ALA E 139 -0.20 13.91 28.84
C ALA E 139 -0.91 15.21 28.49
N MET E 140 -0.17 16.18 27.94
CA MET E 140 -0.72 17.45 27.53
C MET E 140 -1.89 17.25 26.56
N ILE E 141 -1.81 16.28 25.67
CA ILE E 141 -2.91 16.15 24.76
C ILE E 141 -4.10 15.56 25.47
N PHE E 142 -3.85 14.70 26.46
CA PHE E 142 -4.90 13.84 26.99
C PHE E 142 -5.71 14.67 27.97
N CYS E 143 -5.01 15.47 28.77
CA CYS E 143 -5.68 16.47 29.58
C CYS E 143 -6.60 17.35 28.77
N GLY E 144 -6.20 17.71 27.55
CA GLY E 144 -7.03 18.54 26.68
C GLY E 144 -8.29 17.80 26.34
N PHE E 145 -8.12 16.56 25.88
CA PHE E 145 -9.21 15.66 25.55
C PHE E 145 -10.16 15.45 26.73
N LEU E 146 -9.65 15.49 27.94
CA LEU E 146 -10.53 15.30 29.06
C LEU E 146 -11.45 16.51 29.14
N GLY E 147 -10.88 17.72 29.31
CA GLY E 147 -11.62 18.96 29.45
C GLY E 147 -12.61 19.19 28.29
N ALA E 148 -12.20 18.87 27.08
CA ALA E 148 -12.96 19.31 25.95
C ALA E 148 -13.99 18.31 25.49
N ILE E 149 -13.80 17.02 25.79
CA ILE E 149 -14.59 15.99 25.14
C ILE E 149 -15.24 15.05 26.15
N VAL E 150 -14.50 14.67 27.21
CA VAL E 150 -14.84 13.47 27.95
C VAL E 150 -15.70 13.87 29.13
N ILE E 151 -15.16 14.70 30.01
CA ILE E 151 -15.96 15.15 31.13
C ILE E 151 -17.18 15.97 30.69
N ASP E 152 -18.36 15.50 31.08
CA ASP E 152 -19.63 16.21 30.91
C ASP E 152 -19.94 16.42 29.43
N ASN E 153 -19.29 15.66 28.58
CA ASN E 153 -19.52 15.81 27.16
C ASN E 153 -18.98 17.13 26.63
N GLY E 154 -17.99 17.70 27.32
CA GLY E 154 -17.40 18.95 26.90
C GLY E 154 -18.02 20.15 27.59
N THR E 155 -19.08 19.95 28.35
CA THR E 155 -19.87 21.11 28.69
C THR E 155 -19.56 21.64 30.07
N ASN E 156 -18.53 21.16 30.73
CA ASN E 156 -18.34 21.62 32.09
C ASN E 156 -17.28 22.69 32.08
N THR E 157 -17.65 23.93 32.35
CA THR E 157 -16.70 25.01 32.12
C THR E 157 -15.50 24.86 33.03
N GLY E 158 -15.73 24.46 34.29
CA GLY E 158 -14.64 24.34 35.25
C GLY E 158 -13.73 23.15 34.90
N ALA E 159 -14.32 22.03 34.50
CA ALA E 159 -13.48 20.97 34.00
C ALA E 159 -12.64 21.53 32.86
N PHE E 160 -13.32 22.13 31.90
CA PHE E 160 -12.80 22.54 30.60
C PHE E 160 -11.58 23.42 30.83
N ILE E 161 -11.69 24.27 31.84
CA ILE E 161 -10.63 25.20 32.14
C ILE E 161 -9.52 24.51 32.91
N LEU E 162 -9.88 23.75 33.95
CA LEU E 162 -8.94 23.14 34.88
C LEU E 162 -8.07 22.13 34.13
N TRP E 163 -8.69 21.33 33.28
CA TRP E 163 -7.88 20.43 32.49
C TRP E 163 -6.98 21.16 31.51
N ALA E 164 -7.36 22.33 31.02
CA ALA E 164 -6.47 23.08 30.14
C ALA E 164 -5.30 23.63 30.95
N VAL E 165 -5.50 23.87 32.23
CA VAL E 165 -4.43 24.38 33.06
C VAL E 165 -3.36 23.31 33.29
N ILE E 166 -3.80 22.15 33.75
CA ILE E 166 -3.00 20.95 33.88
C ILE E 166 -2.24 20.70 32.57
N SER E 167 -2.97 20.67 31.45
CA SER E 167 -2.38 20.56 30.13
C SER E 167 -1.27 21.58 29.91
N CYS E 168 -1.39 22.79 30.46
CA CYS E 168 -0.39 23.81 30.21
C CYS E 168 0.85 23.57 31.05
N VAL E 169 0.71 22.82 32.14
CA VAL E 169 1.86 22.45 32.94
C VAL E 169 2.68 21.44 32.16
N PHE E 170 2.02 20.44 31.58
CA PHE E 170 2.77 19.47 30.80
C PHE E 170 3.42 20.12 29.58
N TRP E 171 2.91 21.27 29.19
CA TRP E 171 3.36 21.96 28.00
C TRP E 171 4.64 22.71 28.34
N VAL E 172 4.69 23.23 29.55
CA VAL E 172 5.88 23.92 30.02
C VAL E 172 6.99 22.91 30.29
N ILE E 173 6.65 21.76 30.84
CA ILE E 173 7.64 20.74 31.11
C ILE E 173 8.28 20.30 29.80
N ALA E 174 7.47 20.00 28.79
CA ALA E 174 7.97 19.60 27.49
C ALA E 174 8.91 20.65 26.94
N ASN E 175 8.53 21.92 27.05
CA ASN E 175 9.31 22.96 26.41
C ASN E 175 10.65 23.06 27.12
N VAL E 176 10.62 23.03 28.44
CA VAL E 176 11.85 23.21 29.19
C VAL E 176 12.81 22.12 28.80
N VAL E 177 12.34 20.88 28.86
CA VAL E 177 13.15 19.76 28.44
C VAL E 177 13.74 20.01 27.05
N LEU E 178 12.88 20.27 26.06
CA LEU E 178 13.35 20.46 24.70
C LEU E 178 14.32 21.64 24.61
N ILE E 179 13.90 22.79 25.12
CA ILE E 179 14.70 23.99 24.99
C ILE E 179 16.07 23.75 25.61
N ARG E 180 16.15 23.03 26.71
CA ARG E 180 17.44 22.85 27.36
C ARG E 180 18.29 21.94 26.48
N ALA E 181 17.68 20.94 25.84
CA ALA E 181 18.41 19.96 25.04
C ALA E 181 19.05 20.67 23.85
N VAL E 182 18.26 21.51 23.19
CA VAL E 182 18.73 22.28 22.06
C VAL E 182 19.83 23.25 22.46
N ARG E 183 19.92 23.62 23.73
CA ARG E 183 20.83 24.69 24.09
C ARG E 183 22.05 24.09 24.79
N GLN E 184 21.99 22.79 25.06
CA GLN E 184 23.17 22.03 25.41
C GLN E 184 23.80 21.45 24.14
N SER E 185 23.08 21.53 23.03
CA SER E 185 23.58 21.05 21.74
C SER E 185 24.54 22.08 21.17
N LEU E 186 24.03 23.32 21.11
CA LEU E 186 24.57 24.40 20.33
C LEU E 186 26.05 24.65 20.64
N PRO E 187 26.53 24.48 21.88
CA PRO E 187 27.96 24.67 22.18
C PRO E 187 28.92 23.71 21.46
N THR E 188 28.42 22.56 21.02
CA THR E 188 29.25 21.50 20.48
C THR E 188 29.16 21.45 18.94
N LEU E 189 28.21 22.17 18.35
CA LEU E 189 28.02 22.14 16.91
C LEU E 189 28.91 23.16 16.23
N THR E 190 28.86 23.15 14.89
CA THR E 190 29.55 24.14 14.08
C THR E 190 28.62 25.34 13.89
N PRO E 191 29.19 26.53 13.65
CA PRO E 191 28.36 27.71 13.36
C PRO E 191 27.15 27.38 12.50
N GLU E 192 27.41 26.79 11.34
CA GLU E 192 26.36 26.55 10.36
C GLU E 192 25.31 25.61 10.97
N SER E 193 25.77 24.64 11.78
CA SER E 193 24.89 23.63 12.35
C SER E 193 24.16 24.18 13.56
N HIS E 194 24.90 24.91 14.41
CA HIS E 194 24.35 25.61 15.56
C HIS E 194 23.18 26.46 15.09
N THR E 195 23.42 27.33 14.11
CA THR E 195 22.38 28.20 13.57
C THR E 195 21.17 27.39 13.12
N MET E 196 21.43 26.30 12.43
CA MET E 196 20.36 25.57 11.77
C MET E 196 19.43 24.94 12.80
N LEU E 197 20.02 24.46 13.90
CA LEU E 197 19.27 23.75 14.93
C LEU E 197 18.43 24.76 15.71
N LYS E 198 19.07 25.85 16.12
CA LYS E 198 18.44 26.95 16.83
C LYS E 198 17.19 27.36 16.07
N SER E 199 17.32 27.58 14.78
CA SER E 199 16.19 27.99 13.94
C SER E 199 15.15 26.90 13.85
N ALA E 200 15.54 25.63 13.78
CA ALA E 200 14.57 24.55 13.61
C ALA E 200 13.71 24.41 14.86
N ALA E 201 14.37 24.49 16.02
CA ALA E 201 13.73 24.48 17.34
C ALA E 201 12.65 25.56 17.43
N ILE E 202 13.06 26.81 17.19
CA ILE E 202 12.12 27.93 17.21
C ILE E 202 10.91 27.66 16.32
N VAL E 203 11.13 27.23 15.09
CA VAL E 203 10.04 27.02 14.17
C VAL E 203 9.12 25.94 14.71
N LEU E 204 9.77 24.89 15.26
CA LEU E 204 9.12 23.68 15.72
C LEU E 204 8.35 23.87 17.02
N LEU E 205 8.79 24.83 17.87
CA LEU E 205 8.19 25.05 19.18
C LEU E 205 7.30 26.29 19.25
N ALA E 206 7.40 27.20 18.29
CA ALA E 206 6.72 28.48 18.41
C ALA E 206 5.23 28.35 18.10
N GLY E 207 4.88 27.66 17.02
CA GLY E 207 3.49 27.54 16.60
C GLY E 207 2.67 26.56 17.43
N TRP E 208 3.21 26.08 18.55
CA TRP E 208 2.42 25.33 19.51
C TRP E 208 1.35 26.20 20.16
N VAL E 209 1.59 27.51 20.27
CA VAL E 209 0.71 28.39 21.00
C VAL E 209 -0.68 28.47 20.37
N VAL E 210 -0.74 28.27 19.07
CA VAL E 210 -1.98 28.34 18.34
C VAL E 210 -2.99 27.42 19.00
N TYR E 211 -2.56 26.19 19.30
CA TYR E 211 -3.49 25.14 19.71
C TYR E 211 -4.22 25.53 20.98
N PRO E 212 -3.52 25.92 22.04
CA PRO E 212 -4.16 26.36 23.25
C PRO E 212 -5.15 27.49 23.02
N ILE E 213 -4.88 28.34 22.05
CA ILE E 213 -5.75 29.47 21.85
C ILE E 213 -7.05 28.95 21.25
N VAL E 214 -6.93 28.15 20.22
CA VAL E 214 -8.09 27.64 19.57
C VAL E 214 -8.94 26.87 20.57
N TYR E 215 -8.27 26.13 21.47
CA TYR E 215 -8.90 25.34 22.53
C TYR E 215 -9.90 26.20 23.29
N PHE E 216 -9.53 27.42 23.65
CA PHE E 216 -10.46 28.24 24.40
C PHE E 216 -11.47 29.00 23.54
N LEU E 217 -11.66 28.79 22.27
CA LEU E 217 -12.62 29.59 21.48
C LEU E 217 -14.07 29.16 21.74
N PRO E 218 -14.35 27.90 22.15
CA PRO E 218 -15.68 27.46 22.47
C PRO E 218 -16.24 28.27 23.66
N LEU E 219 -15.43 29.06 24.34
CA LEU E 219 -15.83 29.97 25.45
C LEU E 219 -16.35 31.31 24.99
N PHE E 220 -16.21 31.66 23.71
CA PHE E 220 -16.64 32.99 23.27
C PHE E 220 -18.02 32.91 22.62
N GLY E 221 -18.50 31.69 22.41
CA GLY E 221 -19.90 31.46 22.12
C GLY E 221 -20.05 30.27 21.20
N ALA E 222 -21.24 30.15 20.58
CA ALA E 222 -21.45 29.09 19.62
C ALA E 222 -22.09 29.65 18.36
N SER E 223 -21.58 29.18 17.22
CA SER E 223 -21.94 29.64 15.91
C SER E 223 -21.38 28.60 14.96
N GLY E 224 -21.92 28.54 13.75
CA GLY E 224 -21.30 27.75 12.71
C GLY E 224 -20.09 28.51 12.18
N GLY E 225 -20.09 29.82 12.38
CA GLY E 225 -18.96 30.60 11.96
C GLY E 225 -17.73 30.23 12.79
N LEU E 226 -17.89 30.40 14.12
CA LEU E 226 -16.98 29.98 15.17
C LEU E 226 -16.63 28.51 15.02
N THR E 227 -17.60 27.64 14.83
CA THR E 227 -17.20 26.26 14.65
C THR E 227 -16.27 26.12 13.45
N THR E 228 -16.48 26.94 12.42
CA THR E 228 -15.80 26.77 11.14
C THR E 228 -14.40 27.32 11.29
N THR E 229 -14.32 28.50 11.88
CA THR E 229 -13.05 29.07 12.28
C THR E 229 -12.17 28.12 13.08
N ILE E 230 -12.77 27.34 14.00
CA ILE E 230 -12.04 26.39 14.79
C ILE E 230 -11.48 25.30 13.89
N LEU E 231 -12.33 24.61 13.15
CA LEU E 231 -11.90 23.46 12.36
C LEU E 231 -10.88 23.87 11.28
N ILE E 232 -11.07 25.05 10.70
CA ILE E 232 -10.16 25.44 9.65
C ILE E 232 -8.83 25.77 10.31
N THR E 233 -8.83 26.69 11.27
CA THR E 233 -7.59 27.07 11.93
C THR E 233 -6.78 25.86 12.40
N LEU E 234 -7.42 24.85 12.98
CA LEU E 234 -6.66 23.68 13.39
C LEU E 234 -6.06 22.99 12.19
N THR E 235 -6.78 22.96 11.07
CA THR E 235 -6.31 22.25 9.89
C THR E 235 -5.08 22.97 9.33
N VAL E 236 -5.12 24.28 9.31
CA VAL E 236 -4.02 25.04 8.74
C VAL E 236 -2.78 24.86 9.61
N ALA E 237 -2.92 25.09 10.92
CA ALA E 237 -1.90 24.80 11.92
C ALA E 237 -1.29 23.41 11.73
N ASP E 238 -2.11 22.39 11.57
CA ASP E 238 -1.53 21.09 11.38
C ASP E 238 -0.70 21.04 10.12
N VAL E 239 -1.15 21.67 9.05
CA VAL E 239 -0.43 21.56 7.81
C VAL E 239 0.86 22.35 7.95
N ILE E 240 0.80 23.49 8.59
CA ILE E 240 2.00 24.28 8.72
C ILE E 240 3.07 23.58 9.54
N VAL E 241 2.66 22.95 10.62
CA VAL E 241 3.59 22.38 11.58
C VAL E 241 4.06 21.01 11.09
N LYS E 242 3.14 20.16 10.67
CA LYS E 242 3.54 18.82 10.27
C LYS E 242 4.18 18.84 8.88
N LEU E 243 3.64 19.61 7.95
CA LEU E 243 4.13 19.56 6.58
C LEU E 243 5.15 20.68 6.40
N GLY E 244 4.73 21.89 6.67
CA GLY E 244 5.62 23.04 6.55
C GLY E 244 6.95 22.89 7.30
N PHE E 245 6.94 22.29 8.48
CA PHE E 245 8.17 22.23 9.24
C PHE E 245 8.81 20.84 9.16
N SER E 246 8.36 20.05 8.16
CA SER E 246 8.85 18.69 7.99
C SER E 246 10.25 18.68 7.39
N THR E 247 10.75 19.82 6.92
CA THR E 247 12.09 19.85 6.34
C THR E 247 13.11 20.51 7.24
N GLN E 248 12.69 21.14 8.31
CA GLN E 248 13.63 21.83 9.18
C GLN E 248 14.64 20.85 9.75
N THR E 249 14.16 19.75 10.32
CA THR E 249 15.03 18.77 10.93
C THR E 249 15.76 17.98 9.85
N HIS E 250 15.10 17.78 8.71
CA HIS E 250 15.76 17.12 7.60
C HIS E 250 16.99 17.91 7.16
N ARG E 251 16.87 19.23 7.02
CA ARG E 251 18.04 19.99 6.68
C ARG E 251 19.08 19.87 7.79
N VAL E 252 18.65 19.84 9.04
CA VAL E 252 19.60 19.78 10.13
C VAL E 252 20.36 18.46 10.06
N ALA E 253 19.60 17.39 9.82
CA ALA E 253 20.17 16.07 9.78
C ALA E 253 21.12 15.95 8.59
N LYS E 254 20.74 16.51 7.43
CA LYS E 254 21.59 16.51 6.24
C LYS E 254 22.86 17.29 6.47
N LEU E 255 22.76 18.42 7.13
CA LEU E 255 23.97 19.18 7.26
C LEU E 255 24.86 18.50 8.27
N ARG E 256 24.30 17.67 9.13
CA ARG E 256 25.10 16.98 10.13
C ARG E 256 25.75 15.78 9.47
N THR E 257 24.97 15.04 8.67
CA THR E 257 25.55 13.98 7.89
C THR E 257 26.75 14.46 7.09
N ALA E 258 26.56 15.56 6.38
CA ALA E 258 27.58 16.09 5.51
C ALA E 258 28.81 16.52 6.28
N GLU E 259 28.65 17.00 7.51
CA GLU E 259 29.82 17.44 8.25
C GLU E 259 30.66 16.25 8.68
N ASP E 260 29.99 15.13 8.99
CA ASP E 260 30.69 13.91 9.36
C ASP E 260 31.49 13.39 8.18
N VAL E 261 30.83 13.37 7.02
CA VAL E 261 31.51 13.03 5.79
C VAL E 261 32.68 13.95 5.50
N ARG E 262 32.58 15.23 5.81
CA ARG E 262 33.72 16.08 5.48
C ARG E 262 34.85 15.88 6.49
N ALA E 263 34.52 15.42 7.68
CA ALA E 263 35.50 15.23 8.73
C ALA E 263 36.17 13.86 8.61
N GLY E 264 35.64 13.00 7.74
CA GLY E 264 36.16 11.65 7.57
C GLY E 264 35.66 10.72 8.67
N ASP E 265 34.65 11.16 9.39
CA ASP E 265 34.02 10.36 10.41
C ASP E 265 33.01 9.39 9.77
N ASP E 266 32.52 9.72 8.58
CA ASP E 266 31.65 8.76 7.93
C ASP E 266 31.79 8.92 6.43
N VAL E 267 31.01 8.13 5.73
CA VAL E 267 30.92 8.18 4.30
C VAL E 267 29.44 8.17 3.99
N HIS E 268 29.09 8.57 2.78
CA HIS E 268 27.71 8.61 2.39
C HIS E 268 27.72 8.28 0.91
N PRO E 269 26.83 7.42 0.48
CA PRO E 269 26.84 6.93 -0.88
C PRO E 269 26.57 7.94 -1.99
N GLU E 270 25.93 9.06 -1.65
CA GLU E 270 25.53 10.04 -2.64
C GLU E 270 26.00 11.39 -2.16
N SER E 271 26.13 12.35 -3.06
CA SER E 271 26.45 13.70 -2.61
C SER E 271 25.25 14.28 -1.87
N ILE E 272 25.52 15.27 -1.02
CA ILE E 272 24.45 15.88 -0.25
C ILE E 272 24.35 17.32 -0.69
N TRP E 273 23.10 17.75 -0.94
CA TRP E 273 22.82 19.09 -1.44
C TRP E 273 21.88 19.78 -0.48
N ILE E 274 22.18 21.02 -0.13
CA ILE E 274 21.29 21.78 0.73
C ILE E 274 21.22 23.17 0.16
N SER E 275 20.02 23.54 -0.31
CA SER E 275 19.79 24.84 -0.90
C SER E 275 20.65 24.98 -2.15
N SER E 276 20.76 23.87 -2.87
CA SER E 276 21.40 23.85 -4.18
C SER E 276 22.91 24.03 -4.06
N VAL E 277 23.43 24.06 -2.84
CA VAL E 277 24.87 23.97 -2.62
C VAL E 277 25.28 22.57 -2.21
N LYS E 278 26.40 22.10 -2.77
CA LYS E 278 26.90 20.77 -2.43
C LYS E 278 27.55 20.85 -1.06
N GLN E 279 27.15 19.94 -0.19
CA GLN E 279 27.64 19.93 1.17
C GLN E 279 28.72 18.88 1.32
N SER E 280 28.51 17.69 0.77
CA SER E 280 29.49 16.61 0.82
C SER E 280 29.46 15.85 -0.50
N ASP E 281 30.57 15.19 -0.86
CA ASP E 281 30.63 14.30 -2.02
C ASP E 281 30.28 12.86 -1.66
N ALA E 282 29.83 12.08 -2.64
CA ALA E 282 29.64 10.65 -2.44
C ALA E 282 30.99 9.99 -2.15
N GLY E 283 30.92 8.84 -1.50
CA GLY E 283 32.15 8.17 -1.09
C GLY E 283 31.84 6.73 -0.77
N LEU E 284 32.85 5.87 -0.82
CA LEU E 284 32.65 4.46 -0.47
C LEU E 284 33.42 4.17 0.80
N PRO E 285 32.93 3.17 1.57
CA PRO E 285 33.55 2.74 2.80
C PRO E 285 34.94 2.36 2.38
N ARG E 286 35.96 2.97 2.97
CA ARG E 286 37.33 2.61 2.63
C ARG E 286 37.99 1.86 3.80
#